data_8JLV
#
_entry.id   8JLV
#
_cell.length_a   79.892
_cell.length_b   120.326
_cell.length_c   102.952
_cell.angle_alpha   90.000
_cell.angle_beta   97.415
_cell.angle_gamma   90.000
#
_symmetry.space_group_name_H-M   'P 1 21 1'
#
_entity_poly.entity_id   1
_entity_poly.type   'polypeptide(L)'
_entity_poly.pdbx_seq_one_letter_code
;MRTRSNITTKNGIHWYYEQEGSGPHVVLIPDGLGECKMFDKPMSLIANSGFTVTTFDMPGMSRSSEAPPETYQEITAQKL
ASYVISICDELAIDKATFWGCASGGCTVLALVADYPTRVRNALAHEVPTYLMEDLKPLLEMDDEAVSAAMSSNVVVGSVG
DIEGSWQELGEEAHARLWKNYPRWARGYPGYIPQSTPVSKEDLIKAPLDWTVGASTPTARFLDNIVTATKHNIPFQTLPG
MHFPYVTHPEVFAEYVVEKTRKYL
;
_entity_poly.pdbx_strand_id   B,A,C,D,E,F
#
# COMPACT_ATOMS: atom_id res chain seq x y z
N MET A 1 30.58 7.40 3.59
CA MET A 1 31.18 6.09 3.63
C MET A 1 30.36 5.03 2.85
N ARG A 2 29.20 5.43 2.30
CA ARG A 2 28.34 4.50 1.56
C ARG A 2 28.85 4.22 0.15
N THR A 3 29.60 3.17 -0.05
CA THR A 3 30.09 2.88 -1.38
C THR A 3 29.08 2.03 -2.13
N ARG A 4 28.93 2.33 -3.41
CA ARG A 4 28.09 1.59 -4.34
C ARG A 4 28.94 1.11 -5.51
N SER A 5 28.87 -0.19 -5.80
CA SER A 5 29.67 -0.73 -6.91
C SER A 5 29.01 -2.01 -7.42
N ASN A 6 29.57 -2.57 -8.48
CA ASN A 6 29.10 -3.81 -9.07
C ASN A 6 30.27 -4.77 -9.19
N ILE A 7 29.94 -6.05 -9.31
CA ILE A 7 30.96 -7.09 -9.40
C ILE A 7 30.31 -8.37 -9.88
N THR A 8 31.05 -9.14 -10.65
CA THR A 8 30.61 -10.44 -11.11
C THR A 8 31.37 -11.59 -10.50
N THR A 9 30.63 -12.48 -9.84
CA THR A 9 31.16 -13.73 -9.36
C THR A 9 31.23 -14.78 -10.49
N LYS A 10 32.02 -15.80 -10.23
CA LYS A 10 32.27 -16.68 -11.36
C LYS A 10 31.13 -17.62 -11.71
N ASN A 11 30.08 -17.61 -10.95
CA ASN A 11 28.90 -18.34 -11.34
C ASN A 11 28.08 -17.52 -12.34
N GLY A 12 28.55 -16.34 -12.72
CA GLY A 12 27.93 -15.56 -13.78
C GLY A 12 26.97 -14.50 -13.32
N ILE A 13 26.75 -14.37 -12.01
CA ILE A 13 25.84 -13.37 -11.49
C ILE A 13 26.58 -12.05 -11.43
N HIS A 14 26.06 -11.06 -12.16
CA HIS A 14 26.59 -9.70 -12.10
C HIS A 14 25.84 -8.91 -11.05
N TRP A 15 26.39 -8.92 -9.83
CA TRP A 15 25.78 -8.28 -8.70
C TRP A 15 25.84 -6.74 -8.80
N TYR A 16 24.91 -6.10 -8.12
CA TYR A 16 25.02 -4.73 -7.67
C TYR A 16 25.04 -4.76 -6.15
N TYR A 17 26.05 -4.17 -5.56
CA TYR A 17 26.19 -4.21 -4.11
C TYR A 17 26.47 -2.82 -3.56
N GLU A 18 26.21 -2.67 -2.27
CA GLU A 18 26.47 -1.44 -1.52
C GLU A 18 27.14 -1.80 -0.21
N GLN A 19 28.02 -0.93 0.26
CA GLN A 19 28.65 -1.10 1.56
C GLN A 19 28.76 0.25 2.25
N GLU A 20 28.78 0.21 3.59
CA GLU A 20 28.97 1.41 4.39
C GLU A 20 29.48 1.01 5.76
N GLY A 21 30.41 1.79 6.30
CA GLY A 21 30.90 1.63 7.65
C GLY A 21 32.23 0.89 7.71
N SER A 22 32.72 0.78 8.94
CA SER A 22 33.94 0.05 9.23
C SER A 22 33.76 -0.65 10.57
N GLY A 23 34.27 -1.87 10.65
CA GLY A 23 34.04 -2.72 11.80
C GLY A 23 33.78 -4.13 11.30
N PRO A 24 33.21 -4.97 12.15
CA PRO A 24 32.83 -6.32 11.73
C PRO A 24 31.75 -6.28 10.65
N HIS A 25 31.71 -7.35 9.86
CA HIS A 25 30.82 -7.41 8.71
C HIS A 25 29.42 -7.78 9.14
N VAL A 26 28.44 -7.04 8.64
CA VAL A 26 27.03 -7.37 8.82
C VAL A 26 26.41 -7.36 7.42
N VAL A 27 25.99 -8.51 6.93
CA VAL A 27 25.40 -8.62 5.61
C VAL A 27 23.89 -8.65 5.71
N LEU A 28 23.23 -7.81 4.89
CA LEU A 28 21.77 -7.76 4.84
C LEU A 28 21.29 -8.37 3.54
N ILE A 29 20.83 -9.62 3.62
CA ILE A 29 20.33 -10.34 2.45
C ILE A 29 18.88 -9.93 2.21
N PRO A 30 18.52 -9.49 1.03
CA PRO A 30 17.12 -9.12 0.78
C PRO A 30 16.18 -10.32 0.81
N ASP A 31 14.89 -10.02 0.68
CA ASP A 31 13.85 -11.03 0.59
C ASP A 31 13.74 -11.58 -0.83
N GLY A 32 12.58 -12.15 -1.17
CA GLY A 32 12.40 -12.71 -2.49
C GLY A 32 12.57 -11.70 -3.61
N LEU A 33 12.07 -10.48 -3.41
CA LEU A 33 12.13 -9.47 -4.46
C LEU A 33 13.55 -9.00 -4.73
N GLY A 34 14.49 -9.22 -3.81
CA GLY A 34 15.89 -8.96 -4.09
C GLY A 34 16.25 -7.52 -4.39
N GLU A 35 15.60 -6.57 -3.72
CA GLU A 35 15.82 -5.14 -3.91
C GLU A 35 16.45 -4.56 -2.65
N CYS A 36 17.71 -4.14 -2.74
CA CYS A 36 18.42 -3.67 -1.55
C CYS A 36 18.21 -2.18 -1.26
N LYS A 37 17.37 -1.50 -2.03
CA LYS A 37 16.89 -0.18 -1.62
C LYS A 37 16.14 -0.25 -0.30
N MET A 38 15.52 -1.41 -0.03
CA MET A 38 14.80 -1.61 1.23
C MET A 38 15.71 -1.57 2.44
N PHE A 39 17.03 -1.54 2.25
CA PHE A 39 17.96 -1.45 3.36
C PHE A 39 18.61 -0.08 3.45
N ASP A 40 18.28 0.85 2.54
CA ASP A 40 18.99 2.13 2.47
C ASP A 40 18.97 2.83 3.82
N LYS A 41 17.78 3.04 4.41
CA LYS A 41 17.74 3.74 5.69
C LYS A 41 18.40 2.96 6.82
N PRO A 42 18.00 1.73 7.14
CA PRO A 42 18.60 1.07 8.32
C PRO A 42 20.09 0.75 8.15
N MET A 43 20.58 0.61 6.92
CA MET A 43 21.99 0.26 6.75
C MET A 43 22.91 1.33 7.34
N SER A 44 22.57 2.61 7.16
CA SER A 44 23.38 3.66 7.76
C SER A 44 23.34 3.60 9.27
N LEU A 45 22.17 3.26 9.82
CA LEU A 45 22.06 3.22 11.27
C LEU A 45 22.82 2.03 11.85
N ILE A 46 22.78 0.90 11.16
CA ILE A 46 23.56 -0.26 11.58
C ILE A 46 25.05 0.02 11.47
N ALA A 47 25.46 0.70 10.39
CA ALA A 47 26.87 1.07 10.23
C ALA A 47 27.33 2.04 11.31
N ASN A 48 26.46 2.97 11.74
CA ASN A 48 26.82 3.94 12.77
C ASN A 48 27.09 3.31 14.12
N SER A 49 26.80 2.04 14.29
CA SER A 49 27.13 1.33 15.50
C SER A 49 28.49 0.64 15.40
N GLY A 50 29.22 0.87 14.32
CA GLY A 50 30.58 0.39 14.19
C GLY A 50 30.69 -0.92 13.42
N PHE A 51 30.03 -1.01 12.27
CA PHE A 51 30.04 -2.24 11.49
C PHE A 51 30.15 -1.90 10.01
N THR A 52 30.82 -2.79 9.27
CA THR A 52 30.82 -2.78 7.82
C THR A 52 29.58 -3.53 7.34
N VAL A 53 28.62 -2.80 6.78
CA VAL A 53 27.37 -3.37 6.30
C VAL A 53 27.46 -3.58 4.79
N THR A 54 27.14 -4.79 4.34
CA THR A 54 27.16 -5.12 2.93
C THR A 54 25.76 -5.55 2.53
N THR A 55 25.26 -5.02 1.43
CA THR A 55 23.98 -5.45 0.89
C THR A 55 24.10 -5.43 -0.63
N PHE A 56 23.11 -5.99 -1.30
CA PHE A 56 23.21 -6.17 -2.75
C PHE A 56 21.83 -6.57 -3.27
N ASP A 57 21.64 -6.38 -4.58
CA ASP A 57 20.44 -6.92 -5.21
C ASP A 57 20.67 -8.40 -5.52
N MET A 58 19.59 -9.18 -5.44
CA MET A 58 19.71 -10.63 -5.58
C MET A 58 19.75 -11.05 -7.04
N PRO A 59 20.33 -12.22 -7.33
CA PRO A 59 20.52 -12.64 -8.72
C PRO A 59 19.23 -12.57 -9.53
N GLY A 60 19.30 -11.92 -10.68
CA GLY A 60 18.16 -11.79 -11.56
C GLY A 60 17.20 -10.68 -11.18
N MET A 61 17.41 -10.03 -10.04
CA MET A 61 16.50 -9.01 -9.52
C MET A 61 17.17 -7.65 -9.52
N SER A 62 16.40 -6.63 -9.89
CA SER A 62 16.81 -5.21 -9.80
C SER A 62 18.13 -5.04 -10.53
N ARG A 63 19.13 -4.41 -9.93
CA ARG A 63 20.38 -4.10 -10.60
C ARG A 63 21.32 -5.31 -10.65
N SER A 64 20.88 -6.45 -10.13
CA SER A 64 21.55 -7.73 -10.32
C SER A 64 20.79 -8.59 -11.32
N SER A 65 20.08 -7.95 -12.25
CA SER A 65 19.21 -8.69 -13.14
C SER A 65 19.99 -9.41 -14.23
N GLU A 66 21.26 -9.04 -14.41
CA GLU A 66 22.13 -9.65 -15.41
C GLU A 66 22.71 -10.91 -14.79
N ALA A 67 21.94 -11.98 -14.87
CA ALA A 67 22.33 -13.25 -14.26
C ALA A 67 21.70 -14.38 -15.05
N PRO A 68 22.30 -15.58 -15.00
CA PRO A 68 21.73 -16.71 -15.73
C PRO A 68 20.40 -17.16 -15.13
N PRO A 69 19.53 -17.76 -15.94
CA PRO A 69 18.18 -18.14 -15.46
C PRO A 69 18.14 -19.01 -14.20
N GLU A 70 18.95 -20.06 -14.16
CA GLU A 70 19.04 -20.97 -13.01
C GLU A 70 19.20 -20.24 -11.69
N THR A 71 19.72 -19.02 -11.71
CA THR A 71 19.93 -18.26 -10.49
C THR A 71 18.67 -17.51 -10.06
N TYR A 72 17.63 -17.54 -10.90
CA TYR A 72 16.34 -17.00 -10.53
C TYR A 72 15.20 -17.92 -10.96
N GLN A 73 15.49 -19.21 -11.16
CA GLN A 73 14.50 -20.22 -11.49
C GLN A 73 14.74 -21.47 -10.64
N GLU A 74 13.64 -22.10 -10.23
CA GLU A 74 13.66 -23.26 -9.35
C GLU A 74 14.65 -23.06 -8.21
N ILE A 75 14.38 -22.04 -7.40
CA ILE A 75 15.33 -21.56 -6.41
C ILE A 75 15.21 -22.35 -5.12
N THR A 76 16.35 -22.85 -4.64
CA THR A 76 16.45 -23.49 -3.33
C THR A 76 17.27 -22.63 -2.39
N ALA A 77 17.11 -22.89 -1.08
CA ALA A 77 17.91 -22.18 -0.09
C ALA A 77 19.40 -22.45 -0.28
N GLN A 78 19.74 -23.60 -0.84
CA GLN A 78 21.15 -23.90 -1.09
C GLN A 78 21.69 -23.17 -2.31
N LYS A 79 20.85 -22.94 -3.32
CA LYS A 79 21.29 -22.11 -4.44
C LYS A 79 21.58 -20.69 -3.97
N LEU A 80 20.68 -20.12 -3.16
CA LEU A 80 20.87 -18.75 -2.72
C LEU A 80 22.10 -18.61 -1.83
N ALA A 81 22.29 -19.54 -0.88
CA ALA A 81 23.48 -19.48 -0.03
C ALA A 81 24.75 -19.58 -0.85
N SER A 82 24.75 -20.44 -1.87
CA SER A 82 25.88 -20.52 -2.79
C SER A 82 26.16 -19.15 -3.42
N TYR A 83 25.10 -18.45 -3.84
CA TYR A 83 25.28 -17.14 -4.48
C TYR A 83 25.74 -16.09 -3.48
N VAL A 84 25.22 -16.14 -2.25
CA VAL A 84 25.65 -15.18 -1.23
C VAL A 84 27.09 -15.42 -0.81
N ILE A 85 27.51 -16.68 -0.74
CA ILE A 85 28.92 -16.92 -0.37
C ILE A 85 29.85 -16.42 -1.47
N SER A 86 29.44 -16.57 -2.73
CA SER A 86 30.29 -16.15 -3.85
C SER A 86 30.61 -14.65 -3.79
N ILE A 87 29.61 -13.80 -3.56
CA ILE A 87 29.91 -12.37 -3.44
C ILE A 87 30.64 -12.08 -2.13
N CYS A 88 30.39 -12.86 -1.09
CA CYS A 88 31.11 -12.69 0.17
C CYS A 88 32.60 -12.97 -0.01
N ASP A 89 32.93 -13.95 -0.86
CA ASP A 89 34.32 -14.23 -1.17
C ASP A 89 34.96 -13.07 -1.90
N GLU A 90 34.27 -12.55 -2.90
CA GLU A 90 34.79 -11.48 -3.74
C GLU A 90 35.01 -10.19 -2.98
N LEU A 91 34.37 -10.04 -1.82
CA LEU A 91 34.51 -8.82 -1.05
C LEU A 91 35.36 -9.02 0.20
N ALA A 92 36.09 -10.14 0.25
CA ALA A 92 36.98 -10.46 1.36
C ALA A 92 36.21 -10.49 2.67
N ILE A 93 34.93 -10.84 2.60
CA ILE A 93 34.10 -10.96 3.79
C ILE A 93 34.37 -12.34 4.35
N ASP A 94 35.25 -12.39 5.35
CA ASP A 94 35.71 -13.67 5.87
C ASP A 94 34.61 -14.33 6.70
N LYS A 95 34.00 -13.56 7.59
CA LYS A 95 32.94 -14.05 8.45
C LYS A 95 32.04 -12.87 8.81
N ALA A 96 30.73 -13.10 8.87
CA ALA A 96 29.81 -11.99 9.10
C ALA A 96 28.58 -12.45 9.86
N THR A 97 27.81 -11.45 10.31
CA THR A 97 26.45 -11.64 10.77
C THR A 97 25.49 -11.48 9.59
N PHE A 98 24.58 -12.44 9.42
CA PHE A 98 23.70 -12.47 8.26
C PHE A 98 22.25 -12.23 8.68
N TRP A 99 21.60 -11.27 8.03
CA TRP A 99 20.15 -11.07 8.17
C TRP A 99 19.45 -11.55 6.91
N GLY A 100 18.30 -12.18 7.07
CA GLY A 100 17.52 -12.63 5.94
C GLY A 100 16.07 -12.84 6.31
N CYS A 101 15.17 -12.21 5.56
CA CYS A 101 13.74 -12.40 5.73
C CYS A 101 13.18 -13.20 4.57
N ALA A 102 12.08 -13.92 4.83
CA ALA A 102 11.41 -14.72 3.81
C ALA A 102 12.40 -15.66 3.13
N SER A 103 12.52 -15.53 1.80
CA SER A 103 13.51 -16.34 1.09
C SER A 103 14.91 -16.08 1.61
N GLY A 104 15.19 -14.84 2.00
CA GLY A 104 16.47 -14.55 2.64
C GLY A 104 16.65 -15.26 3.95
N GLY A 105 15.55 -15.55 4.65
CA GLY A 105 15.65 -16.34 5.86
C GLY A 105 15.98 -17.79 5.60
N CYS A 106 15.44 -18.35 4.51
CA CYS A 106 15.89 -19.65 4.05
C CYS A 106 17.38 -19.65 3.77
N THR A 107 17.86 -18.57 3.15
CA THR A 107 19.28 -18.47 2.81
C THR A 107 20.18 -18.52 4.04
N VAL A 108 19.85 -17.75 5.08
CA VAL A 108 20.66 -17.78 6.30
C VAL A 108 20.67 -19.17 6.91
N LEU A 109 19.51 -19.84 6.93
CA LEU A 109 19.45 -21.19 7.49
C LEU A 109 20.31 -22.14 6.65
N ALA A 110 20.31 -21.96 5.34
CA ALA A 110 21.20 -22.74 4.47
C ALA A 110 22.65 -22.39 4.71
N LEU A 111 22.93 -21.12 5.05
CA LEU A 111 24.30 -20.73 5.40
C LEU A 111 24.73 -21.37 6.70
N VAL A 112 23.83 -21.44 7.69
CA VAL A 112 24.18 -22.13 8.92
C VAL A 112 24.31 -23.62 8.66
N ALA A 113 23.51 -24.16 7.75
CA ALA A 113 23.52 -25.59 7.53
C ALA A 113 24.76 -26.05 6.78
N ASP A 114 25.18 -25.30 5.78
CA ASP A 114 26.21 -25.76 4.87
C ASP A 114 27.47 -24.92 4.86
N TYR A 115 27.45 -23.70 5.43
CA TYR A 115 28.64 -22.86 5.53
C TYR A 115 28.77 -22.28 6.94
N PRO A 116 28.75 -23.11 7.98
CA PRO A 116 28.74 -22.53 9.34
C PRO A 116 30.01 -21.77 9.66
N THR A 117 31.16 -22.22 9.14
CA THR A 117 32.42 -21.51 9.35
C THR A 117 32.30 -20.04 8.99
N ARG A 118 31.51 -19.71 7.97
CA ARG A 118 31.42 -18.34 7.45
C ARG A 118 30.44 -17.47 8.22
N VAL A 119 29.66 -18.02 9.14
CA VAL A 119 28.63 -17.23 9.83
C VAL A 119 29.03 -17.05 11.29
N ARG A 120 29.27 -15.81 11.68
CA ARG A 120 29.44 -15.50 13.10
C ARG A 120 28.13 -15.62 13.83
N ASN A 121 27.04 -15.24 13.18
CA ASN A 121 25.71 -15.21 13.78
C ASN A 121 24.68 -14.98 12.70
N ALA A 122 23.56 -15.69 12.78
CA ALA A 122 22.48 -15.61 11.80
C ALA A 122 21.20 -15.10 12.45
N LEU A 123 20.46 -14.30 11.70
CA LEU A 123 19.16 -13.78 12.14
C LEU A 123 18.16 -13.99 11.00
N ALA A 124 17.19 -14.88 11.22
CA ALA A 124 16.15 -15.20 10.26
C ALA A 124 14.83 -14.62 10.71
N HIS A 125 14.03 -14.19 9.74
CA HIS A 125 12.75 -13.54 9.99
C HIS A 125 11.72 -14.09 9.01
N GLU A 126 10.69 -14.71 9.55
CA GLU A 126 9.55 -15.22 8.77
C GLU A 126 10.03 -16.06 7.59
N VAL A 127 10.51 -17.25 7.90
CA VAL A 127 11.03 -18.15 6.85
C VAL A 127 9.90 -19.06 6.37
N PRO A 128 9.65 -19.12 5.06
CA PRO A 128 8.59 -20.00 4.55
C PRO A 128 9.06 -21.45 4.52
N THR A 129 8.34 -22.31 5.23
CA THR A 129 8.57 -23.74 5.17
C THR A 129 7.55 -24.45 4.30
N TYR A 130 6.41 -23.81 4.01
CA TYR A 130 5.35 -24.41 3.21
C TYR A 130 4.87 -23.39 2.16
N LEU A 131 4.07 -23.86 1.21
CA LEU A 131 3.47 -23.01 0.18
C LEU A 131 2.21 -22.38 0.74
N MET A 132 2.23 -21.08 0.90
CA MET A 132 1.13 -20.35 1.52
C MET A 132 -0.04 -20.21 0.54
N GLU A 133 -1.26 -20.38 1.05
CA GLU A 133 -2.45 -20.39 0.19
C GLU A 133 -2.55 -19.17 -0.69
N ASP A 134 -2.36 -17.97 -0.12
CA ASP A 134 -2.59 -16.80 -0.96
C ASP A 134 -1.47 -16.57 -1.98
N LEU A 135 -0.47 -17.45 -2.04
CA LEU A 135 0.58 -17.40 -3.06
C LEU A 135 0.26 -18.23 -4.29
N LYS A 136 -0.56 -19.28 -4.14
CA LYS A 136 -0.83 -20.21 -5.23
C LYS A 136 -1.29 -19.56 -6.53
N PRO A 137 -2.21 -18.58 -6.55
CA PRO A 137 -2.56 -17.92 -7.83
C PRO A 137 -1.38 -17.34 -8.58
N LEU A 138 -0.39 -16.81 -7.86
CA LEU A 138 0.77 -16.19 -8.48
C LEU A 138 1.67 -17.18 -9.20
N LEU A 139 1.49 -18.47 -8.98
CA LEU A 139 2.57 -19.39 -9.31
C LEU A 139 2.93 -19.49 -10.77
N GLU A 140 1.96 -19.73 -11.65
CA GLU A 140 2.32 -20.02 -13.04
C GLU A 140 1.37 -19.24 -13.95
N MET A 141 1.45 -17.92 -13.77
CA MET A 141 0.80 -16.89 -14.56
C MET A 141 1.72 -16.50 -15.71
N ASP A 142 1.29 -16.68 -16.97
CA ASP A 142 2.26 -16.45 -18.04
C ASP A 142 2.36 -14.98 -18.45
N ASP A 143 1.28 -14.22 -18.33
CA ASP A 143 1.33 -12.79 -18.61
C ASP A 143 2.09 -12.09 -17.49
N GLU A 144 3.25 -11.53 -17.83
CA GLU A 144 4.12 -10.99 -16.80
C GLU A 144 3.56 -9.70 -16.20
N ALA A 145 2.70 -8.99 -16.92
CA ALA A 145 2.10 -7.77 -16.40
C ALA A 145 0.95 -8.09 -15.46
N VAL A 146 0.20 -9.15 -15.75
CA VAL A 146 -0.78 -9.63 -14.79
C VAL A 146 -0.08 -10.19 -13.55
N SER A 147 1.02 -10.94 -13.77
CA SER A 147 1.77 -11.50 -12.64
C SER A 147 2.30 -10.40 -11.73
N ALA A 148 2.82 -9.31 -12.31
CA ALA A 148 3.36 -8.23 -11.50
C ALA A 148 2.27 -7.61 -10.64
N ALA A 149 1.12 -7.29 -11.25
CA ALA A 149 0.01 -6.71 -10.51
C ALA A 149 -0.45 -7.65 -9.41
N MET A 150 -0.67 -8.91 -9.74
CA MET A 150 -1.20 -9.83 -8.74
C MET A 150 -0.19 -10.07 -7.63
N SER A 151 1.09 -10.20 -8.01
CA SER A 151 2.17 -10.36 -7.02
C SER A 151 2.30 -9.13 -6.14
N SER A 152 2.23 -7.93 -6.75
CA SER A 152 2.42 -6.70 -5.99
C SER A 152 1.32 -6.48 -4.96
N ASN A 153 0.13 -7.04 -5.18
CA ASN A 153 -0.97 -6.86 -4.25
C ASN A 153 -0.98 -7.94 -3.18
N VAL A 154 -0.10 -8.93 -3.30
CA VAL A 154 0.07 -9.97 -2.30
C VAL A 154 1.21 -9.52 -1.42
N VAL A 155 2.10 -8.70 -1.98
CA VAL A 155 3.25 -8.26 -1.22
C VAL A 155 2.90 -7.11 -0.30
N VAL A 156 2.03 -6.20 -0.77
CA VAL A 156 1.63 -5.08 0.08
C VAL A 156 0.68 -5.54 1.15
N GLY A 157 0.00 -6.67 0.93
CA GLY A 157 -0.71 -7.31 2.01
C GLY A 157 0.24 -7.71 3.11
N SER A 158 1.46 -8.08 2.75
CA SER A 158 2.46 -8.54 3.69
C SER A 158 3.25 -7.39 4.31
N VAL A 159 3.20 -6.19 3.71
CA VAL A 159 3.87 -5.02 4.29
C VAL A 159 2.97 -4.49 5.40
N GLY A 160 3.56 -3.99 6.47
CA GLY A 160 2.69 -3.62 7.58
C GLY A 160 2.50 -2.13 7.79
N ASP A 161 2.48 -1.38 6.68
CA ASP A 161 2.35 0.07 6.72
C ASP A 161 1.52 0.49 5.52
N ILE A 162 0.70 1.52 5.70
CA ILE A 162 -0.08 2.08 4.60
C ILE A 162 0.10 3.58 4.46
N GLU A 163 1.06 4.15 5.17
CA GLU A 163 1.50 5.57 5.15
C GLU A 163 2.89 5.91 4.62
N GLY A 164 3.24 5.46 3.43
CA GLY A 164 4.39 5.99 2.69
C GLY A 164 5.74 5.34 2.87
N SER A 165 5.93 4.49 3.88
CA SER A 165 7.25 3.89 4.01
C SER A 165 7.53 2.97 2.84
N TRP A 166 6.46 2.37 2.29
CA TRP A 166 6.59 1.59 1.08
C TRP A 166 6.77 2.51 -0.11
N GLN A 167 6.10 3.66 -0.11
CA GLN A 167 6.12 4.56 -1.26
C GLN A 167 7.46 5.27 -1.38
N GLU A 168 8.08 5.62 -0.25
CA GLU A 168 9.33 6.36 -0.31
C GLU A 168 10.52 5.46 -0.65
N LEU A 169 10.27 4.19 -0.99
CA LEU A 169 11.36 3.40 -1.51
C LEU A 169 11.85 3.98 -2.84
N GLY A 170 11.07 4.87 -3.44
CA GLY A 170 11.45 5.57 -4.64
C GLY A 170 10.68 5.07 -5.85
N GLU A 171 10.69 5.88 -6.92
CA GLU A 171 10.08 5.42 -8.15
C GLU A 171 11.04 4.55 -8.95
N GLU A 172 12.34 4.81 -8.88
CA GLU A 172 13.31 3.89 -9.48
C GLU A 172 13.22 2.50 -8.85
N ALA A 173 13.12 2.42 -7.52
CA ALA A 173 13.05 1.13 -6.87
C ALA A 173 11.77 0.39 -7.20
N HIS A 174 10.64 1.10 -7.28
CA HIS A 174 9.38 0.45 -7.60
C HIS A 174 9.32 0.05 -9.06
N ALA A 175 10.08 0.73 -9.93
CA ALA A 175 10.20 0.29 -11.32
C ALA A 175 10.99 -1.01 -11.40
N ARG A 176 12.12 -1.09 -10.70
CA ARG A 176 12.87 -2.34 -10.66
C ARG A 176 12.03 -3.45 -10.05
N LEU A 177 11.22 -3.11 -9.04
CA LEU A 177 10.37 -4.11 -8.42
C LEU A 177 9.34 -4.65 -9.40
N TRP A 178 8.81 -3.77 -10.27
CA TRP A 178 7.78 -4.21 -11.20
C TRP A 178 8.29 -5.32 -12.11
N LYS A 179 9.55 -5.23 -12.55
CA LYS A 179 10.12 -6.32 -13.33
C LYS A 179 10.42 -7.53 -12.45
N ASN A 180 10.64 -7.32 -11.15
CA ASN A 180 11.06 -8.42 -10.29
C ASN A 180 9.89 -9.36 -9.96
N TYR A 181 8.69 -8.81 -9.76
CA TYR A 181 7.56 -9.60 -9.29
C TYR A 181 7.34 -10.86 -10.10
N PRO A 182 7.23 -10.83 -11.43
CA PRO A 182 6.96 -12.08 -12.13
C PRO A 182 8.12 -13.05 -12.04
N ARG A 183 9.35 -12.54 -12.02
CA ARG A 183 10.51 -13.43 -11.96
C ARG A 183 10.60 -14.14 -10.61
N TRP A 184 10.31 -13.40 -9.52
CA TRP A 184 10.22 -14.01 -8.20
C TRP A 184 9.08 -15.02 -8.11
N ALA A 185 7.91 -14.65 -8.63
CA ALA A 185 6.74 -15.51 -8.54
C ALA A 185 7.01 -16.86 -9.20
N ARG A 186 7.75 -16.87 -10.32
CA ARG A 186 7.96 -18.09 -11.07
C ARG A 186 9.14 -18.91 -10.55
N GLY A 187 9.95 -18.35 -9.65
CA GLY A 187 11.14 -19.04 -9.21
C GLY A 187 11.19 -19.43 -7.75
N TYR A 188 10.41 -18.75 -6.89
CA TYR A 188 10.63 -18.89 -5.45
C TYR A 188 9.55 -19.71 -4.73
N PRO A 189 8.28 -19.30 -4.70
CA PRO A 189 7.34 -19.98 -3.79
C PRO A 189 7.12 -21.45 -4.12
N GLY A 190 7.24 -21.83 -5.37
CA GLY A 190 7.14 -23.24 -5.65
C GLY A 190 8.40 -24.06 -5.42
N TYR A 191 9.49 -23.43 -4.98
CA TYR A 191 10.78 -24.11 -4.91
C TYR A 191 11.58 -23.87 -3.64
N ILE A 192 11.51 -22.70 -3.02
CA ILE A 192 12.38 -22.42 -1.87
C ILE A 192 11.84 -22.99 -0.55
N PRO A 193 10.53 -22.99 -0.27
CA PRO A 193 10.11 -23.38 1.10
C PRO A 193 10.43 -24.83 1.44
N GLN A 194 10.26 -25.75 0.48
CA GLN A 194 10.56 -27.16 0.74
C GLN A 194 12.04 -27.38 1.03
N SER A 195 12.92 -26.53 0.49
CA SER A 195 14.36 -26.71 0.61
C SER A 195 14.92 -26.12 1.89
N THR A 196 14.11 -25.46 2.70
CA THR A 196 14.62 -24.75 3.87
C THR A 196 15.14 -25.74 4.89
N PRO A 197 16.43 -25.72 5.24
CA PRO A 197 16.95 -26.65 6.25
C PRO A 197 16.55 -26.24 7.65
N VAL A 198 15.36 -26.66 8.08
CA VAL A 198 14.92 -26.48 9.46
C VAL A 198 15.22 -27.72 10.29
N SER A 199 16.13 -28.55 9.81
CA SER A 199 16.50 -29.78 10.49
C SER A 199 17.18 -29.49 11.82
N LYS A 200 16.83 -30.29 12.82
CA LYS A 200 17.25 -30.13 14.21
C LYS A 200 18.76 -29.98 14.38
N GLU A 201 19.54 -30.74 13.57
CA GLU A 201 20.99 -30.86 13.41
C GLU A 201 21.54 -29.67 12.66
N ASP A 202 20.73 -29.06 11.72
CA ASP A 202 21.15 -27.94 10.89
C ASP A 202 21.03 -26.59 11.59
N LEU A 203 20.16 -26.45 12.57
CA LEU A 203 19.96 -25.17 13.22
C LEU A 203 21.00 -24.84 14.28
N ILE A 204 21.74 -25.83 14.78
CA ILE A 204 22.67 -25.56 15.87
C ILE A 204 24.12 -25.44 15.41
N LYS A 205 24.40 -25.63 14.11
CA LYS A 205 25.79 -25.54 13.70
C LYS A 205 26.37 -24.14 13.79
N ALA A 206 25.60 -23.15 14.26
CA ALA A 206 26.06 -21.78 14.37
C ALA A 206 25.01 -20.97 15.14
N PRO A 207 25.39 -19.81 15.68
CA PRO A 207 24.43 -19.00 16.44
C PRO A 207 23.32 -18.48 15.55
N LEU A 208 22.09 -18.55 16.06
CA LEU A 208 20.94 -18.14 15.26
C LEU A 208 19.88 -17.58 16.18
N ASP A 209 19.34 -16.41 15.83
CA ASP A 209 18.21 -15.82 16.51
C ASP A 209 17.10 -15.59 15.49
N TRP A 210 15.87 -15.83 15.91
CA TRP A 210 14.71 -15.94 15.03
C TRP A 210 13.64 -14.93 15.43
N THR A 211 12.95 -14.38 14.42
CA THR A 211 11.93 -13.37 14.62
C THR A 211 10.77 -13.55 13.66
N VAL A 212 9.59 -13.09 14.09
CA VAL A 212 8.41 -12.96 13.26
C VAL A 212 7.79 -11.59 13.53
N GLY A 213 7.18 -11.01 12.50
CA GLY A 213 6.53 -9.73 12.66
C GLY A 213 5.41 -9.81 13.69
N ALA A 214 5.37 -8.79 14.56
CA ALA A 214 4.42 -8.75 15.66
C ALA A 214 2.96 -8.72 15.20
N SER A 215 2.69 -8.25 13.97
CA SER A 215 1.32 -8.07 13.52
C SER A 215 0.83 -9.08 12.49
N THR A 216 1.66 -10.02 12.03
CA THR A 216 1.18 -11.02 11.09
C THR A 216 0.32 -12.06 11.81
N PRO A 217 -0.69 -12.62 11.12
CA PRO A 217 -1.54 -13.65 11.72
C PRO A 217 -0.73 -14.85 12.23
N THR A 218 -1.15 -15.37 13.40
CA THR A 218 -0.38 -16.42 14.06
C THR A 218 -0.17 -17.65 13.18
N ALA A 219 -1.17 -18.01 12.39
CA ALA A 219 -1.07 -19.26 11.65
C ALA A 219 0.01 -19.23 10.58
N ARG A 220 0.37 -18.03 10.07
CA ARG A 220 1.25 -17.94 8.88
C ARG A 220 2.60 -18.54 9.11
N PHE A 221 3.26 -18.11 10.17
CA PHE A 221 4.61 -18.53 10.50
C PHE A 221 4.62 -19.22 11.85
N LEU A 222 3.52 -19.91 12.19
CA LEU A 222 3.49 -20.67 13.43
C LEU A 222 4.59 -21.71 13.45
N ASP A 223 4.83 -22.37 12.32
CA ASP A 223 5.91 -23.36 12.24
C ASP A 223 7.24 -22.75 12.67
N ASN A 224 7.46 -21.47 12.36
CA ASN A 224 8.70 -20.80 12.78
C ASN A 224 8.85 -20.76 14.29
N ILE A 225 7.76 -20.46 15.01
CA ILE A 225 7.85 -20.37 16.46
C ILE A 225 8.08 -21.74 17.06
N VAL A 226 7.34 -22.74 16.57
CA VAL A 226 7.49 -24.11 17.08
C VAL A 226 8.89 -24.62 16.80
N THR A 227 9.36 -24.46 15.55
CA THR A 227 10.71 -24.90 15.20
C THR A 227 11.74 -24.24 16.11
N ALA A 228 11.63 -22.92 16.30
CA ALA A 228 12.60 -22.17 17.09
C ALA A 228 12.52 -22.52 18.57
N THR A 229 11.31 -22.77 19.09
CA THR A 229 11.17 -23.10 20.50
C THR A 229 11.65 -24.52 20.78
N LYS A 230 11.39 -25.44 19.86
CA LYS A 230 11.78 -26.84 20.00
C LYS A 230 13.28 -27.07 19.95
N HIS A 231 14.08 -26.06 19.57
CA HIS A 231 15.53 -26.21 19.43
C HIS A 231 16.31 -25.09 20.09
N ASN A 232 15.71 -24.44 21.10
CA ASN A 232 16.33 -23.37 21.87
C ASN A 232 16.98 -22.31 20.97
N ILE A 233 16.36 -22.06 19.83
CA ILE A 233 16.72 -20.90 19.02
C ILE A 233 16.01 -19.71 19.64
N PRO A 234 16.73 -18.66 20.05
CA PRO A 234 16.06 -17.51 20.66
C PRO A 234 15.05 -16.92 19.70
N PHE A 235 13.84 -16.68 20.20
CA PHE A 235 12.78 -16.18 19.34
C PHE A 235 12.15 -14.92 19.94
N GLN A 236 11.67 -14.05 19.06
CA GLN A 236 11.24 -12.71 19.43
C GLN A 236 10.44 -12.12 18.28
N THR A 237 9.57 -11.16 18.59
CA THR A 237 8.82 -10.43 17.58
C THR A 237 9.41 -9.05 17.37
N LEU A 238 9.46 -8.63 16.11
CA LEU A 238 9.75 -7.26 15.74
C LEU A 238 8.47 -6.57 15.32
N PRO A 239 8.43 -5.23 15.38
CA PRO A 239 7.25 -4.50 14.92
C PRO A 239 7.00 -4.75 13.44
N GLY A 240 5.78 -4.44 13.03
CA GLY A 240 5.44 -4.61 11.63
C GLY A 240 5.22 -6.06 11.28
N MET A 241 5.34 -6.35 9.99
CA MET A 241 5.19 -7.71 9.54
C MET A 241 6.36 -8.24 8.73
N HIS A 242 6.23 -8.25 7.41
CA HIS A 242 7.17 -8.98 6.56
C HIS A 242 8.39 -8.15 6.21
N PHE A 243 8.29 -6.83 6.23
CA PHE A 243 9.38 -5.93 5.87
C PHE A 243 9.66 -4.98 7.02
N PRO A 244 10.17 -5.48 8.16
CA PRO A 244 10.45 -4.59 9.28
C PRO A 244 11.55 -3.58 8.99
N TYR A 245 12.45 -3.86 8.05
CA TYR A 245 13.47 -2.87 7.70
C TYR A 245 12.90 -1.75 6.86
N VAL A 246 11.70 -1.93 6.32
CA VAL A 246 11.05 -0.88 5.54
C VAL A 246 10.10 -0.08 6.41
N THR A 247 9.34 -0.77 7.25
CA THR A 247 8.30 -0.14 8.05
C THR A 247 8.82 0.39 9.37
N HIS A 248 9.86 -0.23 9.93
CA HIS A 248 10.42 0.14 11.23
C HIS A 248 11.94 0.09 11.17
N PRO A 249 12.55 1.01 10.40
CA PRO A 249 14.00 0.89 10.19
C PRO A 249 14.81 1.08 11.46
N GLU A 250 14.39 1.97 12.35
CA GLU A 250 15.22 2.24 13.52
C GLU A 250 15.17 1.06 14.49
N VAL A 251 13.97 0.56 14.79
CA VAL A 251 13.88 -0.57 15.71
C VAL A 251 14.58 -1.78 15.11
N PHE A 252 14.47 -1.93 13.79
CA PHE A 252 15.18 -3.01 13.10
C PHE A 252 16.69 -2.88 13.26
N ALA A 253 17.21 -1.66 13.10
CA ALA A 253 18.65 -1.46 13.27
C ALA A 253 19.08 -1.81 14.68
N GLU A 254 18.34 -1.34 15.70
CA GLU A 254 18.69 -1.68 17.07
C GLU A 254 18.72 -3.18 17.29
N TYR A 255 17.73 -3.91 16.75
CA TYR A 255 17.73 -5.37 16.87
C TYR A 255 18.98 -5.97 16.23
N VAL A 256 19.29 -5.55 15.00
CA VAL A 256 20.42 -6.14 14.28
C VAL A 256 21.74 -5.88 15.03
N VAL A 257 21.97 -4.63 15.47
CA VAL A 257 23.22 -4.34 16.16
C VAL A 257 23.23 -4.99 17.54
N GLU A 258 22.07 -5.07 18.20
CA GLU A 258 22.02 -5.80 19.47
C GLU A 258 22.46 -7.26 19.30
N LYS A 259 21.88 -7.96 18.32
CA LYS A 259 22.19 -9.38 18.20
C LYS A 259 23.61 -9.64 17.71
N THR A 260 24.16 -8.76 16.86
CA THR A 260 25.56 -8.91 16.48
C THR A 260 26.55 -8.59 17.59
N ARG A 261 26.35 -7.50 18.34
CA ARG A 261 27.36 -7.25 19.34
C ARG A 261 27.33 -8.33 20.42
N LYS A 262 26.18 -9.00 20.60
CA LYS A 262 26.05 -10.03 21.62
C LYS A 262 26.97 -11.21 21.36
N TYR A 263 27.42 -11.40 20.13
CA TYR A 263 28.35 -12.47 19.80
C TYR A 263 29.74 -11.95 19.47
N LEU A 264 30.00 -10.67 19.73
CA LEU A 264 31.32 -10.12 19.50
C LEU A 264 32.10 -10.14 20.79
N MET B 1 -0.27 5.25 -42.15
CA MET B 1 -0.07 6.74 -42.17
C MET B 1 -0.61 7.23 -40.87
N ARG B 2 -0.28 6.63 -39.71
CA ARG B 2 -0.85 6.96 -38.38
C ARG B 2 -0.23 8.22 -37.78
N THR B 3 -1.03 9.23 -37.48
CA THR B 3 -0.50 10.48 -36.95
C THR B 3 -0.43 10.43 -35.43
N ARG B 4 0.73 10.78 -34.87
CA ARG B 4 0.84 10.90 -33.42
C ARG B 4 1.35 12.30 -33.10
N SER B 5 0.57 13.08 -32.36
CA SER B 5 0.93 14.46 -32.09
C SER B 5 0.25 14.90 -30.82
N ASN B 6 0.55 16.15 -30.41
CA ASN B 6 -0.01 16.72 -29.21
C ASN B 6 -0.70 18.02 -29.57
N ILE B 7 -1.57 18.47 -28.67
CA ILE B 7 -2.34 19.69 -28.85
C ILE B 7 -2.90 20.09 -27.51
N THR B 8 -2.93 21.39 -27.27
CA THR B 8 -3.45 21.94 -26.02
C THR B 8 -4.79 22.59 -26.24
N THR B 9 -5.79 22.04 -25.56
CA THR B 9 -7.05 22.72 -25.57
C THR B 9 -6.99 23.85 -24.57
N LYS B 10 -7.92 24.75 -24.75
CA LYS B 10 -8.02 26.03 -24.09
C LYS B 10 -8.50 25.85 -22.63
N ASN B 11 -8.93 24.63 -22.26
CA ASN B 11 -9.22 24.27 -20.87
C ASN B 11 -7.98 23.82 -20.13
N GLY B 12 -6.83 23.84 -20.80
CA GLY B 12 -5.54 23.58 -20.21
C GLY B 12 -4.97 22.19 -20.39
N ILE B 13 -5.70 21.28 -21.04
CA ILE B 13 -5.25 19.89 -21.19
C ILE B 13 -4.29 19.81 -22.37
N HIS B 14 -3.07 19.35 -22.09
CA HIS B 14 -2.08 19.16 -23.15
C HIS B 14 -2.22 17.72 -23.60
N TRP B 15 -3.13 17.50 -24.56
CA TRP B 15 -3.44 16.14 -24.97
C TRP B 15 -2.28 15.52 -25.75
N TYR B 16 -2.23 14.20 -25.72
CA TYR B 16 -1.52 13.42 -26.73
C TYR B 16 -2.58 12.60 -27.45
N TYR B 17 -2.65 12.75 -28.78
CA TYR B 17 -3.66 12.07 -29.58
C TYR B 17 -3.04 11.38 -30.78
N GLU B 18 -3.78 10.41 -31.33
CA GLU B 18 -3.38 9.68 -32.51
C GLU B 18 -4.57 9.58 -33.47
N GLN B 19 -4.31 9.64 -34.77
CA GLN B 19 -5.33 9.35 -35.77
C GLN B 19 -4.73 8.57 -36.92
N GLU B 20 -5.59 7.84 -37.61
CA GLU B 20 -5.16 7.08 -38.77
C GLU B 20 -6.35 6.87 -39.68
N GLY B 21 -6.14 7.05 -40.99
CA GLY B 21 -7.19 6.77 -41.94
C GLY B 21 -7.99 7.99 -42.35
N SER B 22 -8.92 7.73 -43.27
CA SER B 22 -9.81 8.73 -43.84
C SER B 22 -11.22 8.18 -43.91
N GLY B 23 -12.20 9.05 -43.68
CA GLY B 23 -13.58 8.65 -43.69
C GLY B 23 -14.37 9.26 -42.56
N PRO B 24 -15.55 8.72 -42.28
CA PRO B 24 -16.33 9.17 -41.13
C PRO B 24 -15.53 8.98 -39.85
N HIS B 25 -15.81 9.83 -38.88
CA HIS B 25 -15.01 9.85 -37.67
C HIS B 25 -15.46 8.79 -36.69
N VAL B 26 -14.49 8.11 -36.09
CA VAL B 26 -14.70 7.16 -35.00
C VAL B 26 -13.75 7.57 -33.89
N VAL B 27 -14.27 8.05 -32.78
CA VAL B 27 -13.44 8.42 -31.63
C VAL B 27 -13.48 7.26 -30.64
N LEU B 28 -12.30 6.84 -30.19
CA LEU B 28 -12.18 5.77 -29.20
C LEU B 28 -11.76 6.42 -27.88
N ILE B 29 -12.71 6.60 -26.97
CA ILE B 29 -12.40 7.17 -25.65
C ILE B 29 -11.87 6.06 -24.75
N PRO B 30 -10.71 6.24 -24.12
CA PRO B 30 -10.20 5.20 -23.23
C PRO B 30 -11.01 4.99 -21.97
N ASP B 31 -10.64 3.97 -21.20
CA ASP B 31 -11.29 3.69 -19.93
C ASP B 31 -10.79 4.65 -18.87
N GLY B 32 -10.92 4.28 -17.59
CA GLY B 32 -10.41 5.13 -16.54
C GLY B 32 -8.91 5.34 -16.63
N LEU B 33 -8.17 4.28 -16.98
CA LEU B 33 -6.72 4.38 -17.01
C LEU B 33 -6.21 5.31 -18.09
N GLY B 34 -7.03 5.64 -19.08
CA GLY B 34 -6.72 6.71 -20.02
C GLY B 34 -5.46 6.50 -20.82
N GLU B 35 -5.17 5.26 -21.21
CA GLU B 35 -3.98 4.91 -21.98
C GLU B 35 -4.44 4.39 -23.33
N CYS B 36 -4.17 5.16 -24.38
CA CYS B 36 -4.65 4.80 -25.71
C CYS B 36 -3.72 3.86 -26.47
N LYS B 37 -2.63 3.40 -25.84
CA LYS B 37 -1.92 2.26 -26.39
C LYS B 37 -2.83 1.04 -26.47
N MET B 38 -3.83 0.97 -25.57
CA MET B 38 -4.77 -0.15 -25.60
C MET B 38 -5.59 -0.19 -26.87
N PHE B 39 -5.58 0.88 -27.67
CA PHE B 39 -6.32 0.94 -28.92
C PHE B 39 -5.43 0.77 -30.15
N ASP B 40 -4.11 0.63 -29.95
CA ASP B 40 -3.14 0.64 -31.04
C ASP B 40 -3.48 -0.38 -32.14
N LYS B 41 -3.60 -1.66 -31.78
CA LYS B 41 -3.92 -2.67 -32.78
C LYS B 41 -5.30 -2.46 -33.41
N PRO B 42 -6.40 -2.43 -32.65
CA PRO B 42 -7.72 -2.32 -33.33
C PRO B 42 -7.89 -1.03 -34.08
N MET B 43 -7.14 0.01 -33.72
CA MET B 43 -7.27 1.28 -34.41
C MET B 43 -6.89 1.15 -35.89
N SER B 44 -5.84 0.38 -36.17
CA SER B 44 -5.44 0.17 -37.56
C SER B 44 -6.50 -0.59 -38.35
N LEU B 45 -7.12 -1.62 -37.74
CA LEU B 45 -8.10 -2.39 -38.51
C LEU B 45 -9.39 -1.62 -38.72
N ILE B 46 -9.82 -0.81 -37.75
CA ILE B 46 -11.02 0.00 -37.97
C ILE B 46 -10.79 1.00 -39.09
N ALA B 47 -9.58 1.59 -39.14
CA ALA B 47 -9.26 2.51 -40.22
C ALA B 47 -9.24 1.82 -41.57
N ASN B 48 -8.77 0.56 -41.60
CA ASN B 48 -8.68 -0.19 -42.85
C ASN B 48 -10.05 -0.47 -43.46
N SER B 49 -11.13 -0.18 -42.74
CA SER B 49 -12.47 -0.28 -43.29
C SER B 49 -12.99 1.05 -43.81
N GLY B 50 -12.16 2.09 -43.81
CA GLY B 50 -12.51 3.38 -44.39
C GLY B 50 -13.02 4.43 -43.42
N PHE B 51 -12.31 4.61 -42.30
CA PHE B 51 -12.75 5.59 -41.30
C PHE B 51 -11.56 6.32 -40.71
N THR B 52 -11.81 7.58 -40.33
CA THR B 52 -10.86 8.33 -39.53
C THR B 52 -11.09 8.00 -38.07
N VAL B 53 -10.21 7.20 -37.49
CA VAL B 53 -10.31 6.84 -36.09
C VAL B 53 -9.30 7.68 -35.31
N THR B 54 -9.78 8.35 -34.28
CA THR B 54 -8.97 9.19 -33.43
C THR B 54 -9.11 8.71 -31.99
N THR B 55 -7.99 8.68 -31.28
CA THR B 55 -7.91 8.36 -29.87
C THR B 55 -6.87 9.26 -29.20
N PHE B 56 -6.80 9.17 -27.87
CA PHE B 56 -5.97 10.06 -27.07
C PHE B 56 -5.85 9.47 -25.66
N ASP B 57 -4.82 9.88 -24.95
CA ASP B 57 -4.75 9.59 -23.52
C ASP B 57 -5.51 10.65 -22.75
N MET B 58 -6.12 10.23 -21.65
CA MET B 58 -7.06 11.10 -20.97
C MET B 58 -6.35 12.09 -20.04
N PRO B 59 -7.01 13.21 -19.71
CA PRO B 59 -6.36 14.25 -18.91
C PRO B 59 -5.77 13.71 -17.61
N GLY B 60 -4.50 14.06 -17.38
CA GLY B 60 -3.78 13.65 -16.20
C GLY B 60 -3.15 12.28 -16.28
N MET B 61 -3.42 11.52 -17.33
CA MET B 61 -2.96 10.14 -17.44
C MET B 61 -1.98 10.04 -18.60
N SER B 62 -0.92 9.25 -18.40
CA SER B 62 0.03 8.91 -19.47
C SER B 62 0.55 10.20 -20.10
N ARG B 63 0.55 10.31 -21.44
CA ARG B 63 1.19 11.43 -22.11
C ARG B 63 0.32 12.69 -22.18
N SER B 64 -0.90 12.64 -21.63
CA SER B 64 -1.74 13.82 -21.45
C SER B 64 -1.75 14.29 -20.01
N SER B 65 -0.64 14.07 -19.32
CA SER B 65 -0.61 14.29 -17.88
C SER B 65 -0.54 15.75 -17.48
N GLU B 66 -0.19 16.66 -18.39
CA GLU B 66 0.01 18.02 -17.91
C GLU B 66 -1.36 18.67 -18.05
N ALA B 67 -2.17 18.57 -17.00
CA ALA B 67 -3.53 19.12 -17.07
C ALA B 67 -3.87 19.66 -15.69
N PRO B 68 -4.77 20.63 -15.58
CA PRO B 68 -5.11 21.15 -14.26
C PRO B 68 -5.74 20.08 -13.41
N PRO B 69 -5.56 20.15 -12.09
CA PRO B 69 -6.04 19.06 -11.22
C PRO B 69 -7.51 18.71 -11.39
N GLU B 70 -8.38 19.71 -11.44
CA GLU B 70 -9.82 19.50 -11.64
C GLU B 70 -10.14 18.61 -12.83
N THR B 71 -9.23 18.44 -13.80
CA THR B 71 -9.51 17.54 -14.92
C THR B 71 -9.18 16.08 -14.63
N TYR B 72 -8.55 15.78 -13.47
CA TYR B 72 -8.35 14.38 -13.08
C TYR B 72 -8.68 14.12 -11.61
N GLN B 73 -9.50 14.96 -10.98
CA GLN B 73 -9.94 14.76 -9.62
C GLN B 73 -11.45 14.99 -9.53
N GLU B 74 -12.13 14.17 -8.74
CA GLU B 74 -13.59 14.21 -8.59
C GLU B 74 -14.27 14.31 -9.97
N ILE B 75 -14.14 13.22 -10.73
CA ILE B 75 -14.52 13.23 -12.14
C ILE B 75 -16.01 12.96 -12.27
N THR B 76 -16.67 13.76 -13.11
CA THR B 76 -18.04 13.51 -13.51
C THR B 76 -18.04 12.98 -14.95
N ALA B 77 -19.14 12.36 -15.32
CA ALA B 77 -19.33 11.99 -16.71
C ALA B 77 -19.41 13.22 -17.60
N GLN B 78 -19.85 14.36 -17.05
CA GLN B 78 -20.00 15.59 -17.83
C GLN B 78 -18.67 16.31 -18.06
N LYS B 79 -17.76 16.23 -17.10
CA LYS B 79 -16.43 16.79 -17.33
C LYS B 79 -15.71 16.04 -18.44
N LEU B 80 -15.77 14.70 -18.43
CA LEU B 80 -15.10 13.95 -19.49
C LEU B 80 -15.75 14.24 -20.84
N ALA B 81 -17.07 14.30 -20.89
CA ALA B 81 -17.74 14.70 -22.13
C ALA B 81 -17.31 16.11 -22.51
N SER B 82 -17.20 17.00 -21.53
CA SER B 82 -16.67 18.34 -21.80
C SER B 82 -15.28 18.25 -22.44
N TYR B 83 -14.41 17.40 -21.89
CA TYR B 83 -13.04 17.31 -22.41
C TYR B 83 -12.99 16.65 -23.78
N VAL B 84 -13.77 15.59 -23.98
CA VAL B 84 -13.70 14.92 -25.28
C VAL B 84 -14.22 15.81 -26.37
N ILE B 85 -15.23 16.64 -26.07
CA ILE B 85 -15.71 17.59 -27.06
C ILE B 85 -14.64 18.65 -27.34
N SER B 86 -13.87 19.04 -26.31
CA SER B 86 -12.88 20.10 -26.50
C SER B 86 -11.83 19.72 -27.54
N ILE B 87 -11.26 18.51 -27.42
CA ILE B 87 -10.28 18.07 -28.42
C ILE B 87 -10.96 17.76 -29.75
N CYS B 88 -12.22 17.31 -29.71
CA CYS B 88 -12.97 17.09 -30.94
C CYS B 88 -13.13 18.41 -31.70
N ASP B 89 -13.33 19.51 -30.97
CA ASP B 89 -13.39 20.82 -31.62
C ASP B 89 -12.05 21.17 -32.23
N GLU B 90 -10.96 21.00 -31.48
CA GLU B 90 -9.65 21.35 -32.00
C GLU B 90 -9.22 20.45 -33.15
N LEU B 91 -9.85 19.28 -33.30
CA LEU B 91 -9.48 18.38 -34.39
C LEU B 91 -10.55 18.36 -35.48
N ALA B 92 -11.44 19.35 -35.50
CA ALA B 92 -12.41 19.56 -36.58
C ALA B 92 -13.29 18.34 -36.81
N ILE B 93 -13.54 17.58 -35.73
CA ILE B 93 -14.42 16.42 -35.77
C ILE B 93 -15.83 16.94 -35.53
N ASP B 94 -16.62 17.04 -36.60
CA ASP B 94 -17.95 17.62 -36.49
C ASP B 94 -18.91 16.65 -35.81
N LYS B 95 -18.89 15.39 -36.22
CA LYS B 95 -19.77 14.37 -35.67
C LYS B 95 -19.04 13.04 -35.81
N ALA B 96 -19.18 12.17 -34.82
CA ALA B 96 -18.46 10.91 -34.84
C ALA B 96 -19.29 9.84 -34.15
N THR B 97 -18.85 8.59 -34.31
CA THR B 97 -19.25 7.53 -33.41
C THR B 97 -18.20 7.42 -32.34
N PHE B 98 -18.65 7.37 -31.09
CA PHE B 98 -17.77 7.36 -29.93
C PHE B 98 -17.84 5.99 -29.27
N TRP B 99 -16.69 5.40 -29.00
CA TRP B 99 -16.59 4.18 -28.22
C TRP B 99 -16.13 4.55 -26.82
N GLY B 100 -16.70 3.89 -25.82
CA GLY B 100 -16.30 4.11 -24.45
C GLY B 100 -16.64 2.96 -23.52
N CYS B 101 -15.65 2.49 -22.77
CA CYS B 101 -15.82 1.50 -21.73
C CYS B 101 -15.64 2.14 -20.36
N ALA B 102 -16.31 1.58 -19.35
CA ALA B 102 -16.22 2.07 -17.98
C ALA B 102 -16.51 3.55 -17.93
N SER B 103 -15.56 4.32 -17.39
CA SER B 103 -15.71 5.77 -17.36
C SER B 103 -15.86 6.34 -18.76
N GLY B 104 -15.18 5.76 -19.74
CA GLY B 104 -15.41 6.17 -21.11
C GLY B 104 -16.83 5.89 -21.59
N GLY B 105 -17.47 4.85 -21.06
CA GLY B 105 -18.86 4.61 -21.39
C GLY B 105 -19.79 5.64 -20.78
N CYS B 106 -19.50 6.05 -19.54
CA CYS B 106 -20.21 7.18 -18.96
C CYS B 106 -20.03 8.42 -19.84
N THR B 107 -18.80 8.66 -20.31
CA THR B 107 -18.56 9.78 -21.21
C THR B 107 -19.43 9.67 -22.45
N VAL B 108 -19.51 8.47 -23.02
CA VAL B 108 -20.37 8.24 -24.18
C VAL B 108 -21.79 8.63 -23.86
N LEU B 109 -22.29 8.19 -22.70
CA LEU B 109 -23.66 8.49 -22.33
C LEU B 109 -23.85 9.98 -22.10
N ALA B 110 -22.84 10.66 -21.54
CA ALA B 110 -22.93 12.11 -21.36
C ALA B 110 -22.92 12.83 -22.70
N LEU B 111 -22.22 12.27 -23.69
CA LEU B 111 -22.25 12.83 -25.04
C LEU B 111 -23.62 12.67 -25.66
N VAL B 112 -24.27 11.52 -25.42
CA VAL B 112 -25.62 11.32 -25.94
C VAL B 112 -26.58 12.28 -25.26
N ALA B 113 -26.37 12.53 -23.97
CA ALA B 113 -27.31 13.32 -23.19
C ALA B 113 -27.18 14.82 -23.45
N ASP B 114 -25.94 15.33 -23.54
CA ASP B 114 -25.68 16.76 -23.54
C ASP B 114 -25.05 17.29 -24.83
N TYR B 115 -24.56 16.42 -25.71
CA TYR B 115 -24.03 16.83 -27.01
C TYR B 115 -24.57 15.91 -28.10
N PRO B 116 -25.90 15.77 -28.21
CA PRO B 116 -26.44 14.75 -29.15
C PRO B 116 -26.10 15.05 -30.60
N THR B 117 -26.11 16.34 -30.97
CA THR B 117 -25.75 16.76 -32.32
C THR B 117 -24.40 16.22 -32.74
N ARG B 118 -23.49 16.05 -31.79
CA ARG B 118 -22.12 15.64 -32.05
C ARG B 118 -21.98 14.12 -32.14
N VAL B 119 -23.02 13.36 -31.86
CA VAL B 119 -22.92 11.90 -31.87
C VAL B 119 -23.68 11.38 -33.08
N ARG B 120 -22.96 10.79 -34.03
CA ARG B 120 -23.64 10.05 -35.10
C ARG B 120 -24.18 8.75 -34.57
N ASN B 121 -23.45 8.12 -33.65
CA ASN B 121 -23.74 6.81 -33.13
C ASN B 121 -22.88 6.61 -31.89
N ALA B 122 -23.46 6.00 -30.86
CA ALA B 122 -22.79 5.80 -29.59
C ALA B 122 -22.63 4.32 -29.31
N LEU B 123 -21.48 3.96 -28.72
CA LEU B 123 -21.19 2.60 -28.29
C LEU B 123 -20.70 2.66 -26.86
N ALA B 124 -21.50 2.15 -25.93
CA ALA B 124 -21.15 2.09 -24.52
C ALA B 124 -20.88 0.64 -24.13
N HIS B 125 -19.89 0.45 -23.26
CA HIS B 125 -19.47 -0.89 -22.83
C HIS B 125 -19.19 -0.84 -21.34
N GLU B 126 -19.91 -1.64 -20.56
CA GLU B 126 -19.70 -1.83 -19.13
C GLU B 126 -19.60 -0.47 -18.41
N VAL B 127 -20.76 0.18 -18.33
CA VAL B 127 -20.86 1.52 -17.73
C VAL B 127 -21.08 1.34 -16.23
N PRO B 128 -20.21 1.89 -15.38
CA PRO B 128 -20.43 1.80 -13.92
C PRO B 128 -21.51 2.79 -13.52
N THR B 129 -22.58 2.27 -12.92
CA THR B 129 -23.61 3.13 -12.38
C THR B 129 -23.52 3.24 -10.87
N TYR B 130 -22.83 2.30 -10.23
CA TYR B 130 -22.75 2.24 -8.78
C TYR B 130 -21.31 2.00 -8.37
N LEU B 131 -21.00 2.16 -7.08
CA LEU B 131 -19.65 1.90 -6.61
C LEU B 131 -19.51 0.42 -6.30
N MET B 132 -18.54 -0.23 -6.93
CA MET B 132 -18.41 -1.67 -6.83
C MET B 132 -17.57 -2.03 -5.60
N GLU B 133 -17.99 -3.10 -4.92
CA GLU B 133 -17.37 -3.49 -3.65
C GLU B 133 -15.86 -3.63 -3.75
N ASP B 134 -15.37 -4.30 -4.79
CA ASP B 134 -13.93 -4.55 -4.82
C ASP B 134 -13.12 -3.31 -5.17
N LEU B 135 -13.80 -2.21 -5.51
CA LEU B 135 -13.15 -0.94 -5.77
C LEU B 135 -12.95 -0.15 -4.49
N LYS B 136 -13.83 -0.35 -3.51
CA LYS B 136 -13.80 0.41 -2.27
C LYS B 136 -12.45 0.45 -1.56
N PRO B 137 -11.70 -0.67 -1.41
CA PRO B 137 -10.36 -0.58 -0.81
C PRO B 137 -9.43 0.42 -1.48
N LEU B 138 -9.53 0.58 -2.80
CA LEU B 138 -8.64 1.45 -3.55
C LEU B 138 -8.82 2.94 -3.28
N LEU B 139 -9.94 3.36 -2.65
CA LEU B 139 -10.39 4.75 -2.73
C LEU B 139 -9.53 5.74 -1.93
N GLU B 140 -9.08 5.38 -0.73
CA GLU B 140 -8.37 6.36 0.10
C GLU B 140 -7.05 5.81 0.61
N MET B 141 -6.26 5.25 -0.30
CA MET B 141 -4.90 4.84 0.02
C MET B 141 -3.95 6.01 -0.18
N ASP B 142 -3.23 6.38 0.88
CA ASP B 142 -2.35 7.54 0.78
C ASP B 142 -1.00 7.15 0.20
N ASP B 143 -0.57 5.91 0.42
CA ASP B 143 0.65 5.42 -0.20
C ASP B 143 0.40 5.17 -1.69
N GLU B 144 1.10 5.92 -2.53
CA GLU B 144 0.86 5.80 -3.96
C GLU B 144 1.40 4.52 -4.54
N ALA B 145 2.42 3.91 -3.90
CA ALA B 145 2.96 2.65 -4.37
C ALA B 145 2.07 1.48 -4.00
N VAL B 146 1.45 1.53 -2.81
CA VAL B 146 0.47 0.52 -2.45
C VAL B 146 -0.79 0.67 -3.30
N SER B 147 -1.20 1.92 -3.54
CA SER B 147 -2.39 2.18 -4.35
C SER B 147 -2.25 1.57 -5.74
N ALA B 148 -1.08 1.73 -6.37
CA ALA B 148 -0.89 1.20 -7.71
C ALA B 148 -0.99 -0.32 -7.70
N ALA B 149 -0.33 -0.97 -6.74
CA ALA B 149 -0.38 -2.43 -6.68
C ALA B 149 -1.81 -2.92 -6.52
N MET B 150 -2.55 -2.31 -5.60
CA MET B 150 -3.92 -2.73 -5.33
C MET B 150 -4.84 -2.44 -6.51
N SER B 151 -4.68 -1.26 -7.13
CA SER B 151 -5.50 -0.93 -8.29
C SER B 151 -5.21 -1.86 -9.45
N SER B 152 -3.93 -2.13 -9.71
CA SER B 152 -3.54 -2.98 -10.83
C SER B 152 -4.03 -4.41 -10.66
N ASN B 153 -4.24 -4.87 -9.43
CA ASN B 153 -4.72 -6.23 -9.25
C ASN B 153 -6.22 -6.30 -9.48
N VAL B 154 -6.95 -5.26 -9.05
CA VAL B 154 -8.37 -5.19 -9.34
C VAL B 154 -8.61 -5.05 -10.84
N VAL B 155 -7.65 -4.44 -11.55
CA VAL B 155 -7.83 -4.17 -12.97
C VAL B 155 -7.52 -5.40 -13.83
N VAL B 156 -6.52 -6.20 -13.43
CA VAL B 156 -6.18 -7.39 -14.20
C VAL B 156 -7.17 -8.52 -13.96
N GLY B 157 -7.85 -8.52 -12.82
CA GLY B 157 -8.95 -9.44 -12.60
C GLY B 157 -10.06 -9.18 -13.59
N SER B 158 -10.25 -7.92 -13.98
CA SER B 158 -11.27 -7.52 -14.93
C SER B 158 -10.80 -7.62 -16.37
N VAL B 159 -9.50 -7.90 -16.61
CA VAL B 159 -8.98 -8.17 -17.95
C VAL B 159 -9.31 -9.61 -18.30
N GLY B 160 -9.70 -9.85 -19.55
CA GLY B 160 -10.19 -11.18 -19.86
C GLY B 160 -9.16 -12.18 -20.33
N ASP B 161 -7.99 -11.74 -20.79
CA ASP B 161 -7.01 -12.65 -21.35
C ASP B 161 -5.93 -12.98 -20.33
N ILE B 162 -5.22 -14.07 -20.55
CA ILE B 162 -4.20 -14.17 -19.55
C ILE B 162 -2.98 -14.81 -20.23
N GLU B 163 -2.99 -14.78 -21.56
CA GLU B 163 -1.92 -15.41 -22.33
C GLU B 163 -1.05 -14.39 -23.04
N GLY B 164 -1.14 -13.11 -22.66
CA GLY B 164 -0.19 -12.14 -23.12
C GLY B 164 -0.67 -10.83 -23.73
N SER B 165 -1.94 -10.71 -24.12
CA SER B 165 -2.35 -9.48 -24.79
C SER B 165 -2.23 -8.27 -23.87
N TRP B 166 -2.35 -8.48 -22.55
CA TRP B 166 -2.15 -7.39 -21.61
C TRP B 166 -0.67 -7.02 -21.52
N GLN B 167 0.21 -8.01 -21.60
CA GLN B 167 1.64 -7.75 -21.48
C GLN B 167 2.18 -7.06 -22.72
N GLU B 168 1.58 -7.31 -23.88
CA GLU B 168 2.03 -6.76 -25.15
C GLU B 168 1.68 -5.29 -25.31
N LEU B 169 1.06 -4.68 -24.31
CA LEU B 169 0.89 -3.24 -24.38
C LEU B 169 2.23 -2.52 -24.32
N GLY B 170 3.28 -3.21 -23.89
CA GLY B 170 4.60 -2.64 -23.87
C GLY B 170 5.03 -2.28 -22.45
N GLU B 171 6.33 -2.07 -22.28
CA GLU B 171 6.79 -1.65 -20.96
C GLU B 171 6.61 -0.15 -20.75
N GLU B 172 6.65 0.61 -21.84
CA GLU B 172 6.34 2.03 -21.79
C GLU B 172 4.90 2.28 -21.33
N ALA B 173 3.96 1.53 -21.92
CA ALA B 173 2.54 1.71 -21.56
C ALA B 173 2.28 1.34 -20.12
N HIS B 174 2.87 0.25 -19.65
CA HIS B 174 2.68 -0.21 -18.27
C HIS B 174 3.43 0.69 -17.28
N ALA B 175 4.52 1.33 -17.72
CA ALA B 175 5.17 2.31 -16.87
C ALA B 175 4.30 3.54 -16.68
N ARG B 176 3.69 4.02 -17.78
CA ARG B 176 2.70 5.09 -17.69
C ARG B 176 1.50 4.67 -16.87
N LEU B 177 1.08 3.39 -16.98
CA LEU B 177 -0.06 2.91 -16.22
C LEU B 177 0.23 2.94 -14.72
N TRP B 178 1.46 2.62 -14.34
CA TRP B 178 1.82 2.59 -12.92
C TRP B 178 1.62 3.95 -12.26
N LYS B 179 1.96 5.03 -12.97
CA LYS B 179 1.66 6.36 -12.45
C LYS B 179 0.16 6.65 -12.47
N ASN B 180 -0.58 6.00 -13.38
CA ASN B 180 -1.99 6.32 -13.57
C ASN B 180 -2.85 5.72 -12.46
N TYR B 181 -2.53 4.51 -12.02
CA TYR B 181 -3.38 3.77 -11.08
C TYR B 181 -3.78 4.58 -9.85
N PRO B 182 -2.86 5.21 -9.10
CA PRO B 182 -3.31 5.93 -7.90
C PRO B 182 -4.15 7.15 -8.24
N ARG B 183 -3.82 7.86 -9.33
CA ARG B 183 -4.59 9.04 -9.72
C ARG B 183 -6.00 8.66 -10.17
N TRP B 184 -6.14 7.54 -10.90
CA TRP B 184 -7.46 7.05 -11.25
C TRP B 184 -8.27 6.68 -10.01
N ALA B 185 -7.64 6.01 -9.04
CA ALA B 185 -8.37 5.58 -7.85
C ALA B 185 -8.94 6.79 -7.09
N ARG B 186 -8.16 7.87 -6.98
CA ARG B 186 -8.61 9.02 -6.21
C ARG B 186 -9.52 9.96 -7.03
N GLY B 187 -9.60 9.75 -8.34
CA GLY B 187 -10.32 10.66 -9.20
C GLY B 187 -11.60 10.13 -9.82
N TYR B 188 -11.75 8.82 -9.96
CA TYR B 188 -12.84 8.29 -10.77
C TYR B 188 -13.89 7.47 -10.01
N PRO B 189 -13.54 6.34 -9.37
CA PRO B 189 -14.60 5.42 -8.91
C PRO B 189 -15.50 6.02 -7.85
N GLY B 190 -14.98 6.93 -7.02
CA GLY B 190 -15.83 7.56 -6.04
C GLY B 190 -16.67 8.71 -6.56
N TYR B 191 -16.58 9.03 -7.85
CA TYR B 191 -17.20 10.24 -8.33
C TYR B 191 -17.96 10.08 -9.64
N ILE B 192 -17.48 9.23 -10.54
CA ILE B 192 -18.08 9.17 -11.88
C ILE B 192 -19.35 8.31 -11.95
N PRO B 193 -19.48 7.17 -11.26
CA PRO B 193 -20.64 6.30 -11.56
C PRO B 193 -21.97 6.96 -11.26
N GLN B 194 -22.05 7.70 -10.16
CA GLN B 194 -23.31 8.35 -9.79
C GLN B 194 -23.74 9.39 -10.81
N SER B 195 -22.81 9.97 -11.56
CA SER B 195 -23.10 11.05 -12.49
C SER B 195 -23.51 10.55 -13.89
N THR B 196 -23.52 9.25 -14.12
CA THR B 196 -23.82 8.74 -15.46
C THR B 196 -25.26 8.98 -15.83
N PRO B 197 -25.54 9.69 -16.94
CA PRO B 197 -26.92 9.94 -17.36
C PRO B 197 -27.56 8.69 -17.93
N VAL B 198 -28.21 7.92 -17.06
CA VAL B 198 -28.97 6.75 -17.48
C VAL B 198 -30.46 7.07 -17.62
N SER B 199 -30.79 8.35 -17.65
CA SER B 199 -32.18 8.76 -17.75
C SER B 199 -32.77 8.36 -19.11
N LYS B 200 -33.97 7.79 -19.03
CA LYS B 200 -34.75 7.33 -20.19
C LYS B 200 -34.79 8.45 -21.20
N GLU B 201 -34.80 9.68 -20.69
CA GLU B 201 -35.03 10.87 -21.43
C GLU B 201 -33.83 11.23 -22.27
N ASP B 202 -32.65 10.83 -21.79
CA ASP B 202 -31.34 11.05 -22.39
C ASP B 202 -30.86 9.98 -23.38
N LEU B 203 -31.30 8.73 -23.21
CA LEU B 203 -30.77 7.64 -24.00
C LEU B 203 -31.32 7.63 -25.42
N ILE B 204 -32.38 8.39 -25.67
CA ILE B 204 -32.98 8.45 -26.99
C ILE B 204 -32.53 9.70 -27.76
N LYS B 205 -31.78 10.59 -27.12
CA LYS B 205 -31.37 11.82 -27.81
C LYS B 205 -30.35 11.57 -28.92
N ALA B 206 -29.93 10.32 -29.12
CA ALA B 206 -28.96 9.95 -30.15
C ALA B 206 -28.90 8.43 -30.23
N PRO B 207 -28.42 7.88 -31.36
CA PRO B 207 -28.32 6.42 -31.50
C PRO B 207 -27.29 5.82 -30.55
N LEU B 208 -27.67 4.70 -29.93
CA LEU B 208 -26.85 4.12 -28.89
C LEU B 208 -26.96 2.61 -28.93
N ASP B 209 -25.80 1.93 -28.88
CA ASP B 209 -25.75 0.48 -28.72
C ASP B 209 -24.87 0.13 -27.52
N TRP B 210 -25.31 -0.87 -26.76
CA TRP B 210 -24.78 -1.16 -25.44
C TRP B 210 -24.26 -2.60 -25.39
N THR B 211 -23.13 -2.81 -24.71
CA THR B 211 -22.48 -4.11 -24.61
C THR B 211 -21.90 -4.31 -23.22
N VAL B 212 -21.81 -5.58 -22.84
CA VAL B 212 -21.14 -6.04 -21.64
C VAL B 212 -20.24 -7.20 -22.07
N GLY B 213 -19.12 -7.35 -21.37
CA GLY B 213 -18.21 -8.44 -21.69
C GLY B 213 -18.87 -9.80 -21.49
N ALA B 214 -18.63 -10.69 -22.46
CA ALA B 214 -19.25 -12.01 -22.42
C ALA B 214 -18.83 -12.80 -21.20
N SER B 215 -17.64 -12.55 -20.68
CA SER B 215 -17.10 -13.30 -19.55
C SER B 215 -17.11 -12.51 -18.25
N THR B 216 -17.63 -11.29 -18.27
CA THR B 216 -17.74 -10.51 -17.04
C THR B 216 -18.81 -11.13 -16.16
N PRO B 217 -18.60 -11.18 -14.85
CA PRO B 217 -19.63 -11.74 -13.96
C PRO B 217 -20.95 -11.00 -14.13
N THR B 218 -22.04 -11.77 -14.20
CA THR B 218 -23.34 -11.20 -14.54
C THR B 218 -23.74 -10.09 -13.58
N ALA B 219 -23.42 -10.24 -12.29
CA ALA B 219 -23.87 -9.26 -11.32
C ALA B 219 -23.18 -7.91 -11.50
N ARG B 220 -22.01 -7.89 -12.14
CA ARG B 220 -21.22 -6.67 -12.20
C ARG B 220 -21.92 -5.58 -13.00
N PHE B 221 -22.37 -5.90 -14.20
CA PHE B 221 -23.02 -4.93 -15.07
C PHE B 221 -24.45 -5.36 -15.41
N LEU B 222 -25.10 -6.04 -14.46
CA LEU B 222 -26.48 -6.43 -14.63
C LEU B 222 -27.38 -5.22 -14.83
N ASP B 223 -27.13 -4.13 -14.08
CA ASP B 223 -27.91 -2.91 -14.27
C ASP B 223 -27.84 -2.43 -15.71
N ASN B 224 -26.69 -2.61 -16.36
CA ASN B 224 -26.59 -2.24 -17.77
C ASN B 224 -27.57 -3.04 -18.60
N ILE B 225 -27.69 -4.33 -18.34
CA ILE B 225 -28.55 -5.20 -19.13
C ILE B 225 -30.01 -4.79 -18.95
N VAL B 226 -30.42 -4.52 -17.71
CA VAL B 226 -31.79 -4.09 -17.44
C VAL B 226 -32.05 -2.73 -18.09
N THR B 227 -31.16 -1.76 -17.86
CA THR B 227 -31.31 -0.44 -18.46
C THR B 227 -31.41 -0.52 -19.97
N ALA B 228 -30.56 -1.32 -20.62
CA ALA B 228 -30.57 -1.38 -22.08
C ALA B 228 -31.86 -2.03 -22.60
N THR B 229 -32.39 -3.03 -21.89
CA THR B 229 -33.59 -3.68 -22.40
C THR B 229 -34.85 -2.87 -22.11
N LYS B 230 -34.92 -2.21 -20.94
CA LYS B 230 -36.13 -1.44 -20.62
C LYS B 230 -36.30 -0.22 -21.52
N HIS B 231 -35.31 0.12 -22.34
CA HIS B 231 -35.41 1.28 -23.21
C HIS B 231 -35.05 0.94 -24.66
N ASN B 232 -35.18 -0.33 -25.02
CA ASN B 232 -34.95 -0.85 -26.38
C ASN B 232 -33.67 -0.32 -27.00
N ILE B 233 -32.65 -0.09 -26.19
CA ILE B 233 -31.31 0.14 -26.71
C ILE B 233 -30.67 -1.20 -27.06
N PRO B 234 -30.19 -1.35 -28.29
CA PRO B 234 -29.61 -2.64 -28.70
C PRO B 234 -28.51 -3.09 -27.75
N PHE B 235 -28.60 -4.34 -27.32
CA PHE B 235 -27.67 -4.92 -26.36
C PHE B 235 -27.09 -6.21 -26.92
N GLN B 236 -25.86 -6.50 -26.51
CA GLN B 236 -25.06 -7.58 -27.08
C GLN B 236 -23.86 -7.82 -26.17
N THR B 237 -23.30 -9.01 -26.22
CA THR B 237 -22.06 -9.32 -25.51
C THR B 237 -20.89 -9.30 -26.48
N LEU B 238 -19.75 -8.76 -26.04
CA LEU B 238 -18.51 -8.92 -26.78
C LEU B 238 -17.59 -9.90 -26.05
N PRO B 239 -16.66 -10.53 -26.76
CA PRO B 239 -15.72 -11.44 -26.09
C PRO B 239 -14.90 -10.71 -25.05
N GLY B 240 -14.30 -11.48 -24.15
CA GLY B 240 -13.49 -10.88 -23.12
C GLY B 240 -14.34 -10.28 -22.01
N MET B 241 -13.72 -9.39 -21.25
CA MET B 241 -14.40 -8.77 -20.12
C MET B 241 -14.34 -7.25 -20.29
N HIS B 242 -13.45 -6.57 -19.58
CA HIS B 242 -13.44 -5.11 -19.49
C HIS B 242 -12.64 -4.43 -20.59
N PHE B 243 -11.65 -5.11 -21.18
CA PHE B 243 -10.78 -4.51 -22.18
C PHE B 243 -10.84 -5.34 -23.47
N PRO B 244 -11.99 -5.35 -24.15
CA PRO B 244 -12.10 -6.14 -25.38
C PRO B 244 -11.21 -5.63 -26.49
N TYR B 245 -10.82 -4.35 -26.43
CA TYR B 245 -9.96 -3.83 -27.47
C TYR B 245 -8.52 -4.28 -27.33
N VAL B 246 -8.09 -4.82 -26.19
CA VAL B 246 -6.75 -5.37 -26.08
C VAL B 246 -6.77 -6.90 -26.18
N THR B 247 -7.78 -7.56 -25.61
CA THR B 247 -7.80 -9.01 -25.56
C THR B 247 -8.37 -9.66 -26.81
N HIS B 248 -9.27 -8.96 -27.53
CA HIS B 248 -9.91 -9.51 -28.72
C HIS B 248 -9.97 -8.41 -29.77
N PRO B 249 -8.81 -7.97 -30.25
CA PRO B 249 -8.79 -6.74 -31.06
C PRO B 249 -9.53 -6.90 -32.36
N GLU B 250 -9.47 -8.08 -32.98
CA GLU B 250 -10.09 -8.25 -34.28
C GLU B 250 -11.60 -8.21 -34.16
N VAL B 251 -12.14 -8.97 -33.20
CA VAL B 251 -13.59 -8.99 -33.02
C VAL B 251 -14.08 -7.61 -32.56
N PHE B 252 -13.28 -6.93 -31.74
CA PHE B 252 -13.61 -5.56 -31.32
C PHE B 252 -13.70 -4.63 -32.53
N ALA B 253 -12.78 -4.77 -33.48
CA ALA B 253 -12.83 -3.94 -34.68
C ALA B 253 -14.09 -4.23 -35.48
N GLU B 254 -14.42 -5.52 -35.69
CA GLU B 254 -15.62 -5.85 -36.46
C GLU B 254 -16.87 -5.24 -35.83
N TYR B 255 -17.00 -5.30 -34.50
CA TYR B 255 -18.17 -4.71 -33.84
C TYR B 255 -18.27 -3.21 -34.12
N VAL B 256 -17.17 -2.47 -33.89
CA VAL B 256 -17.23 -1.02 -34.08
C VAL B 256 -17.56 -0.69 -35.52
N VAL B 257 -16.88 -1.33 -36.46
CA VAL B 257 -17.09 -0.99 -37.87
C VAL B 257 -18.48 -1.41 -38.32
N GLU B 258 -18.95 -2.57 -37.85
CA GLU B 258 -20.32 -2.97 -38.11
C GLU B 258 -21.31 -1.91 -37.65
N LYS B 259 -21.16 -1.47 -36.40
CA LYS B 259 -22.14 -0.56 -35.83
C LYS B 259 -22.04 0.84 -36.43
N THR B 260 -20.84 1.28 -36.85
CA THR B 260 -20.78 2.59 -37.47
C THR B 260 -21.46 2.58 -38.84
N ARG B 261 -21.22 1.53 -39.62
CA ARG B 261 -21.89 1.45 -40.92
C ARG B 261 -23.39 1.31 -40.76
N LYS B 262 -23.84 0.80 -39.62
CA LYS B 262 -25.27 0.63 -39.41
C LYS B 262 -26.01 1.98 -39.43
N TYR B 263 -25.32 3.08 -39.14
CA TYR B 263 -25.94 4.39 -39.08
C TYR B 263 -25.42 5.35 -40.16
N LEU B 264 -24.76 4.82 -41.18
CA LEU B 264 -24.29 5.63 -42.30
C LEU B 264 -25.30 5.58 -43.45
N MET C 1 14.42 36.99 -21.90
CA MET C 1 14.93 38.21 -21.26
C MET C 1 16.12 37.91 -20.32
N ARG C 2 17.34 38.02 -20.85
CA ARG C 2 18.53 37.71 -20.07
C ARG C 2 18.93 38.89 -19.18
N THR C 3 19.82 38.62 -18.24
CA THR C 3 20.33 39.60 -17.28
C THR C 3 21.86 39.52 -17.32
N ARG C 4 22.51 40.63 -17.63
CA ARG C 4 23.97 40.73 -17.63
C ARG C 4 24.38 41.80 -16.65
N SER C 5 25.15 41.43 -15.65
CA SER C 5 25.51 42.31 -14.55
C SER C 5 26.77 41.76 -13.88
N ASN C 6 27.24 42.47 -12.86
CA ASN C 6 28.42 42.09 -12.10
C ASN C 6 28.10 41.97 -10.61
N ILE C 7 28.99 41.30 -9.89
CA ILE C 7 28.76 41.03 -8.47
C ILE C 7 30.11 40.67 -7.85
N THR C 8 30.34 41.17 -6.64
CA THR C 8 31.61 41.02 -5.94
C THR C 8 31.47 39.99 -4.83
N THR C 9 32.28 38.94 -4.90
CA THR C 9 32.30 37.95 -3.85
C THR C 9 33.20 38.41 -2.70
N LYS C 10 32.99 37.81 -1.53
CA LYS C 10 33.81 38.18 -0.38
C LYS C 10 35.23 37.62 -0.44
N ASN C 11 35.48 36.66 -1.34
CA ASN C 11 36.85 36.21 -1.60
C ASN C 11 37.57 37.10 -2.60
N GLY C 12 36.93 38.19 -3.05
CA GLY C 12 37.56 39.17 -3.90
C GLY C 12 37.27 39.05 -5.38
N ILE C 13 36.50 38.04 -5.80
CA ILE C 13 36.25 37.82 -7.22
C ILE C 13 35.13 38.75 -7.68
N HIS C 14 35.45 39.59 -8.69
CA HIS C 14 34.48 40.48 -9.31
C HIS C 14 33.92 39.75 -10.51
N TRP C 15 32.86 38.98 -10.28
CA TRP C 15 32.29 38.15 -11.34
C TRP C 15 31.56 39.00 -12.36
N TYR C 16 31.51 38.48 -13.58
CA TYR C 16 30.53 38.86 -14.58
C TYR C 16 29.67 37.63 -14.81
N TYR C 17 28.36 37.76 -14.59
CA TYR C 17 27.45 36.64 -14.68
C TYR C 17 26.25 37.02 -15.54
N GLU C 18 25.53 35.99 -16.00
CA GLU C 18 24.31 36.17 -16.76
C GLU C 18 23.27 35.19 -16.27
N GLN C 19 22.01 35.61 -16.26
CA GLN C 19 20.91 34.68 -16.09
C GLN C 19 19.72 35.10 -16.94
N GLU C 20 18.91 34.10 -17.29
CA GLU C 20 17.73 34.28 -18.12
C GLU C 20 16.75 33.19 -17.72
N GLY C 21 15.46 33.55 -17.63
CA GLY C 21 14.40 32.61 -17.31
C GLY C 21 14.08 32.60 -15.83
N SER C 22 13.06 31.82 -15.49
CA SER C 22 12.64 31.62 -14.10
C SER C 22 12.19 30.17 -13.94
N GLY C 23 12.45 29.64 -12.75
CA GLY C 23 12.17 28.26 -12.47
C GLY C 23 13.29 27.67 -11.65
N PRO C 24 13.39 26.34 -11.63
CA PRO C 24 14.50 25.70 -10.94
C PRO C 24 15.82 26.12 -11.56
N HIS C 25 16.85 26.14 -10.72
CA HIS C 25 18.14 26.66 -11.14
C HIS C 25 18.99 25.61 -11.84
N VAL C 26 19.61 26.01 -12.93
CA VAL C 26 20.65 25.22 -13.57
C VAL C 26 21.82 26.18 -13.82
N VAL C 27 22.93 25.94 -13.13
CA VAL C 27 24.15 26.72 -13.29
C VAL C 27 25.05 25.98 -14.25
N LEU C 28 25.54 26.66 -15.26
CA LEU C 28 26.46 26.08 -16.24
C LEU C 28 27.84 26.68 -16.03
N ILE C 29 28.71 25.89 -15.42
CA ILE C 29 30.09 26.33 -15.17
C ILE C 29 30.89 26.19 -16.46
N PRO C 30 31.59 27.23 -16.87
CA PRO C 30 32.35 27.14 -18.12
C PRO C 30 33.52 26.18 -18.01
N ASP C 31 34.20 26.02 -19.15
CA ASP C 31 35.37 25.17 -19.26
C ASP C 31 36.61 25.83 -18.66
N GLY C 32 37.78 25.36 -19.05
CA GLY C 32 38.99 25.96 -18.54
C GLY C 32 39.14 27.41 -18.94
N LEU C 33 38.78 27.72 -20.19
CA LEU C 33 38.94 29.06 -20.71
C LEU C 33 38.00 30.06 -20.04
N GLY C 34 36.98 29.56 -19.34
CA GLY C 34 36.14 30.40 -18.49
C GLY C 34 35.41 31.50 -19.22
N GLU C 35 34.97 31.23 -20.45
CA GLU C 35 34.26 32.19 -21.26
C GLU C 35 32.82 31.72 -21.43
N CYS C 36 31.88 32.46 -20.83
CA CYS C 36 30.49 32.03 -20.83
C CYS C 36 29.73 32.49 -22.06
N LYS C 37 30.39 33.19 -22.99
CA LYS C 37 29.80 33.38 -24.31
C LYS C 37 29.53 32.04 -24.98
N MET C 38 30.32 31.02 -24.65
CA MET C 38 30.14 29.68 -25.18
C MET C 38 28.80 29.06 -24.78
N PHE C 39 28.10 29.66 -23.83
CA PHE C 39 26.79 29.18 -23.39
C PHE C 39 25.64 30.06 -23.88
N ASP C 40 25.93 31.14 -24.62
CA ASP C 40 24.93 32.14 -24.98
C ASP C 40 23.70 31.51 -25.61
N LYS C 41 23.94 30.74 -26.67
CA LYS C 41 22.86 30.09 -27.42
C LYS C 41 22.11 29.06 -26.60
N PRO C 42 22.75 28.02 -26.08
CA PRO C 42 22.00 26.99 -25.34
C PRO C 42 21.40 27.51 -24.07
N MET C 43 21.90 28.62 -23.55
CA MET C 43 21.31 29.19 -22.33
C MET C 43 19.88 29.63 -22.56
N SER C 44 19.60 30.29 -23.69
CA SER C 44 18.25 30.77 -23.98
C SER C 44 17.28 29.61 -24.14
N LEU C 45 17.73 28.54 -24.80
CA LEU C 45 16.82 27.43 -25.08
C LEU C 45 16.54 26.62 -23.82
N ILE C 46 17.51 26.50 -22.91
CA ILE C 46 17.24 25.86 -21.62
C ILE C 46 16.26 26.69 -20.81
N ALA C 47 16.41 28.02 -20.86
CA ALA C 47 15.47 28.88 -20.14
C ALA C 47 14.06 28.76 -20.72
N ASN C 48 13.96 28.65 -22.05
CA ASN C 48 12.66 28.55 -22.71
C ASN C 48 11.92 27.27 -22.34
N SER C 49 12.58 26.33 -21.67
CA SER C 49 11.93 25.15 -21.14
C SER C 49 11.52 25.33 -19.68
N GLY C 50 11.71 26.52 -19.12
CA GLY C 50 11.20 26.83 -17.80
C GLY C 50 12.15 26.70 -16.63
N PHE C 51 13.37 27.26 -16.75
CA PHE C 51 14.38 27.19 -15.71
C PHE C 51 15.11 28.52 -15.60
N THR C 52 15.53 28.84 -14.38
CA THR C 52 16.45 29.96 -14.16
C THR C 52 17.86 29.47 -14.44
N VAL C 53 18.43 29.92 -15.55
CA VAL C 53 19.74 29.49 -16.02
C VAL C 53 20.78 30.52 -15.63
N THR C 54 21.84 30.10 -14.96
CA THR C 54 22.89 31.00 -14.49
C THR C 54 24.22 30.59 -15.12
N THR C 55 24.97 31.57 -15.60
CA THR C 55 26.31 31.35 -16.13
C THR C 55 27.18 32.53 -15.73
N PHE C 56 28.48 32.42 -15.99
CA PHE C 56 29.41 33.45 -15.58
C PHE C 56 30.75 33.18 -16.23
N ASP C 57 31.57 34.23 -16.33
CA ASP C 57 32.96 34.02 -16.69
C ASP C 57 33.73 33.62 -15.45
N MET C 58 34.74 32.78 -15.64
CA MET C 58 35.40 32.21 -14.49
C MET C 58 36.45 33.16 -13.92
N PRO C 59 36.76 33.05 -12.63
CA PRO C 59 37.67 34.00 -11.99
C PRO C 59 38.99 34.13 -12.73
N GLY C 60 39.37 35.37 -13.00
CA GLY C 60 40.58 35.69 -13.73
C GLY C 60 40.45 35.65 -15.22
N MET C 61 39.32 35.19 -15.75
CA MET C 61 39.13 35.03 -17.18
C MET C 61 38.03 35.96 -17.70
N SER C 62 38.28 36.53 -18.88
CA SER C 62 37.31 37.33 -19.63
C SER C 62 36.82 38.47 -18.74
N ARG C 63 35.53 38.69 -18.61
CA ARG C 63 35.01 39.83 -17.87
C ARG C 63 34.98 39.59 -16.38
N SER C 64 35.41 38.41 -15.93
CA SER C 64 35.66 38.14 -14.51
C SER C 64 37.14 38.15 -14.19
N SER C 65 37.91 38.93 -14.97
CA SER C 65 39.35 38.91 -14.87
C SER C 65 39.87 39.66 -13.64
N GLU C 66 39.04 40.49 -13.00
CA GLU C 66 39.48 41.22 -11.81
C GLU C 66 39.24 40.34 -10.59
N ALA C 67 40.22 39.49 -10.31
CA ALA C 67 40.14 38.55 -9.20
C ALA C 67 41.55 38.39 -8.65
N PRO C 68 41.69 38.07 -7.37
CA PRO C 68 43.01 37.90 -6.82
C PRO C 68 43.71 36.69 -7.43
N PRO C 69 45.04 36.70 -7.49
CA PRO C 69 45.76 35.64 -8.22
C PRO C 69 45.36 34.22 -7.83
N GLU C 70 45.21 33.96 -6.54
CA GLU C 70 44.87 32.64 -6.00
C GLU C 70 43.69 31.99 -6.71
N THR C 71 42.82 32.77 -7.34
CA THR C 71 41.65 32.24 -8.03
C THR C 71 41.95 31.84 -9.47
N TYR C 72 43.16 32.10 -9.97
CA TYR C 72 43.56 31.59 -11.29
C TYR C 72 45.00 31.05 -11.32
N GLN C 73 45.57 30.69 -10.17
CA GLN C 73 46.90 30.11 -10.10
C GLN C 73 46.84 28.90 -9.17
N GLU C 74 47.58 27.84 -9.53
CA GLU C 74 47.57 26.57 -8.81
C GLU C 74 46.14 26.17 -8.46
N ILE C 75 45.37 25.91 -9.51
CA ILE C 75 43.92 25.73 -9.42
C ILE C 75 43.57 24.26 -9.12
N THR C 76 42.75 24.06 -8.11
CA THR C 76 42.15 22.76 -7.80
C THR C 76 40.65 22.79 -8.04
N ALA C 77 40.07 21.58 -8.15
CA ALA C 77 38.61 21.49 -8.26
C ALA C 77 37.90 22.02 -7.02
N GLN C 78 38.54 21.97 -5.85
CA GLN C 78 37.85 22.45 -4.65
C GLN C 78 37.89 23.96 -4.55
N LYS C 79 38.94 24.60 -5.07
CA LYS C 79 38.96 26.05 -5.16
C LYS C 79 37.85 26.54 -6.07
N LEU C 80 37.70 25.90 -7.23
CA LEU C 80 36.66 26.27 -8.16
C LEU C 80 35.29 26.01 -7.56
N ALA C 81 35.12 24.88 -6.89
CA ALA C 81 33.85 24.61 -6.24
C ALA C 81 33.54 25.67 -5.19
N SER C 82 34.54 26.07 -4.42
CA SER C 82 34.37 27.14 -3.45
C SER C 82 33.87 28.41 -4.13
N TYR C 83 34.47 28.76 -5.27
CA TYR C 83 34.13 30.00 -5.94
C TYR C 83 32.72 29.94 -6.52
N VAL C 84 32.34 28.81 -7.11
CA VAL C 84 31.00 28.72 -7.67
C VAL C 84 29.96 28.72 -6.56
N ILE C 85 30.26 28.14 -5.40
CA ILE C 85 29.32 28.21 -4.29
C ILE C 85 29.18 29.64 -3.81
N SER C 86 30.27 30.39 -3.84
CA SER C 86 30.25 31.78 -3.38
C SER C 86 29.29 32.62 -4.22
N ILE C 87 29.40 32.56 -5.55
CA ILE C 87 28.46 33.31 -6.38
C ILE C 87 27.05 32.72 -6.30
N CYS C 88 26.95 31.42 -6.07
CA CYS C 88 25.63 30.82 -5.88
C CYS C 88 24.93 31.36 -4.65
N ASP C 89 25.69 31.63 -3.58
CA ASP C 89 25.05 32.21 -2.40
C ASP C 89 24.55 33.61 -2.70
N GLU C 90 25.39 34.43 -3.34
CA GLU C 90 25.02 35.81 -3.62
C GLU C 90 23.84 35.89 -4.58
N LEU C 91 23.50 34.78 -5.24
CA LEU C 91 22.37 34.77 -6.14
C LEU C 91 21.17 34.06 -5.56
N ALA C 92 21.16 33.78 -4.25
CA ALA C 92 20.01 33.20 -3.58
C ALA C 92 19.58 31.87 -4.22
N ILE C 93 20.54 31.14 -4.79
CA ILE C 93 20.31 29.84 -5.40
C ILE C 93 20.40 28.76 -4.32
N ASP C 94 19.25 28.21 -3.92
CA ASP C 94 19.26 27.24 -2.84
C ASP C 94 19.86 25.92 -3.29
N LYS C 95 19.44 25.42 -4.46
CA LYS C 95 19.86 24.13 -5.01
C LYS C 95 19.77 24.20 -6.53
N ALA C 96 20.71 23.57 -7.24
CA ALA C 96 20.71 23.69 -8.69
C ALA C 96 21.21 22.41 -9.38
N THR C 97 21.00 22.39 -10.69
CA THR C 97 21.69 21.47 -11.60
C THR C 97 22.94 22.14 -12.13
N PHE C 98 24.08 21.45 -12.02
CA PHE C 98 25.35 22.02 -12.45
C PHE C 98 25.90 21.28 -13.66
N TRP C 99 26.25 22.03 -14.70
CA TRP C 99 26.94 21.50 -15.86
C TRP C 99 28.40 21.91 -15.80
N GLY C 100 29.29 21.01 -16.20
CA GLY C 100 30.69 21.33 -16.24
C GLY C 100 31.46 20.44 -17.20
N CYS C 101 32.21 21.06 -18.10
CA CYS C 101 33.12 20.35 -18.97
C CYS C 101 34.55 20.65 -18.58
N ALA C 102 35.45 19.69 -18.84
CA ALA C 102 36.87 19.83 -18.54
C ALA C 102 37.08 20.25 -17.09
N SER C 103 37.77 21.37 -16.87
CA SER C 103 37.95 21.88 -15.51
C SER C 103 36.62 22.13 -14.83
N GLY C 104 35.61 22.56 -15.59
CA GLY C 104 34.27 22.68 -15.03
C GLY C 104 33.69 21.35 -14.57
N GLY C 105 34.10 20.26 -15.22
CA GLY C 105 33.67 18.94 -14.77
C GLY C 105 34.32 18.53 -13.46
N CYS C 106 35.60 18.85 -13.28
CA CYS C 106 36.21 18.67 -11.98
C CYS C 106 35.47 19.46 -10.91
N THR C 107 35.11 20.71 -11.24
CA THR C 107 34.34 21.52 -10.30
C THR C 107 33.05 20.83 -9.92
N VAL C 108 32.34 20.28 -10.92
CA VAL C 108 31.09 19.59 -10.67
C VAL C 108 31.32 18.44 -9.70
N LEU C 109 32.37 17.64 -9.94
CA LEU C 109 32.66 16.51 -9.07
C LEU C 109 33.02 16.96 -7.66
N ALA C 110 33.69 18.10 -7.53
CA ALA C 110 33.96 18.65 -6.21
C ALA C 110 32.67 19.13 -5.52
N LEU C 111 31.70 19.63 -6.31
CA LEU C 111 30.42 20.03 -5.73
C LEU C 111 29.65 18.82 -5.20
N VAL C 112 29.70 17.70 -5.92
CA VAL C 112 29.10 16.49 -5.38
C VAL C 112 29.87 15.99 -4.17
N ALA C 113 31.19 16.17 -4.16
CA ALA C 113 31.99 15.64 -3.06
C ALA C 113 31.86 16.48 -1.80
N ASP C 114 31.85 17.80 -1.94
CA ASP C 114 32.00 18.69 -0.80
C ASP C 114 30.81 19.60 -0.54
N TYR C 115 29.87 19.73 -1.48
CA TYR C 115 28.64 20.51 -1.26
C TYR C 115 27.44 19.72 -1.74
N PRO C 116 27.24 18.50 -1.22
CA PRO C 116 26.14 17.68 -1.74
C PRO C 116 24.77 18.29 -1.50
N THR C 117 24.59 18.96 -0.36
CA THR C 117 23.33 19.66 -0.11
C THR C 117 22.98 20.65 -1.20
N ARG C 118 23.99 21.26 -1.85
CA ARG C 118 23.75 22.32 -2.82
C ARG C 118 23.48 21.82 -4.24
N VAL C 119 23.62 20.53 -4.53
CA VAL C 119 23.45 20.02 -5.88
C VAL C 119 22.19 19.15 -5.88
N ARG C 120 21.22 19.53 -6.71
CA ARG C 120 20.06 18.69 -6.96
C ARG C 120 20.45 17.52 -7.85
N ASN C 121 21.36 17.76 -8.79
CA ASN C 121 21.91 16.76 -9.68
C ASN C 121 23.05 17.40 -10.46
N ALA C 122 24.11 16.64 -10.71
CA ALA C 122 25.31 17.15 -11.37
C ALA C 122 25.51 16.48 -12.73
N LEU C 123 26.06 17.25 -13.67
CA LEU C 123 26.36 16.74 -15.01
C LEU C 123 27.80 17.08 -15.35
N ALA C 124 28.63 16.05 -15.43
CA ALA C 124 30.05 16.17 -15.71
C ALA C 124 30.33 15.69 -17.11
N HIS C 125 31.25 16.38 -17.79
CA HIS C 125 31.57 16.10 -19.18
C HIS C 125 33.08 16.18 -19.36
N GLU C 126 33.69 15.06 -19.75
CA GLU C 126 35.12 15.01 -20.06
C GLU C 126 35.97 15.61 -18.95
N VAL C 127 36.03 14.87 -17.84
CA VAL C 127 36.73 15.31 -16.64
C VAL C 127 38.19 14.89 -16.74
N PRO C 128 39.14 15.81 -16.66
CA PRO C 128 40.57 15.43 -16.68
C PRO C 128 40.98 14.91 -15.31
N THR C 129 41.42 13.65 -15.29
CA THR C 129 41.96 13.06 -14.08
C THR C 129 43.48 12.95 -14.14
N TYR C 130 44.06 13.03 -15.31
CA TYR C 130 45.49 12.89 -15.52
C TYR C 130 45.96 14.02 -16.44
N LEU C 131 47.27 14.17 -16.55
CA LEU C 131 47.84 15.20 -17.43
C LEU C 131 48.01 14.65 -18.84
N MET C 132 47.08 15.01 -19.72
CA MET C 132 47.07 14.54 -21.10
C MET C 132 48.33 14.98 -21.85
N GLU C 133 48.87 14.09 -22.70
CA GLU C 133 50.13 14.34 -23.38
C GLU C 133 50.16 15.68 -24.14
N ASP C 134 49.14 15.97 -24.95
CA ASP C 134 49.22 17.13 -25.83
C ASP C 134 49.14 18.46 -25.07
N LEU C 135 48.80 18.44 -23.78
CA LEU C 135 48.76 19.66 -22.97
C LEU C 135 50.13 19.99 -22.40
N LYS C 136 50.98 18.98 -22.22
CA LYS C 136 52.28 19.17 -21.57
C LYS C 136 53.13 20.29 -22.18
N PRO C 137 53.26 20.43 -23.51
CA PRO C 137 54.01 21.57 -24.07
C PRO C 137 53.56 22.95 -23.58
N LEU C 138 52.28 23.12 -23.27
CA LEU C 138 51.75 24.41 -22.86
C LEU C 138 52.25 24.85 -21.48
N LEU C 139 52.72 23.90 -20.66
CA LEU C 139 53.03 24.16 -19.25
C LEU C 139 54.34 24.94 -19.11
N GLU C 140 54.36 25.96 -18.24
CA GLU C 140 55.56 26.78 -17.95
C GLU C 140 56.17 27.45 -19.18
N MET C 141 55.34 27.83 -20.15
CA MET C 141 55.81 28.65 -21.26
C MET C 141 55.78 30.12 -20.84
N ASP C 142 56.95 30.76 -20.81
CA ASP C 142 57.03 32.09 -20.21
C ASP C 142 56.64 33.21 -21.18
N ASP C 143 56.82 33.04 -22.49
CA ASP C 143 56.27 34.00 -23.44
C ASP C 143 54.77 33.82 -23.55
N GLU C 144 53.98 34.86 -23.22
CA GLU C 144 52.53 34.75 -23.18
C GLU C 144 51.90 34.74 -24.56
N ALA C 145 52.56 35.30 -25.57
CA ALA C 145 52.03 35.22 -26.92
C ALA C 145 52.29 33.86 -27.53
N VAL C 146 53.45 33.26 -27.23
CA VAL C 146 53.69 31.89 -27.68
C VAL C 146 52.72 30.95 -27.00
N SER C 147 52.52 31.14 -25.69
CA SER C 147 51.60 30.29 -24.94
C SER C 147 50.20 30.37 -25.50
N ALA C 148 49.75 31.57 -25.85
CA ALA C 148 48.40 31.73 -26.39
C ALA C 148 48.27 31.01 -27.73
N ALA C 149 49.23 31.22 -28.63
CA ALA C 149 49.18 30.57 -29.94
C ALA C 149 49.16 29.07 -29.77
N MET C 150 50.00 28.55 -28.88
CA MET C 150 50.10 27.11 -28.69
C MET C 150 48.85 26.54 -28.00
N SER C 151 48.34 27.24 -27.00
CA SER C 151 47.11 26.81 -26.33
C SER C 151 45.93 26.83 -27.28
N SER C 152 45.84 27.87 -28.12
CA SER C 152 44.72 27.97 -29.04
C SER C 152 44.74 26.86 -30.10
N ASN C 153 45.90 26.26 -30.39
CA ASN C 153 45.93 25.24 -31.43
C ASN C 153 45.66 23.86 -30.86
N VAL C 154 45.65 23.74 -29.54
CA VAL C 154 45.28 22.48 -28.92
C VAL C 154 43.80 22.53 -28.57
N VAL C 155 43.25 23.73 -28.37
CA VAL C 155 41.87 23.83 -27.94
C VAL C 155 40.92 23.62 -29.11
N VAL C 156 41.27 24.15 -30.30
CA VAL C 156 40.42 23.95 -31.47
C VAL C 156 40.62 22.56 -32.05
N GLY C 157 41.75 21.92 -31.74
CA GLY C 157 41.89 20.52 -32.05
C GLY C 157 40.82 19.70 -31.36
N SER C 158 40.46 20.10 -30.14
CA SER C 158 39.45 19.41 -29.34
C SER C 158 38.03 19.89 -29.65
N VAL C 159 37.89 20.95 -30.46
CA VAL C 159 36.57 21.42 -30.89
C VAL C 159 36.06 20.51 -31.99
N GLY C 160 34.77 20.17 -31.94
CA GLY C 160 34.26 19.18 -32.87
C GLY C 160 34.06 19.72 -34.28
N ASP C 161 33.72 21.00 -34.40
CA ASP C 161 33.25 21.56 -35.66
C ASP C 161 34.31 22.29 -36.46
N ILE C 162 34.09 22.35 -37.76
CA ILE C 162 35.04 23.16 -38.48
C ILE C 162 34.26 24.00 -39.49
N GLU C 163 33.00 24.26 -39.15
CA GLU C 163 32.09 24.96 -40.04
C GLU C 163 31.65 26.33 -39.50
N GLY C 164 32.33 26.88 -38.51
CA GLY C 164 32.02 28.23 -38.11
C GLY C 164 31.44 28.40 -36.72
N SER C 165 31.03 27.33 -36.04
CA SER C 165 30.48 27.51 -34.70
C SER C 165 31.53 28.04 -33.73
N TRP C 166 32.80 27.72 -33.97
CA TRP C 166 33.86 28.29 -33.16
C TRP C 166 34.07 29.76 -33.51
N GLN C 167 33.93 30.10 -34.78
CA GLN C 167 34.20 31.46 -35.24
C GLN C 167 33.12 32.42 -34.79
N GLU C 168 31.87 31.95 -34.68
CA GLU C 168 30.78 32.84 -34.32
C GLU C 168 30.74 33.17 -32.86
N LEU C 169 31.71 32.73 -32.06
CA LEU C 169 31.70 33.18 -30.70
C LEU C 169 31.90 34.69 -30.64
N GLY C 170 32.38 35.27 -31.73
CA GLY C 170 32.51 36.70 -31.86
C GLY C 170 33.95 37.15 -31.75
N GLU C 171 34.19 38.38 -32.19
CA GLU C 171 35.55 38.90 -32.04
C GLU C 171 35.79 39.37 -30.62
N GLU C 172 34.73 39.84 -29.94
CA GLU C 172 34.87 40.17 -28.54
C GLU C 172 35.23 38.94 -27.71
N ALA C 173 34.53 37.82 -27.95
CA ALA C 173 34.81 36.61 -27.19
C ALA C 173 36.19 36.06 -27.46
N HIS C 174 36.62 36.06 -28.72
CA HIS C 174 37.93 35.51 -29.04
C HIS C 174 39.05 36.44 -28.58
N ALA C 175 38.78 37.73 -28.48
CA ALA C 175 39.78 38.63 -27.91
C ALA C 175 39.97 38.35 -26.42
N ARG C 176 38.87 38.18 -25.68
CA ARG C 176 38.96 37.80 -24.29
C ARG C 176 39.68 36.46 -24.13
N LEU C 177 39.40 35.53 -25.05
CA LEU C 177 40.03 34.21 -25.00
C LEU C 177 41.53 34.32 -25.23
N TRP C 178 41.96 35.24 -26.10
CA TRP C 178 43.39 35.39 -26.37
C TRP C 178 44.16 35.75 -25.10
N LYS C 179 43.60 36.64 -24.28
CA LYS C 179 44.22 36.93 -23.00
C LYS C 179 44.06 35.77 -22.03
N ASN C 180 43.02 34.95 -22.23
CA ASN C 180 42.71 33.84 -21.33
C ASN C 180 43.62 32.64 -21.54
N TYR C 181 43.99 32.34 -22.78
CA TYR C 181 44.76 31.12 -23.08
C TYR C 181 46.01 30.96 -22.23
N PRO C 182 46.92 31.95 -22.13
CA PRO C 182 48.14 31.72 -21.34
C PRO C 182 47.85 31.55 -19.86
N ARG C 183 46.84 32.26 -19.35
CA ARG C 183 46.48 32.12 -17.94
C ARG C 183 45.89 30.75 -17.67
N TRP C 184 45.08 30.23 -18.59
CA TRP C 184 44.55 28.88 -18.40
C TRP C 184 45.68 27.87 -18.35
N ALA C 185 46.65 27.99 -19.26
CA ALA C 185 47.76 27.05 -19.34
C ALA C 185 48.57 27.00 -18.05
N ARG C 186 48.72 28.14 -17.41
CA ARG C 186 49.56 28.36 -16.23
C ARG C 186 48.92 27.88 -14.94
N GLY C 187 47.60 27.81 -14.90
CA GLY C 187 46.95 27.60 -13.64
C GLY C 187 46.22 26.29 -13.52
N TYR C 188 45.80 25.75 -14.66
CA TYR C 188 44.82 24.68 -14.62
C TYR C 188 45.41 23.30 -14.93
N PRO C 189 46.03 23.08 -16.09
CA PRO C 189 46.34 21.68 -16.46
C PRO C 189 47.36 21.04 -15.54
N GLY C 190 48.31 21.79 -15.01
CA GLY C 190 49.25 21.20 -14.08
C GLY C 190 48.76 21.08 -12.65
N TYR C 191 47.54 21.49 -12.36
CA TYR C 191 47.10 21.54 -10.96
C TYR C 191 45.73 20.94 -10.72
N ILE C 192 44.79 21.02 -11.67
CA ILE C 192 43.43 20.57 -11.38
C ILE C 192 43.21 19.07 -11.55
N PRO C 193 43.79 18.36 -12.53
CA PRO C 193 43.39 16.94 -12.73
C PRO C 193 43.70 16.06 -11.54
N GLN C 194 44.82 16.29 -10.86
CA GLN C 194 45.16 15.51 -9.68
C GLN C 194 44.15 15.73 -8.55
N SER C 195 43.45 16.86 -8.53
CA SER C 195 42.57 17.22 -7.43
C SER C 195 41.14 16.70 -7.61
N THR C 196 40.82 16.09 -8.74
CA THR C 196 39.44 15.72 -9.04
C THR C 196 38.95 14.62 -8.10
N PRO C 197 37.88 14.85 -7.30
CA PRO C 197 37.39 13.81 -6.38
C PRO C 197 36.65 12.71 -7.13
N VAL C 198 37.39 11.73 -7.61
CA VAL C 198 36.80 10.57 -8.28
C VAL C 198 36.67 9.39 -7.31
N SER C 199 36.67 9.66 -6.00
CA SER C 199 36.54 8.67 -4.95
C SER C 199 35.20 7.94 -4.97
N LYS C 200 35.21 6.66 -4.54
CA LYS C 200 34.06 5.78 -4.64
C LYS C 200 32.84 6.44 -3.99
N GLU C 201 33.05 7.10 -2.84
CA GLU C 201 31.99 7.78 -2.12
C GLU C 201 31.70 9.19 -2.59
N ASP C 202 32.68 9.93 -3.11
CA ASP C 202 32.38 11.30 -3.45
C ASP C 202 31.44 11.40 -4.64
N LEU C 203 31.39 10.37 -5.49
CA LEU C 203 30.56 10.41 -6.69
C LEU C 203 29.09 10.11 -6.42
N ILE C 204 28.75 9.47 -5.31
CA ILE C 204 27.36 9.14 -5.03
C ILE C 204 26.73 10.04 -3.99
N LYS C 205 27.46 11.04 -3.47
CA LYS C 205 26.83 11.90 -2.48
C LYS C 205 25.73 12.75 -3.06
N ALA C 206 25.44 12.58 -4.35
CA ALA C 206 24.39 13.34 -5.01
C ALA C 206 24.20 12.75 -6.41
N PRO C 207 23.06 13.01 -7.04
CA PRO C 207 22.85 12.50 -8.39
C PRO C 207 23.82 13.12 -9.38
N LEU C 208 24.37 12.26 -10.23
CA LEU C 208 25.40 12.67 -11.18
C LEU C 208 25.24 11.81 -12.44
N ASP C 209 25.23 12.47 -13.60
CA ASP C 209 25.24 11.80 -14.89
C ASP C 209 26.44 12.31 -15.68
N TRP C 210 27.08 11.42 -16.41
CA TRP C 210 28.40 11.64 -16.98
C TRP C 210 28.35 11.50 -18.49
N THR C 211 29.12 12.33 -19.19
CA THR C 211 29.13 12.34 -20.65
C THR C 211 30.54 12.57 -21.18
N VAL C 212 30.79 12.01 -22.36
CA VAL C 212 32.00 12.25 -23.15
C VAL C 212 31.58 12.50 -24.60
N GLY C 213 32.37 13.33 -25.28
CA GLY C 213 32.08 13.62 -26.68
C GLY C 213 32.12 12.37 -27.55
N ALA C 214 31.12 12.27 -28.45
CA ALA C 214 31.00 11.08 -29.28
C ALA C 214 32.17 10.86 -30.18
N SER C 215 32.86 11.92 -30.57
CA SER C 215 33.91 11.80 -31.55
C SER C 215 35.30 11.94 -30.96
N THR C 216 35.41 12.19 -29.65
CA THR C 216 36.72 12.28 -29.06
C THR C 216 37.35 10.90 -28.99
N PRO C 217 38.67 10.81 -29.17
CA PRO C 217 39.35 9.52 -29.15
C PRO C 217 39.03 8.75 -27.88
N THR C 218 38.80 7.44 -28.03
CA THR C 218 38.37 6.61 -26.90
C THR C 218 39.33 6.69 -25.72
N ALA C 219 40.63 6.74 -25.99
CA ALA C 219 41.61 6.70 -24.93
C ALA C 219 41.63 7.98 -24.09
N ARG C 220 41.19 9.11 -24.66
CA ARG C 220 41.40 10.40 -23.99
C ARG C 220 40.67 10.49 -22.67
N PHE C 221 39.39 10.08 -22.64
CA PHE C 221 38.61 10.10 -21.42
C PHE C 221 38.12 8.70 -21.04
N LEU C 222 38.96 7.68 -21.34
CA LEU C 222 38.61 6.31 -21.00
C LEU C 222 38.36 6.15 -19.51
N ASP C 223 39.21 6.75 -18.67
CA ASP C 223 39.02 6.69 -17.23
C ASP C 223 37.65 7.20 -16.82
N ASN C 224 37.09 8.18 -17.54
CA ASN C 224 35.74 8.65 -17.26
C ASN C 224 34.73 7.51 -17.42
N ILE C 225 34.87 6.73 -18.50
CA ILE C 225 33.90 5.67 -18.77
C ILE C 225 34.00 4.57 -17.71
N VAL C 226 35.22 4.14 -17.37
CA VAL C 226 35.37 3.09 -16.37
C VAL C 226 34.88 3.56 -15.01
N THR C 227 35.35 4.73 -14.55
CA THR C 227 34.91 5.22 -13.26
C THR C 227 33.39 5.25 -13.17
N ALA C 228 32.72 5.73 -14.22
CA ALA C 228 31.27 5.80 -14.20
C ALA C 228 30.63 4.42 -14.15
N THR C 229 31.22 3.43 -14.82
CA THR C 229 30.61 2.10 -14.88
C THR C 229 30.72 1.37 -13.55
N LYS C 230 31.84 1.54 -12.84
CA LYS C 230 32.06 0.84 -11.58
C LYS C 230 31.19 1.37 -10.46
N HIS C 231 30.56 2.51 -10.65
CA HIS C 231 29.75 3.11 -9.60
C HIS C 231 28.36 3.46 -10.12
N ASN C 232 27.93 2.80 -11.19
CA ASN C 232 26.60 2.91 -11.74
C ASN C 232 26.17 4.37 -11.87
N ILE C 233 27.12 5.23 -12.18
CA ILE C 233 26.81 6.59 -12.58
C ILE C 233 26.36 6.52 -14.04
N PRO C 234 25.15 6.96 -14.34
CA PRO C 234 24.67 6.88 -15.72
C PRO C 234 25.65 7.56 -16.65
N PHE C 235 26.03 6.87 -17.71
CA PHE C 235 27.02 7.36 -18.65
C PHE C 235 26.43 7.38 -20.05
N GLN C 236 26.90 8.32 -20.85
CA GLN C 236 26.27 8.59 -22.13
C GLN C 236 27.23 9.46 -22.93
N THR C 237 27.05 9.42 -24.22
CA THR C 237 27.70 10.26 -25.19
C THR C 237 26.81 11.41 -25.66
N LEU C 238 27.43 12.59 -25.83
CA LEU C 238 26.85 13.70 -26.58
C LEU C 238 27.60 13.96 -27.91
N PRO C 239 26.92 14.51 -28.93
CA PRO C 239 27.60 14.78 -30.20
C PRO C 239 28.71 15.78 -30.02
N GLY C 240 29.61 15.82 -31.01
CA GLY C 240 30.77 16.70 -30.93
C GLY C 240 31.87 16.12 -30.07
N MET C 241 32.79 17.01 -29.66
CA MET C 241 33.92 16.56 -28.86
C MET C 241 33.90 17.27 -27.51
N HIS C 242 34.72 18.32 -27.36
CA HIS C 242 34.96 18.94 -26.06
C HIS C 242 34.00 20.07 -25.70
N PHE C 243 33.41 20.73 -26.69
CA PHE C 243 32.57 21.90 -26.47
C PHE C 243 31.20 21.66 -27.08
N PRO C 244 30.40 20.75 -26.51
CA PRO C 244 29.10 20.47 -27.12
C PRO C 244 28.13 21.63 -27.11
N TYR C 245 28.28 22.56 -26.16
CA TYR C 245 27.41 23.73 -26.13
C TYR C 245 27.73 24.74 -27.23
N VAL C 246 28.89 24.58 -27.88
CA VAL C 246 29.27 25.42 -29.01
C VAL C 246 29.03 24.71 -30.34
N THR C 247 29.33 23.42 -30.41
CA THR C 247 29.21 22.72 -31.68
C THR C 247 27.82 22.15 -31.91
N HIS C 248 27.09 21.82 -30.84
CA HIS C 248 25.77 21.19 -30.96
C HIS C 248 24.85 21.79 -29.92
N PRO C 249 24.52 23.08 -30.06
CA PRO C 249 23.78 23.78 -28.99
C PRO C 249 22.38 23.23 -28.76
N GLU C 250 21.70 22.77 -29.81
CA GLU C 250 20.35 22.25 -29.64
C GLU C 250 20.39 20.91 -28.94
N VAL C 251 21.27 20.02 -29.40
CA VAL C 251 21.39 18.68 -28.81
C VAL C 251 21.90 18.78 -27.39
N PHE C 252 22.83 19.71 -27.14
CA PHE C 252 23.30 19.94 -25.77
C PHE C 252 22.14 20.38 -24.86
N ALA C 253 21.33 21.34 -25.35
CA ALA C 253 20.24 21.87 -24.54
C ALA C 253 19.22 20.79 -24.18
N GLU C 254 18.81 19.98 -25.17
CA GLU C 254 17.87 18.90 -24.87
C GLU C 254 18.42 17.99 -23.78
N TYR C 255 19.73 17.67 -23.83
CA TYR C 255 20.31 16.79 -22.83
C TYR C 255 20.18 17.39 -21.43
N VAL C 256 20.55 18.66 -21.26
CA VAL C 256 20.46 19.28 -19.94
C VAL C 256 19.02 19.33 -19.47
N VAL C 257 18.09 19.67 -20.37
CA VAL C 257 16.68 19.74 -19.98
C VAL C 257 16.15 18.37 -19.64
N GLU C 258 16.55 17.33 -20.40
CA GLU C 258 16.19 15.96 -20.04
C GLU C 258 16.69 15.62 -18.65
N LYS C 259 17.98 15.88 -18.40
CA LYS C 259 18.60 15.48 -17.15
C LYS C 259 18.17 16.35 -15.99
N THR C 260 17.82 17.62 -16.24
CA THR C 260 17.35 18.47 -15.16
C THR C 260 15.96 18.05 -14.68
N ARG C 261 15.07 17.72 -15.64
CA ARG C 261 13.72 17.26 -15.32
C ARG C 261 13.71 15.89 -14.66
N LYS C 262 14.74 15.08 -14.89
CA LYS C 262 14.77 13.71 -14.39
C LYS C 262 14.78 13.64 -12.86
N TYR C 263 15.29 14.68 -12.19
CA TYR C 263 15.42 14.66 -10.74
C TYR C 263 14.50 15.66 -10.05
N LEU C 264 13.50 16.17 -10.75
CA LEU C 264 12.52 17.08 -10.15
C LEU C 264 11.33 16.29 -9.66
N MET D 1 30.21 18.37 11.25
CA MET D 1 30.01 19.39 10.24
C MET D 1 29.06 20.47 10.74
N ARG D 2 28.46 20.18 11.90
CA ARG D 2 27.61 21.12 12.61
C ARG D 2 28.53 22.03 13.41
N THR D 3 28.41 23.33 13.21
CA THR D 3 29.25 24.26 13.97
C THR D 3 28.57 24.59 15.30
N ARG D 4 29.29 24.39 16.40
CA ARG D 4 28.83 24.79 17.71
C ARG D 4 29.87 25.72 18.30
N SER D 5 29.47 26.94 18.64
CA SER D 5 30.40 27.96 19.07
C SER D 5 29.65 28.94 19.95
N ASN D 6 30.38 29.93 20.46
CA ASN D 6 29.80 30.98 21.28
C ASN D 6 30.17 32.31 20.67
N ILE D 7 29.45 33.36 21.07
CA ILE D 7 29.89 34.67 20.61
C ILE D 7 29.20 35.66 21.52
N THR D 8 29.91 36.71 21.87
CA THR D 8 29.39 37.69 22.80
C THR D 8 29.03 38.95 22.03
N THR D 9 27.74 39.30 22.03
CA THR D 9 27.28 40.50 21.35
C THR D 9 27.57 41.75 22.19
N LYS D 10 27.49 42.91 21.54
CA LYS D 10 27.91 44.14 22.21
C LYS D 10 26.97 44.52 23.35
N ASN D 11 25.78 43.93 23.39
CA ASN D 11 24.83 44.17 24.46
C ASN D 11 25.07 43.31 25.70
N GLY D 12 26.11 42.47 25.71
CA GLY D 12 26.43 41.71 26.90
C GLY D 12 25.92 40.29 26.93
N ILE D 13 25.24 39.86 25.87
CA ILE D 13 24.70 38.50 25.80
C ILE D 13 25.81 37.57 25.32
N HIS D 14 26.12 36.56 26.13
CA HIS D 14 27.11 35.56 25.73
C HIS D 14 26.34 34.40 25.10
N TRP D 15 26.12 34.50 23.79
CA TRP D 15 25.31 33.50 23.11
C TRP D 15 26.03 32.16 22.98
N TYR D 16 25.22 31.11 22.91
CA TYR D 16 25.64 29.83 22.34
C TYR D 16 24.78 29.58 21.10
N TYR D 17 25.43 29.38 19.96
CA TYR D 17 24.72 29.21 18.70
C TYR D 17 25.24 27.98 17.98
N GLU D 18 24.44 27.51 17.03
CA GLU D 18 24.79 26.38 16.17
C GLU D 18 24.49 26.76 14.72
N GLN D 19 25.31 26.24 13.80
CA GLN D 19 25.06 26.36 12.37
C GLN D 19 25.39 25.06 11.67
N GLU D 20 24.71 24.83 10.55
CA GLU D 20 24.95 23.67 9.70
C GLU D 20 24.44 23.98 8.30
N GLY D 21 25.20 23.58 7.30
CA GLY D 21 24.80 23.73 5.92
C GLY D 21 25.39 24.97 5.28
N SER D 22 25.06 25.11 4.01
CA SER D 22 25.44 26.25 3.20
C SER D 22 24.26 26.58 2.28
N GLY D 23 24.12 27.86 1.97
CA GLY D 23 23.02 28.34 1.15
C GLY D 23 22.36 29.58 1.72
N PRO D 24 21.13 29.85 1.28
CA PRO D 24 20.37 30.93 1.91
C PRO D 24 20.12 30.64 3.38
N HIS D 25 19.95 31.71 4.15
CA HIS D 25 19.90 31.62 5.61
C HIS D 25 18.49 31.28 6.11
N VAL D 26 18.45 30.35 7.06
CA VAL D 26 17.22 30.00 7.77
C VAL D 26 17.55 30.00 9.26
N VAL D 27 16.95 30.95 10.01
CA VAL D 27 17.15 31.09 11.45
C VAL D 27 15.99 30.44 12.18
N LEU D 28 16.29 29.58 13.15
CA LEU D 28 15.29 28.90 13.96
C LEU D 28 15.36 29.48 15.37
N ILE D 29 14.45 30.40 15.70
CA ILE D 29 14.42 31.02 17.03
C ILE D 29 13.62 30.14 17.97
N PRO D 30 14.16 29.79 19.16
CA PRO D 30 13.42 28.93 20.08
C PRO D 30 12.20 29.60 20.66
N ASP D 31 11.42 28.82 21.43
CA ASP D 31 10.23 29.31 22.11
C ASP D 31 10.62 30.06 23.38
N GLY D 32 9.69 30.15 24.32
CA GLY D 32 10.00 30.83 25.58
C GLY D 32 11.13 30.17 26.34
N LEU D 33 11.16 28.83 26.34
CA LEU D 33 12.16 28.09 27.10
C LEU D 33 13.55 28.23 26.51
N GLY D 34 13.67 28.68 25.26
CA GLY D 34 14.95 29.07 24.69
C GLY D 34 16.02 28.00 24.63
N GLU D 35 15.62 26.74 24.41
CA GLU D 35 16.54 25.60 24.35
C GLU D 35 16.59 25.10 22.92
N CYS D 36 17.73 25.27 22.25
CA CYS D 36 17.84 24.94 20.84
C CYS D 36 18.25 23.50 20.58
N LYS D 37 18.36 22.69 21.63
CA LYS D 37 18.42 21.25 21.40
C LYS D 37 17.15 20.78 20.67
N MET D 38 16.01 21.44 20.91
CA MET D 38 14.78 21.05 20.24
C MET D 38 14.85 21.20 18.73
N PHE D 39 15.91 21.82 18.21
CA PHE D 39 16.08 21.95 16.78
C PHE D 39 17.14 21.00 16.20
N ASP D 40 17.75 20.15 17.04
CA ASP D 40 18.91 19.36 16.59
C ASP D 40 18.59 18.56 15.32
N LYS D 41 17.57 17.68 15.39
CA LYS D 41 17.24 16.85 14.23
C LYS D 41 16.71 17.67 13.04
N PRO D 42 15.65 18.48 13.17
CA PRO D 42 15.13 19.17 11.98
C PRO D 42 16.12 20.12 11.36
N MET D 43 17.12 20.57 12.11
CA MET D 43 18.13 21.46 11.56
C MET D 43 18.93 20.77 10.46
N SER D 44 19.25 19.49 10.66
CA SER D 44 20.01 18.77 9.66
C SER D 44 19.23 18.62 8.36
N LEU D 45 17.93 18.31 8.44
CA LEU D 45 17.19 18.09 7.21
C LEU D 45 16.91 19.40 6.46
N ILE D 46 16.70 20.50 7.18
CA ILE D 46 16.60 21.79 6.52
C ILE D 46 17.93 22.14 5.86
N ALA D 47 19.04 21.84 6.52
CA ALA D 47 20.34 22.10 5.93
C ALA D 47 20.58 21.25 4.71
N ASN D 48 20.15 19.97 4.75
CA ASN D 48 20.34 19.06 3.64
C ASN D 48 19.51 19.45 2.43
N SER D 49 18.57 20.37 2.59
CA SER D 49 17.80 20.88 1.48
C SER D 49 18.42 22.12 0.86
N GLY D 50 19.63 22.48 1.31
CA GLY D 50 20.39 23.53 0.66
C GLY D 50 20.31 24.89 1.32
N PHE D 51 20.46 24.92 2.63
CA PHE D 51 20.36 26.16 3.39
C PHE D 51 21.40 26.21 4.50
N THR D 52 21.82 27.41 4.85
CA THR D 52 22.55 27.63 6.10
C THR D 52 21.55 27.80 7.23
N VAL D 53 21.45 26.81 8.10
CA VAL D 53 20.51 26.84 9.22
C VAL D 53 21.24 27.26 10.48
N THR D 54 20.71 28.30 11.14
CA THR D 54 21.30 28.83 12.36
C THR D 54 20.28 28.78 13.49
N THR D 55 20.73 28.36 14.66
CA THR D 55 19.90 28.39 15.85
C THR D 55 20.79 28.76 17.02
N PHE D 56 20.17 28.99 18.16
CA PHE D 56 20.89 29.44 19.35
C PHE D 56 19.95 29.33 20.54
N ASP D 57 20.55 29.26 21.73
CA ASP D 57 19.77 29.38 22.96
C ASP D 57 19.50 30.85 23.26
N MET D 58 18.34 31.12 23.84
CA MET D 58 17.92 32.50 23.98
C MET D 58 18.59 33.17 25.19
N PRO D 59 18.74 34.50 25.16
CA PRO D 59 19.50 35.18 26.21
C PRO D 59 18.95 34.84 27.59
N GLY D 60 19.87 34.46 28.49
CA GLY D 60 19.52 34.06 29.83
C GLY D 60 19.11 32.62 29.96
N MET D 61 18.97 31.90 28.85
CA MET D 61 18.47 30.54 28.87
C MET D 61 19.55 29.56 28.42
N SER D 62 19.63 28.42 29.14
CA SER D 62 20.47 27.28 28.80
C SER D 62 21.92 27.77 28.65
N ARG D 63 22.62 27.47 27.57
CA ARG D 63 24.04 27.80 27.45
C ARG D 63 24.29 29.24 27.02
N SER D 64 23.22 30.03 26.81
CA SER D 64 23.34 31.47 26.62
C SER D 64 22.91 32.23 27.88
N SER D 65 23.12 31.64 29.05
CA SER D 65 22.61 32.19 30.30
C SER D 65 23.41 33.39 30.82
N GLU D 66 24.64 33.61 30.34
CA GLU D 66 25.41 34.75 30.84
C GLU D 66 24.98 35.95 29.99
N ALA D 67 23.93 36.61 30.46
CA ALA D 67 23.36 37.76 29.76
C ALA D 67 22.85 38.72 30.80
N PRO D 68 22.79 40.02 30.49
CA PRO D 68 22.27 40.97 31.46
C PRO D 68 20.81 40.69 31.77
N PRO D 69 20.35 41.04 32.96
CA PRO D 69 18.98 40.68 33.35
C PRO D 69 17.88 41.15 32.41
N GLU D 70 17.89 42.43 31.99
CA GLU D 70 16.85 42.95 31.09
C GLU D 70 16.64 42.08 29.84
N THR D 71 17.64 41.28 29.44
CA THR D 71 17.46 40.47 28.25
C THR D 71 16.68 39.19 28.54
N TYR D 72 16.36 38.93 29.81
CA TYR D 72 15.43 37.86 30.15
C TYR D 72 14.44 38.32 31.21
N GLN D 73 14.24 39.63 31.36
CA GLN D 73 13.27 40.17 32.29
C GLN D 73 12.47 41.27 31.59
N GLU D 74 11.18 41.31 31.91
CA GLU D 74 10.23 42.23 31.32
C GLU D 74 10.48 42.33 29.82
N ILE D 75 10.48 41.18 29.16
CA ILE D 75 10.88 41.14 27.76
C ILE D 75 9.66 41.34 26.87
N THR D 76 9.84 42.17 25.85
CA THR D 76 8.85 42.41 24.79
C THR D 76 9.36 41.80 23.49
N ALA D 77 8.43 41.66 22.53
CA ALA D 77 8.81 41.15 21.21
C ALA D 77 9.85 42.03 20.56
N GLN D 78 9.89 43.31 20.92
CA GLN D 78 10.87 44.20 20.35
C GLN D 78 12.25 44.00 20.98
N LYS D 79 12.28 43.64 22.26
CA LYS D 79 13.57 43.31 22.88
C LYS D 79 14.17 42.06 22.25
N LEU D 80 13.34 41.03 22.07
CA LEU D 80 13.84 39.77 21.50
C LEU D 80 14.26 39.95 20.05
N ALA D 81 13.48 40.67 19.25
CA ALA D 81 13.89 40.98 17.87
C ALA D 81 15.22 41.74 17.89
N SER D 82 15.40 42.64 18.88
CA SER D 82 16.71 43.27 19.07
C SER D 82 17.79 42.25 19.20
N TYR D 83 17.59 41.27 20.06
CA TYR D 83 18.67 40.34 20.39
C TYR D 83 18.98 39.43 19.21
N VAL D 84 17.95 38.97 18.51
CA VAL D 84 18.19 38.11 17.38
C VAL D 84 18.85 38.87 16.24
N ILE D 85 18.57 40.15 16.10
CA ILE D 85 19.27 40.92 15.08
C ILE D 85 20.75 41.06 15.46
N SER D 86 21.05 41.21 16.75
CA SER D 86 22.45 41.35 17.16
C SER D 86 23.27 40.11 16.79
N ILE D 87 22.77 38.92 17.12
CA ILE D 87 23.48 37.68 16.76
C ILE D 87 23.48 37.48 15.25
N CYS D 88 22.43 37.94 14.57
CA CYS D 88 22.39 37.86 13.11
C CYS D 88 23.43 38.77 12.46
N ASP D 89 23.64 39.95 13.03
CA ASP D 89 24.67 40.84 12.50
C ASP D 89 26.06 40.26 12.70
N GLU D 90 26.34 39.68 13.87
CA GLU D 90 27.68 39.19 14.18
C GLU D 90 28.09 38.00 13.33
N LEU D 91 27.13 37.29 12.72
CA LEU D 91 27.40 36.13 11.86
C LEU D 91 27.12 36.40 10.38
N ALA D 92 27.03 37.68 10.01
CA ALA D 92 26.89 38.14 8.62
C ALA D 92 25.61 37.64 7.95
N ILE D 93 24.53 37.45 8.70
CA ILE D 93 23.24 37.10 8.10
C ILE D 93 22.51 38.42 7.76
N ASP D 94 22.49 38.90 6.48
CA ASP D 94 21.79 40.17 6.27
C ASP D 94 20.30 39.93 6.40
N LYS D 95 19.88 38.87 5.74
CA LYS D 95 18.49 38.62 5.43
C LYS D 95 18.30 37.11 5.36
N ALA D 96 17.22 36.64 5.99
CA ALA D 96 17.00 35.22 6.20
C ALA D 96 15.52 34.89 6.29
N THR D 97 15.25 33.59 6.34
CA THR D 97 13.96 33.05 6.76
C THR D 97 13.99 32.77 8.26
N PHE D 98 13.00 33.27 8.98
CA PHE D 98 12.93 33.16 10.43
C PHE D 98 11.75 32.29 10.84
N TRP D 99 12.02 31.31 11.70
CA TRP D 99 10.99 30.51 12.35
C TRP D 99 10.90 30.89 13.82
N GLY D 100 9.67 30.91 14.35
CA GLY D 100 9.46 31.19 15.75
C GLY D 100 8.14 30.70 16.31
N CYS D 101 8.20 29.95 17.40
CA CYS D 101 7.03 29.50 18.15
C CYS D 101 6.95 30.21 19.49
N ALA D 102 5.72 30.36 20.00
CA ALA D 102 5.46 31.03 21.27
C ALA D 102 6.11 32.41 21.29
N SER D 103 6.96 32.68 22.30
CA SER D 103 7.64 33.97 22.36
C SER D 103 8.49 34.20 21.12
N GLY D 104 9.08 33.13 20.59
CA GLY D 104 9.82 33.21 19.34
C GLY D 104 8.96 33.59 18.17
N GLY D 105 7.67 33.27 18.24
CA GLY D 105 6.73 33.73 17.23
C GLY D 105 6.44 35.22 17.35
N CYS D 106 6.33 35.72 18.59
CA CYS D 106 6.25 37.17 18.78
C CYS D 106 7.48 37.84 18.17
N THR D 107 8.66 37.27 18.38
CA THR D 107 9.89 37.83 17.83
C THR D 107 9.81 37.93 16.32
N VAL D 108 9.35 36.85 15.67
CA VAL D 108 9.22 36.84 14.22
C VAL D 108 8.31 37.96 13.74
N LEU D 109 7.16 38.16 14.42
CA LEU D 109 6.25 39.22 14.01
C LEU D 109 6.88 40.60 14.23
N ALA D 110 7.64 40.78 15.31
CA ALA D 110 8.36 42.02 15.51
C ALA D 110 9.45 42.21 14.45
N LEU D 111 10.06 41.12 13.99
CA LEU D 111 11.02 41.25 12.90
C LEU D 111 10.33 41.70 11.63
N VAL D 112 9.13 41.17 11.39
CA VAL D 112 8.36 41.62 10.22
C VAL D 112 7.96 43.08 10.39
N ALA D 113 7.66 43.50 11.62
CA ALA D 113 7.15 44.85 11.85
C ALA D 113 8.24 45.92 11.81
N ASP D 114 9.41 45.64 12.40
CA ASP D 114 10.42 46.66 12.63
C ASP D 114 11.72 46.42 11.88
N TYR D 115 11.95 45.23 11.34
CA TYR D 115 13.15 44.94 10.54
C TYR D 115 12.76 44.20 9.26
N PRO D 116 11.85 44.75 8.46
CA PRO D 116 11.41 44.00 7.28
C PRO D 116 12.54 43.74 6.30
N THR D 117 13.47 44.69 6.17
CA THR D 117 14.65 44.51 5.31
C THR D 117 15.36 43.19 5.61
N ARG D 118 15.37 42.78 6.87
CA ARG D 118 16.11 41.61 7.28
C ARG D 118 15.33 40.31 7.10
N VAL D 119 14.06 40.38 6.71
CA VAL D 119 13.21 39.18 6.61
C VAL D 119 12.94 38.90 5.14
N ARG D 120 13.47 37.77 4.66
CA ARG D 120 13.05 37.28 3.35
C ARG D 120 11.67 36.65 3.45
N ASN D 121 11.40 35.96 4.55
CA ASN D 121 10.18 35.20 4.76
C ASN D 121 10.10 34.80 6.23
N ALA D 122 8.90 34.93 6.82
CA ALA D 122 8.68 34.65 8.22
C ALA D 122 7.68 33.52 8.40
N LEU D 123 7.92 32.69 9.41
CA LEU D 123 7.04 31.60 9.80
C LEU D 123 6.81 31.70 11.30
N ALA D 124 5.58 32.04 11.69
CA ALA D 124 5.20 32.19 13.07
C ALA D 124 4.30 31.02 13.46
N HIS D 125 4.44 30.57 14.70
CA HIS D 125 3.72 29.40 15.19
C HIS D 125 3.23 29.66 16.61
N GLU D 126 1.93 29.59 16.83
CA GLU D 126 1.34 29.69 18.16
C GLU D 126 1.87 30.90 18.93
N VAL D 127 1.40 32.08 18.51
CA VAL D 127 1.86 33.34 19.08
C VAL D 127 0.94 33.76 20.23
N PRO D 128 1.47 34.06 21.41
CA PRO D 128 0.66 34.59 22.51
C PRO D 128 0.36 36.06 22.25
N THR D 129 -0.92 36.42 22.22
CA THR D 129 -1.27 37.83 22.16
C THR D 129 -1.86 38.31 23.46
N TYR D 130 -2.29 37.40 24.34
CA TYR D 130 -2.99 37.76 25.57
C TYR D 130 -2.42 37.01 26.77
N LEU D 131 -2.90 37.38 27.96
CA LEU D 131 -2.48 36.74 29.19
C LEU D 131 -3.14 35.39 29.26
N MET D 132 -2.40 34.39 29.65
CA MET D 132 -3.08 33.12 29.59
C MET D 132 -3.51 32.73 31.04
N GLU D 133 -3.07 31.59 31.66
CA GLU D 133 -3.80 31.29 32.98
C GLU D 133 -3.87 32.32 34.15
N ASP D 134 -3.41 33.55 34.18
CA ASP D 134 -3.18 34.59 35.19
C ASP D 134 -1.81 34.31 35.75
N LEU D 135 -1.41 33.02 35.80
CA LEU D 135 -0.20 32.59 36.48
C LEU D 135 0.13 33.34 37.77
N LYS D 136 -0.72 34.29 38.24
CA LYS D 136 -0.47 34.90 39.54
C LYS D 136 -0.17 33.78 40.53
N PRO D 137 -0.96 32.68 40.59
CA PRO D 137 -0.53 31.55 41.41
C PRO D 137 0.84 30.98 41.05
N LEU D 138 1.18 30.91 39.74
CA LEU D 138 2.41 30.22 39.37
C LEU D 138 3.65 30.97 39.83
N LEU D 139 3.58 32.30 39.90
CA LEU D 139 4.78 33.09 40.15
C LEU D 139 5.04 33.29 41.64
N GLU D 140 4.03 33.05 42.47
CA GLU D 140 4.12 33.18 43.92
C GLU D 140 4.85 32.00 44.55
N MET D 141 4.93 30.88 43.86
CA MET D 141 5.74 29.76 44.31
C MET D 141 7.18 29.98 43.90
N ASP D 142 8.11 29.42 44.69
CA ASP D 142 9.50 29.76 44.54
C ASP D 142 10.13 29.01 43.38
N ASP D 143 11.14 29.64 42.77
CA ASP D 143 11.93 29.15 41.63
C ASP D 143 12.06 27.63 41.48
N GLU D 144 12.48 26.91 42.52
CA GLU D 144 12.63 25.47 42.31
C GLU D 144 11.29 24.74 42.28
N ALA D 145 10.24 25.29 42.89
CA ALA D 145 8.93 24.67 42.81
C ALA D 145 8.27 24.94 41.47
N VAL D 146 8.50 26.11 40.88
CA VAL D 146 7.97 26.39 39.56
C VAL D 146 8.55 25.43 38.52
N SER D 147 9.84 25.14 38.63
CA SER D 147 10.49 24.24 37.68
C SER D 147 9.81 22.88 37.65
N ALA D 148 9.49 22.33 38.82
CA ALA D 148 8.91 20.99 38.89
C ALA D 148 7.53 20.93 38.25
N ALA D 149 6.65 21.88 38.60
CA ALA D 149 5.28 21.87 38.09
C ALA D 149 5.24 22.00 36.57
N MET D 150 5.98 22.96 36.03
CA MET D 150 5.96 23.18 34.59
C MET D 150 6.62 22.01 33.86
N SER D 151 7.70 21.48 34.42
CA SER D 151 8.37 20.35 33.79
C SER D 151 7.47 19.13 33.69
N SER D 152 6.72 18.82 34.77
CA SER D 152 5.81 17.70 34.72
C SER D 152 4.60 18.00 33.85
N ASN D 153 4.14 19.26 33.86
CA ASN D 153 2.94 19.65 33.11
C ASN D 153 3.23 20.48 31.87
N VAL D 154 3.91 19.91 30.89
CA VAL D 154 4.16 20.61 29.62
C VAL D 154 4.12 19.57 28.52
N VAL D 155 4.40 18.33 28.88
CA VAL D 155 4.47 17.30 27.86
C VAL D 155 3.07 16.89 27.45
N VAL D 156 2.14 16.84 28.39
CA VAL D 156 0.75 16.52 28.06
C VAL D 156 -0.03 17.79 27.68
N GLY D 157 0.25 18.92 28.33
CA GLY D 157 -0.36 20.20 27.97
C GLY D 157 0.14 20.92 26.74
N SER D 158 1.45 21.13 26.65
CA SER D 158 1.98 21.87 25.50
C SER D 158 2.63 20.97 24.45
N VAL D 159 3.30 19.89 24.85
CA VAL D 159 3.93 19.02 23.88
C VAL D 159 2.89 18.01 23.39
N GLY D 160 3.17 17.37 22.26
CA GLY D 160 2.23 16.45 21.66
C GLY D 160 2.23 15.11 22.38
N ASP D 161 1.59 14.13 21.75
CA ASP D 161 1.42 12.83 22.39
C ASP D 161 2.46 11.79 21.98
N ILE D 162 3.56 12.19 21.35
CA ILE D 162 4.67 11.28 21.15
C ILE D 162 5.69 11.81 22.16
N GLU D 163 5.42 11.51 23.45
CA GLU D 163 6.23 12.10 24.50
C GLU D 163 7.54 11.40 24.67
N GLY D 164 7.89 10.53 23.71
CA GLY D 164 9.15 9.89 23.73
C GLY D 164 10.13 10.79 23.02
N SER D 165 9.58 11.68 22.20
CA SER D 165 10.41 12.67 21.53
C SER D 165 10.85 13.75 22.50
N TRP D 166 10.04 14.04 23.52
CA TRP D 166 10.40 15.03 24.53
C TRP D 166 11.52 14.52 25.43
N GLN D 167 11.46 13.24 25.78
CA GLN D 167 12.43 12.67 26.70
C GLN D 167 13.77 12.41 26.03
N GLU D 168 13.77 12.11 24.75
CA GLU D 168 15.00 11.83 24.01
C GLU D 168 15.79 13.12 23.65
N LEU D 169 15.38 14.28 24.16
CA LEU D 169 16.20 15.50 24.03
C LEU D 169 17.49 15.42 24.82
N GLY D 170 17.57 14.50 25.77
CA GLY D 170 18.73 14.29 26.59
C GLY D 170 18.53 14.91 27.97
N GLU D 171 19.33 14.46 28.93
CA GLU D 171 19.21 15.07 30.26
C GLU D 171 20.05 16.32 30.39
N GLU D 172 21.13 16.46 29.60
CA GLU D 172 21.80 17.75 29.55
C GLU D 172 20.81 18.84 29.17
N ALA D 173 19.99 18.58 28.15
CA ALA D 173 18.96 19.55 27.76
C ALA D 173 17.90 19.69 28.83
N HIS D 174 17.49 18.59 29.47
CA HIS D 174 16.42 18.71 30.46
C HIS D 174 16.88 19.40 31.73
N ALA D 175 18.17 19.32 32.04
CA ALA D 175 18.71 20.07 33.16
C ALA D 175 18.68 21.56 32.87
N ARG D 176 19.07 21.95 31.65
CA ARG D 176 18.98 23.35 31.26
C ARG D 176 17.54 23.85 31.30
N LEU D 177 16.60 23.01 30.85
CA LEU D 177 15.19 23.41 30.85
C LEU D 177 14.69 23.61 32.27
N TRP D 178 15.16 22.77 33.19
CA TRP D 178 14.76 22.90 34.58
C TRP D 178 15.10 24.29 35.11
N LYS D 179 16.30 24.79 34.78
CA LYS D 179 16.69 26.13 35.20
C LYS D 179 15.96 27.21 34.42
N ASN D 180 15.54 26.91 33.19
CA ASN D 180 14.91 27.91 32.33
C ASN D 180 13.48 28.21 32.76
N TYR D 181 12.75 27.19 33.22
CA TYR D 181 11.32 27.34 33.52
C TYR D 181 11.02 28.55 34.40
N PRO D 182 11.67 28.75 35.55
CA PRO D 182 11.34 29.95 36.34
C PRO D 182 11.75 31.23 35.66
N ARG D 183 12.88 31.23 34.94
CA ARG D 183 13.30 32.47 34.28
C ARG D 183 12.28 32.87 33.23
N TRP D 184 11.79 31.90 32.46
CA TRP D 184 10.76 32.20 31.49
C TRP D 184 9.48 32.67 32.15
N ALA D 185 9.06 31.99 33.21
CA ALA D 185 7.77 32.30 33.84
C ALA D 185 7.72 33.72 34.37
N ARG D 186 8.82 34.17 34.96
CA ARG D 186 8.88 35.47 35.61
C ARG D 186 9.24 36.59 34.64
N GLY D 187 9.68 36.25 33.43
CA GLY D 187 10.16 37.21 32.45
C GLY D 187 9.32 37.35 31.21
N TYR D 188 8.53 36.32 30.88
CA TYR D 188 7.89 36.29 29.56
C TYR D 188 6.37 36.47 29.56
N PRO D 189 5.58 35.58 30.19
CA PRO D 189 4.13 35.58 29.93
C PRO D 189 3.44 36.85 30.35
N GLY D 190 3.95 37.51 31.38
CA GLY D 190 3.36 38.77 31.77
C GLY D 190 3.79 39.98 30.98
N TYR D 191 4.64 39.81 29.97
CA TYR D 191 5.23 40.98 29.31
C TYR D 191 5.21 40.89 27.80
N ILE D 192 5.37 39.71 27.21
CA ILE D 192 5.51 39.63 25.76
C ILE D 192 4.16 39.63 25.03
N PRO D 193 3.09 38.98 25.53
CA PRO D 193 1.88 38.90 24.70
C PRO D 193 1.25 40.25 24.40
N GLN D 194 1.27 41.17 25.37
CA GLN D 194 0.74 42.51 25.13
C GLN D 194 1.57 43.25 24.09
N SER D 195 2.85 42.91 23.94
CA SER D 195 3.76 43.63 23.06
C SER D 195 3.77 43.08 21.64
N THR D 196 3.08 41.99 21.37
CA THR D 196 3.20 41.35 20.08
C THR D 196 2.62 42.22 18.98
N PRO D 197 3.41 42.63 18.01
CA PRO D 197 2.84 43.46 16.93
C PRO D 197 1.99 42.64 15.98
N VAL D 198 0.73 42.44 16.33
CA VAL D 198 -0.23 41.89 15.39
C VAL D 198 -1.00 43.01 14.69
N SER D 199 -0.48 44.22 14.69
CA SER D 199 -1.15 45.29 13.98
C SER D 199 -1.21 45.00 12.48
N LYS D 200 -2.39 45.17 11.88
CA LYS D 200 -2.58 44.91 10.46
C LYS D 200 -1.48 45.40 9.53
N GLU D 201 -1.07 46.65 9.68
CA GLU D 201 -0.02 47.17 8.84
C GLU D 201 1.30 46.48 9.02
N ASP D 202 1.56 45.88 10.17
CA ASP D 202 2.86 45.27 10.37
C ASP D 202 2.94 43.86 9.78
N LEU D 203 1.82 43.14 9.67
CA LEU D 203 1.92 41.76 9.21
C LEU D 203 2.12 41.67 7.71
N ILE D 204 1.87 42.75 6.97
CA ILE D 204 2.01 42.74 5.53
C ILE D 204 3.34 43.33 5.07
N LYS D 205 4.18 43.82 6.00
CA LYS D 205 5.46 44.44 5.68
C LYS D 205 6.50 43.44 5.17
N ALA D 206 6.16 42.16 5.14
CA ALA D 206 7.07 41.11 4.70
C ALA D 206 6.27 39.81 4.61
N PRO D 207 6.75 38.84 3.82
CA PRO D 207 6.03 37.57 3.71
C PRO D 207 6.01 36.82 5.03
N LEU D 208 4.83 36.29 5.36
CA LEU D 208 4.59 35.62 6.63
C LEU D 208 3.58 34.50 6.40
N ASP D 209 3.90 33.32 6.95
CA ASP D 209 2.97 32.19 6.99
C ASP D 209 2.80 31.78 8.44
N TRP D 210 1.57 31.44 8.80
CA TRP D 210 1.16 31.31 10.20
C TRP D 210 0.66 29.89 10.42
N THR D 211 0.97 29.35 11.60
CA THR D 211 0.63 27.96 11.91
C THR D 211 0.21 27.85 13.37
N VAL D 212 -0.67 26.88 13.61
CA VAL D 212 -1.06 26.44 14.94
C VAL D 212 -1.00 24.92 14.97
N GLY D 213 -0.67 24.36 16.13
CA GLY D 213 -0.63 22.92 16.24
C GLY D 213 -1.98 22.29 15.99
N ALA D 214 -2.01 21.23 15.19
CA ALA D 214 -3.29 20.60 14.81
C ALA D 214 -4.01 20.03 16.01
N SER D 215 -3.30 19.67 17.08
CA SER D 215 -3.87 19.00 18.24
C SER D 215 -4.02 19.91 19.45
N THR D 216 -3.65 21.18 19.35
CA THR D 216 -3.84 22.12 20.44
C THR D 216 -5.33 22.47 20.57
N PRO D 217 -5.84 22.64 21.78
CA PRO D 217 -7.24 23.05 21.93
C PRO D 217 -7.52 24.33 21.14
N THR D 218 -8.67 24.35 20.45
CA THR D 218 -8.99 25.45 19.54
C THR D 218 -8.93 26.79 20.25
N ALA D 219 -9.34 26.82 21.52
CA ALA D 219 -9.46 28.08 22.24
C ALA D 219 -8.12 28.73 22.54
N ARG D 220 -7.04 27.95 22.60
CA ARG D 220 -5.78 28.48 23.10
C ARG D 220 -5.20 29.54 22.17
N PHE D 221 -5.13 29.22 20.87
CA PHE D 221 -4.56 30.15 19.88
C PHE D 221 -5.57 30.49 18.78
N LEU D 222 -6.85 30.57 19.15
CA LEU D 222 -7.90 30.96 18.20
C LEU D 222 -7.65 32.35 17.62
N ASP D 223 -7.18 33.29 18.44
CA ASP D 223 -6.89 34.64 17.95
C ASP D 223 -5.91 34.62 16.78
N ASN D 224 -4.97 33.66 16.79
CA ASN D 224 -4.04 33.51 15.68
C ASN D 224 -4.77 33.17 14.39
N ILE D 225 -5.76 32.28 14.47
CA ILE D 225 -6.49 31.87 13.27
C ILE D 225 -7.27 33.05 12.71
N VAL D 226 -7.92 33.81 13.58
CA VAL D 226 -8.67 34.98 13.11
C VAL D 226 -7.73 36.02 12.52
N THR D 227 -6.65 36.34 13.24
CA THR D 227 -5.71 37.33 12.74
C THR D 227 -5.21 36.96 11.35
N ALA D 228 -4.77 35.70 11.17
CA ALA D 228 -4.21 35.28 9.89
C ALA D 228 -5.27 35.26 8.79
N THR D 229 -6.51 34.90 9.12
CA THR D 229 -7.57 34.83 8.11
C THR D 229 -8.05 36.22 7.72
N LYS D 230 -8.04 37.14 8.67
CA LYS D 230 -8.53 38.48 8.40
C LYS D 230 -7.66 39.21 7.40
N HIS D 231 -6.47 38.67 7.11
CA HIS D 231 -5.53 39.42 6.30
C HIS D 231 -4.93 38.54 5.19
N ASN D 232 -5.57 37.40 4.87
CA ASN D 232 -5.08 36.42 3.91
C ASN D 232 -3.59 36.16 4.11
N ILE D 233 -3.17 36.12 5.37
CA ILE D 233 -1.86 35.59 5.70
C ILE D 233 -2.02 34.06 5.66
N PRO D 234 -1.25 33.35 4.83
CA PRO D 234 -1.48 31.92 4.68
C PRO D 234 -1.41 31.20 6.02
N PHE D 235 -2.45 30.39 6.27
CA PHE D 235 -2.60 29.69 7.54
C PHE D 235 -2.81 28.21 7.28
N GLN D 236 -2.37 27.39 8.24
CA GLN D 236 -2.30 25.96 8.09
C GLN D 236 -2.06 25.35 9.47
N THR D 237 -2.40 24.08 9.63
CA THR D 237 -2.08 23.35 10.85
C THR D 237 -0.85 22.49 10.63
N LEU D 238 0.03 22.43 11.62
CA LEU D 238 1.05 21.39 11.57
C LEU D 238 0.72 20.31 12.59
N PRO D 239 1.21 19.08 12.39
CA PRO D 239 0.99 18.04 13.39
C PRO D 239 1.61 18.43 14.72
N GLY D 240 1.19 17.74 15.77
CA GLY D 240 1.64 18.04 17.11
C GLY D 240 0.92 19.25 17.67
N MET D 241 1.46 19.80 18.76
CA MET D 241 0.85 20.95 19.41
C MET D 241 1.87 22.08 19.47
N HIS D 242 2.52 22.30 20.62
CA HIS D 242 3.32 23.50 20.80
C HIS D 242 4.74 23.32 20.27
N PHE D 243 5.22 22.09 20.19
CA PHE D 243 6.60 21.82 19.80
C PHE D 243 6.63 20.88 18.59
N PRO D 244 6.20 21.35 17.41
CA PRO D 244 6.24 20.48 16.23
C PRO D 244 7.65 20.10 15.79
N TYR D 245 8.66 20.88 16.14
CA TYR D 245 10.03 20.53 15.79
C TYR D 245 10.62 19.43 16.65
N VAL D 246 9.96 19.09 17.76
CA VAL D 246 10.42 18.00 18.61
C VAL D 246 9.66 16.71 18.32
N THR D 247 8.35 16.82 18.14
CA THR D 247 7.48 15.67 17.98
C THR D 247 7.36 15.22 16.54
N HIS D 248 7.54 16.11 15.58
CA HIS D 248 7.37 15.78 14.16
C HIS D 248 8.47 16.48 13.36
N PRO D 249 9.73 16.06 13.56
CA PRO D 249 10.86 16.80 12.96
C PRO D 249 10.87 16.75 11.45
N GLU D 250 10.46 15.61 10.87
CA GLU D 250 10.51 15.48 9.42
C GLU D 250 9.44 16.35 8.78
N VAL D 251 8.21 16.29 9.29
CA VAL D 251 7.12 17.11 8.76
C VAL D 251 7.40 18.59 8.99
N PHE D 252 7.99 18.92 10.15
CA PHE D 252 8.36 20.31 10.41
C PHE D 252 9.35 20.79 9.37
N ALA D 253 10.36 19.97 9.08
CA ALA D 253 11.38 20.34 8.11
C ALA D 253 10.78 20.57 6.73
N GLU D 254 9.88 19.68 6.28
CA GLU D 254 9.25 19.89 4.98
C GLU D 254 8.51 21.22 4.97
N TYR D 255 7.80 21.52 6.06
CA TYR D 255 7.06 22.77 6.14
C TYR D 255 8.01 23.94 5.95
N VAL D 256 9.12 23.95 6.71
CA VAL D 256 10.06 25.06 6.64
C VAL D 256 10.69 25.13 5.25
N VAL D 257 11.10 23.97 4.70
CA VAL D 257 11.77 23.97 3.41
C VAL D 257 10.79 24.37 2.30
N GLU D 258 9.54 23.91 2.39
CA GLU D 258 8.53 24.35 1.43
C GLU D 258 8.36 25.86 1.46
N LYS D 259 8.19 26.40 2.66
CA LYS D 259 7.87 27.82 2.79
C LYS D 259 9.08 28.70 2.48
N THR D 260 10.30 28.27 2.82
CA THR D 260 11.46 29.07 2.48
C THR D 260 11.71 29.04 0.97
N ARG D 261 11.52 27.88 0.34
CA ARG D 261 11.67 27.82 -1.11
C ARG D 261 10.58 28.60 -1.82
N LYS D 262 9.44 28.80 -1.17
CA LYS D 262 8.34 29.54 -1.79
C LYS D 262 8.70 30.99 -2.07
N TYR D 263 9.63 31.58 -1.32
CA TYR D 263 9.92 33.00 -1.46
C TYR D 263 11.32 33.32 -1.97
N LEU D 264 12.04 32.33 -2.51
CA LEU D 264 13.37 32.57 -3.06
C LEU D 264 13.34 32.89 -4.54
N MET E 1 -36.67 -37.60 11.45
CA MET E 1 -35.88 -36.49 10.93
C MET E 1 -35.07 -36.92 9.72
N ARG E 2 -35.28 -36.23 8.60
CA ARG E 2 -34.62 -36.53 7.34
C ARG E 2 -34.99 -37.94 6.87
N THR E 3 -36.02 -37.99 6.03
CA THR E 3 -36.47 -39.26 5.49
C THR E 3 -35.60 -39.56 4.28
N ARG E 4 -35.04 -40.75 4.22
CA ARG E 4 -34.42 -41.23 2.98
C ARG E 4 -35.06 -42.57 2.68
N SER E 5 -35.70 -42.66 1.51
CA SER E 5 -36.49 -43.83 1.16
C SER E 5 -36.61 -43.91 -0.35
N ASN E 6 -37.29 -44.94 -0.83
CA ASN E 6 -37.52 -45.13 -2.25
C ASN E 6 -39.02 -45.23 -2.52
N ILE E 7 -39.40 -45.00 -3.76
CA ILE E 7 -40.80 -45.02 -4.16
C ILE E 7 -40.86 -45.16 -5.68
N THR E 8 -41.77 -46.00 -6.15
CA THR E 8 -41.91 -46.28 -7.57
C THR E 8 -43.16 -45.58 -8.08
N THR E 9 -42.99 -44.66 -9.01
CA THR E 9 -44.15 -44.01 -9.59
C THR E 9 -44.75 -44.94 -10.63
N LYS E 10 -46.00 -44.65 -11.02
CA LYS E 10 -46.65 -45.56 -11.97
C LYS E 10 -46.05 -45.47 -13.37
N ASN E 11 -45.22 -44.46 -13.65
CA ASN E 11 -44.52 -44.40 -14.93
C ASN E 11 -43.24 -45.24 -14.95
N GLY E 12 -42.94 -45.94 -13.86
CA GLY E 12 -41.84 -46.88 -13.83
C GLY E 12 -40.54 -46.37 -13.25
N ILE E 13 -40.46 -45.10 -12.83
CA ILE E 13 -39.23 -44.53 -12.31
C ILE E 13 -39.10 -44.95 -10.84
N HIS E 14 -38.01 -45.64 -10.51
CA HIS E 14 -37.74 -46.05 -9.14
C HIS E 14 -36.92 -44.95 -8.49
N TRP E 15 -37.62 -43.98 -7.92
CA TRP E 15 -36.96 -42.82 -7.34
C TRP E 15 -36.23 -43.16 -6.05
N TYR E 16 -35.23 -42.35 -5.76
CA TYR E 16 -34.71 -42.19 -4.41
C TYR E 16 -35.00 -40.75 -4.01
N TYR E 17 -35.71 -40.57 -2.89
CA TYR E 17 -36.12 -39.23 -2.48
C TYR E 17 -35.74 -39.01 -1.02
N GLU E 18 -35.69 -37.74 -0.65
CA GLU E 18 -35.44 -37.34 0.72
C GLU E 18 -36.41 -36.24 1.12
N GLN E 19 -36.84 -36.27 2.38
CA GLN E 19 -37.61 -35.19 2.96
C GLN E 19 -37.14 -34.92 4.37
N GLU E 20 -37.32 -33.68 4.80
CA GLU E 20 -36.99 -33.25 6.15
C GLU E 20 -37.86 -32.05 6.47
N GLY E 21 -38.40 -32.00 7.68
CA GLY E 21 -39.20 -30.89 8.14
C GLY E 21 -40.68 -31.14 7.96
N SER E 22 -41.45 -30.18 8.47
CA SER E 22 -42.90 -30.18 8.35
C SER E 22 -43.38 -28.75 8.13
N GLY E 23 -44.44 -28.61 7.37
CA GLY E 23 -44.94 -27.30 7.02
C GLY E 23 -45.34 -27.24 5.57
N PRO E 24 -45.40 -26.03 5.02
CA PRO E 24 -45.64 -25.90 3.58
C PRO E 24 -44.54 -26.61 2.80
N HIS E 25 -44.88 -27.06 1.59
CA HIS E 25 -43.95 -27.87 0.82
C HIS E 25 -42.96 -27.02 0.03
N VAL E 26 -41.70 -27.43 0.05
CA VAL E 26 -40.66 -26.85 -0.77
C VAL E 26 -39.98 -28.01 -1.49
N VAL E 27 -40.15 -28.10 -2.80
CA VAL E 27 -39.52 -29.13 -3.61
C VAL E 27 -38.27 -28.54 -4.25
N LEU E 28 -37.14 -29.22 -4.07
CA LEU E 28 -35.86 -28.81 -4.64
C LEU E 28 -35.51 -29.79 -5.75
N ILE E 29 -35.75 -29.38 -6.99
CA ILE E 29 -35.46 -30.23 -8.16
C ILE E 29 -33.98 -30.09 -8.53
N PRO E 30 -33.26 -31.20 -8.68
CA PRO E 30 -31.83 -31.11 -9.02
C PRO E 30 -31.58 -30.53 -10.41
N ASP E 31 -30.30 -30.33 -10.73
CA ASP E 31 -29.86 -29.80 -12.00
C ASP E 31 -29.88 -30.91 -13.05
N GLY E 32 -29.12 -30.71 -14.14
CA GLY E 32 -29.05 -31.74 -15.17
C GLY E 32 -28.45 -33.04 -14.66
N LEU E 33 -27.41 -32.94 -13.83
CA LEU E 33 -26.71 -34.12 -13.32
C LEU E 33 -27.56 -34.91 -12.35
N GLY E 34 -28.64 -34.31 -11.84
CA GLY E 34 -29.65 -35.04 -11.08
C GLY E 34 -29.15 -35.69 -9.81
N GLU E 35 -28.22 -35.04 -9.10
CA GLU E 35 -27.64 -35.57 -7.88
C GLU E 35 -28.09 -34.70 -6.70
N CYS E 36 -28.93 -35.26 -5.81
CA CYS E 36 -29.51 -34.46 -4.73
C CYS E 36 -28.67 -34.47 -3.45
N LYS E 37 -27.49 -35.08 -3.44
CA LYS E 37 -26.57 -34.82 -2.33
C LYS E 37 -26.23 -33.34 -2.27
N MET E 38 -26.23 -32.66 -3.42
CA MET E 38 -25.95 -31.24 -3.48
C MET E 38 -26.96 -30.40 -2.69
N PHE E 39 -28.05 -30.99 -2.24
CA PHE E 39 -29.04 -30.28 -1.46
C PHE E 39 -28.95 -30.64 0.02
N ASP E 40 -28.04 -31.53 0.40
CA ASP E 40 -28.00 -32.07 1.75
C ASP E 40 -27.96 -30.96 2.79
N LYS E 41 -26.96 -30.09 2.68
CA LYS E 41 -26.78 -29.05 3.70
C LYS E 41 -27.91 -28.04 3.70
N PRO E 42 -28.23 -27.37 2.58
CA PRO E 42 -29.29 -26.34 2.64
C PRO E 42 -30.67 -26.89 2.93
N MET E 43 -30.90 -28.18 2.67
CA MET E 43 -32.22 -28.74 2.90
C MET E 43 -32.61 -28.69 4.38
N SER E 44 -31.65 -28.97 5.26
CA SER E 44 -31.92 -28.88 6.69
C SER E 44 -32.24 -27.44 7.10
N LEU E 45 -31.54 -26.47 6.48
CA LEU E 45 -31.74 -25.07 6.87
C LEU E 45 -33.10 -24.55 6.41
N ILE E 46 -33.55 -24.96 5.22
CA ILE E 46 -34.89 -24.59 4.77
C ILE E 46 -35.94 -25.24 5.64
N ALA E 47 -35.73 -26.51 6.03
CA ALA E 47 -36.68 -27.18 6.90
C ALA E 47 -36.77 -26.48 8.24
N ASN E 48 -35.64 -26.03 8.76
CA ASN E 48 -35.59 -25.37 10.05
C ASN E 48 -36.35 -24.05 10.07
N SER E 49 -36.78 -23.54 8.93
CA SER E 49 -37.63 -22.37 8.89
C SER E 49 -39.10 -22.73 8.83
N GLY E 50 -39.43 -24.01 8.94
CA GLY E 50 -40.82 -24.42 9.05
C GLY E 50 -41.45 -24.88 7.75
N PHE E 51 -40.75 -25.76 7.02
CA PHE E 51 -41.24 -26.25 5.74
C PHE E 51 -40.95 -27.73 5.63
N THR E 52 -41.83 -28.43 4.90
CA THR E 52 -41.55 -29.78 4.45
C THR E 52 -40.72 -29.66 3.18
N VAL E 53 -39.44 -30.02 3.26
CA VAL E 53 -38.53 -29.95 2.13
C VAL E 53 -38.41 -31.33 1.50
N THR E 54 -38.62 -31.39 0.19
CA THR E 54 -38.56 -32.64 -0.56
C THR E 54 -37.50 -32.51 -1.64
N THR E 55 -36.63 -33.52 -1.75
CA THR E 55 -35.66 -33.61 -2.84
C THR E 55 -35.52 -35.07 -3.24
N PHE E 56 -34.83 -35.30 -4.35
CA PHE E 56 -34.75 -36.63 -4.93
C PHE E 56 -33.70 -36.62 -6.02
N ASP E 57 -33.22 -37.81 -6.38
CA ASP E 57 -32.41 -37.94 -7.59
C ASP E 57 -33.33 -38.04 -8.81
N MET E 58 -32.85 -37.52 -9.93
CA MET E 58 -33.66 -37.40 -11.14
C MET E 58 -33.65 -38.73 -11.91
N PRO E 59 -34.68 -38.96 -12.74
CA PRO E 59 -34.82 -40.27 -13.41
C PRO E 59 -33.59 -40.63 -14.23
N GLY E 60 -33.06 -41.83 -13.98
CA GLY E 60 -31.88 -42.33 -14.66
C GLY E 60 -30.57 -41.88 -14.09
N MET E 61 -30.58 -40.97 -13.10
CA MET E 61 -29.36 -40.42 -12.52
C MET E 61 -29.21 -40.88 -11.07
N SER E 62 -27.98 -41.23 -10.71
CA SER E 62 -27.60 -41.54 -9.33
C SER E 62 -28.52 -42.65 -8.82
N ARG E 63 -29.15 -42.48 -7.66
CA ARG E 63 -29.93 -43.55 -7.03
C ARG E 63 -31.33 -43.67 -7.60
N SER E 64 -31.67 -42.86 -8.61
CA SER E 64 -32.88 -43.05 -9.41
C SER E 64 -32.56 -43.65 -10.77
N SER E 65 -31.52 -44.49 -10.84
CA SER E 65 -31.01 -44.96 -12.12
C SER E 65 -31.90 -46.01 -12.79
N GLU E 66 -32.79 -46.66 -12.06
CA GLU E 66 -33.68 -47.65 -12.66
C GLU E 66 -34.90 -46.92 -13.20
N ALA E 67 -34.82 -46.47 -14.45
CA ALA E 67 -35.93 -45.75 -15.06
C ALA E 67 -35.98 -46.11 -16.53
N PRO E 68 -37.14 -46.04 -17.16
CA PRO E 68 -37.21 -46.35 -18.58
C PRO E 68 -36.41 -45.34 -19.39
N PRO E 69 -35.91 -45.74 -20.55
CA PRO E 69 -35.09 -44.83 -21.36
C PRO E 69 -35.74 -43.47 -21.65
N GLU E 70 -37.03 -43.42 -22.05
CA GLU E 70 -37.63 -42.10 -22.31
C GLU E 70 -37.42 -41.10 -21.19
N THR E 71 -37.19 -41.56 -19.95
CA THR E 71 -37.06 -40.60 -18.87
C THR E 71 -35.67 -40.00 -18.75
N TYR E 72 -34.68 -40.50 -19.49
CA TYR E 72 -33.38 -39.83 -19.51
C TYR E 72 -32.82 -39.73 -20.92
N GLN E 73 -33.67 -39.83 -21.93
CA GLN E 73 -33.26 -39.68 -23.32
C GLN E 73 -34.27 -38.80 -24.02
N GLU E 74 -33.78 -37.97 -24.92
CA GLU E 74 -34.58 -36.96 -25.61
C GLU E 74 -35.47 -36.22 -24.60
N ILE E 75 -34.81 -35.58 -23.63
CA ILE E 75 -35.50 -34.99 -22.49
C ILE E 75 -35.98 -33.58 -22.83
N THR E 76 -37.26 -33.33 -22.59
CA THR E 76 -37.85 -32.01 -22.68
C THR E 76 -38.28 -31.54 -21.29
N ALA E 77 -38.49 -30.23 -21.18
CA ALA E 77 -38.99 -29.67 -19.93
C ALA E 77 -40.33 -30.27 -19.58
N GLN E 78 -41.09 -30.68 -20.60
CA GLN E 78 -42.40 -31.24 -20.35
C GLN E 78 -42.34 -32.68 -19.86
N LYS E 79 -41.35 -33.45 -20.31
CA LYS E 79 -41.16 -34.78 -19.73
C LYS E 79 -40.76 -34.69 -18.27
N LEU E 80 -39.80 -33.81 -17.95
CA LEU E 80 -39.34 -33.69 -16.57
C LEU E 80 -40.45 -33.17 -15.65
N ALA E 81 -41.22 -32.18 -16.11
CA ALA E 81 -42.33 -31.70 -15.30
C ALA E 81 -43.32 -32.83 -15.05
N SER E 82 -43.59 -33.64 -16.06
CA SER E 82 -44.43 -34.82 -15.90
C SER E 82 -43.89 -35.74 -14.80
N TYR E 83 -42.58 -35.96 -14.78
CA TYR E 83 -42.00 -36.86 -13.78
C TYR E 83 -42.08 -36.26 -12.38
N VAL E 84 -41.84 -34.96 -12.25
CA VAL E 84 -41.89 -34.33 -10.93
C VAL E 84 -43.31 -34.29 -10.40
N ILE E 85 -44.31 -34.14 -11.27
CA ILE E 85 -45.69 -34.19 -10.80
C ILE E 85 -46.04 -35.59 -10.32
N SER E 86 -45.48 -36.61 -10.97
CA SER E 86 -45.74 -37.99 -10.60
C SER E 86 -45.30 -38.31 -9.17
N ILE E 87 -44.05 -37.96 -8.83
CA ILE E 87 -43.59 -38.21 -7.46
C ILE E 87 -44.27 -37.26 -6.49
N CYS E 88 -44.62 -36.06 -6.93
CA CYS E 88 -45.37 -35.15 -6.06
C CYS E 88 -46.73 -35.73 -5.73
N ASP E 89 -47.34 -36.45 -6.67
CA ASP E 89 -48.58 -37.16 -6.36
C ASP E 89 -48.34 -38.28 -5.36
N GLU E 90 -47.28 -39.06 -5.55
CA GLU E 90 -47.02 -40.19 -4.65
C GLU E 90 -46.68 -39.77 -3.22
N LEU E 91 -46.27 -38.52 -3.00
CA LEU E 91 -45.93 -38.05 -1.66
C LEU E 91 -46.98 -37.10 -1.11
N ALA E 92 -48.15 -37.05 -1.74
CA ALA E 92 -49.29 -36.25 -1.29
C ALA E 92 -48.98 -34.75 -1.27
N ILE E 93 -48.11 -34.28 -2.16
CA ILE E 93 -47.77 -32.86 -2.25
C ILE E 93 -48.78 -32.22 -3.20
N ASP E 94 -49.78 -31.51 -2.63
CA ASP E 94 -50.83 -30.93 -3.44
C ASP E 94 -50.33 -29.68 -4.19
N LYS E 95 -49.60 -28.83 -3.48
CA LYS E 95 -49.01 -27.57 -3.84
C LYS E 95 -47.72 -27.34 -3.10
N ALA E 96 -46.77 -26.80 -3.84
CA ALA E 96 -45.44 -26.61 -3.33
C ALA E 96 -44.85 -25.40 -4.01
N THR E 97 -43.75 -24.97 -3.42
CA THR E 97 -42.79 -24.09 -4.04
C THR E 97 -41.73 -24.95 -4.67
N PHE E 98 -41.42 -24.70 -5.94
CA PHE E 98 -40.47 -25.53 -6.69
C PHE E 98 -39.23 -24.73 -7.02
N TRP E 99 -38.06 -25.28 -6.70
CA TRP E 99 -36.76 -24.75 -7.08
C TRP E 99 -36.15 -25.61 -8.18
N GLY E 100 -35.50 -24.95 -9.14
CA GLY E 100 -34.83 -25.65 -10.22
C GLY E 100 -33.73 -24.88 -10.91
N CYS E 101 -32.56 -25.49 -11.05
CA CYS E 101 -31.47 -24.93 -11.83
C CYS E 101 -31.27 -25.71 -13.12
N ALA E 102 -30.82 -25.01 -14.16
CA ALA E 102 -30.55 -25.61 -15.46
C ALA E 102 -31.76 -26.36 -16.01
N SER E 103 -31.60 -27.66 -16.29
CA SER E 103 -32.72 -28.47 -16.75
C SER E 103 -33.83 -28.50 -15.71
N GLY E 104 -33.47 -28.48 -14.43
CA GLY E 104 -34.47 -28.31 -13.39
C GLY E 104 -35.15 -26.95 -13.48
N GLY E 105 -34.45 -25.95 -14.00
CA GLY E 105 -35.09 -24.66 -14.21
C GLY E 105 -36.09 -24.71 -15.34
N CYS E 106 -35.75 -25.42 -16.41
CA CYS E 106 -36.73 -25.69 -17.46
C CYS E 106 -37.94 -26.38 -16.86
N THR E 107 -37.71 -27.37 -15.98
CA THR E 107 -38.81 -28.10 -15.36
C THR E 107 -39.74 -27.15 -14.60
N VAL E 108 -39.16 -26.24 -13.83
CA VAL E 108 -39.95 -25.27 -13.07
C VAL E 108 -40.81 -24.45 -14.03
N LEU E 109 -40.23 -23.98 -15.13
CA LEU E 109 -40.99 -23.17 -16.08
C LEU E 109 -42.10 -23.99 -16.72
N ALA E 110 -41.85 -25.27 -16.97
CA ALA E 110 -42.89 -26.12 -17.53
C ALA E 110 -44.03 -26.35 -16.53
N LEU E 111 -43.71 -26.44 -15.24
CA LEU E 111 -44.77 -26.64 -14.24
C LEU E 111 -45.66 -25.41 -14.09
N VAL E 112 -45.09 -24.21 -14.20
CA VAL E 112 -45.93 -23.03 -14.19
C VAL E 112 -46.74 -22.95 -15.48
N ALA E 113 -46.16 -23.41 -16.59
CA ALA E 113 -46.84 -23.28 -17.87
C ALA E 113 -47.97 -24.27 -17.99
N ASP E 114 -47.77 -25.50 -17.50
CA ASP E 114 -48.71 -26.58 -17.75
C ASP E 114 -49.37 -27.17 -16.50
N TYR E 115 -48.86 -26.89 -15.30
CA TYR E 115 -49.48 -27.37 -14.05
C TYR E 115 -49.58 -26.24 -13.02
N PRO E 116 -50.26 -25.14 -13.35
CA PRO E 116 -50.32 -24.02 -12.40
C PRO E 116 -51.04 -24.39 -11.10
N THR E 117 -52.00 -25.32 -11.17
CA THR E 117 -52.70 -25.82 -9.99
C THR E 117 -51.73 -26.23 -8.87
N ARG E 118 -50.60 -26.83 -9.23
CA ARG E 118 -49.67 -27.43 -8.30
C ARG E 118 -48.57 -26.46 -7.82
N VAL E 119 -48.52 -25.24 -8.37
CA VAL E 119 -47.41 -24.32 -8.09
C VAL E 119 -47.93 -23.19 -7.21
N ARG E 120 -47.42 -23.11 -5.98
CA ARG E 120 -47.66 -21.93 -5.18
C ARG E 120 -46.74 -20.79 -5.62
N ASN E 121 -45.52 -21.13 -5.99
CA ASN E 121 -44.47 -20.17 -6.31
C ASN E 121 -43.32 -20.94 -6.92
N ALA E 122 -42.70 -20.36 -7.95
CA ALA E 122 -41.61 -20.99 -8.68
C ALA E 122 -40.35 -20.14 -8.58
N LEU E 123 -39.21 -20.82 -8.48
CA LEU E 123 -37.88 -20.18 -8.47
C LEU E 123 -37.00 -20.88 -9.49
N ALA E 124 -36.66 -20.18 -10.57
CA ALA E 124 -35.84 -20.72 -11.65
C ALA E 124 -34.47 -20.07 -11.64
N HIS E 125 -33.44 -20.87 -11.95
CA HIS E 125 -32.05 -20.42 -11.87
C HIS E 125 -31.29 -20.98 -13.07
N GLU E 126 -30.74 -20.08 -13.88
CA GLU E 126 -29.86 -20.40 -15.01
C GLU E 126 -30.48 -21.46 -15.92
N VAL E 127 -31.48 -21.02 -16.68
CA VAL E 127 -32.23 -21.87 -17.61
C VAL E 127 -31.60 -21.92 -19.01
N PRO E 128 -31.34 -23.11 -19.54
CA PRO E 128 -30.82 -23.22 -20.90
C PRO E 128 -31.91 -22.96 -21.92
N THR E 129 -31.70 -21.92 -22.74
CA THR E 129 -32.57 -21.55 -23.84
C THR E 129 -32.05 -22.01 -25.20
N TYR E 130 -30.75 -22.21 -25.31
CA TYR E 130 -30.06 -22.45 -26.58
C TYR E 130 -29.09 -23.61 -26.48
N LEU E 131 -28.22 -23.83 -27.49
CA LEU E 131 -27.44 -25.06 -27.49
C LEU E 131 -26.29 -25.15 -26.46
N MET E 132 -25.40 -24.14 -26.40
CA MET E 132 -24.14 -24.07 -25.65
C MET E 132 -22.99 -24.87 -26.26
N GLU E 133 -21.75 -24.34 -26.36
CA GLU E 133 -20.59 -25.18 -26.66
C GLU E 133 -20.95 -26.53 -27.22
N ASP E 134 -21.26 -26.55 -28.50
CA ASP E 134 -21.83 -27.70 -29.20
C ASP E 134 -21.25 -29.05 -28.77
N LEU E 135 -22.11 -30.05 -28.83
CA LEU E 135 -21.86 -31.31 -28.16
C LEU E 135 -20.90 -32.13 -28.98
N LYS E 136 -21.36 -32.50 -30.20
CA LYS E 136 -20.83 -33.42 -31.19
C LYS E 136 -19.35 -33.79 -30.97
N PRO E 137 -18.41 -32.84 -30.78
CA PRO E 137 -17.06 -33.29 -30.39
C PRO E 137 -17.09 -34.09 -29.10
N LEU E 138 -17.84 -33.59 -28.10
CA LEU E 138 -17.98 -34.32 -26.85
C LEU E 138 -18.87 -35.55 -27.03
N LEU E 139 -19.85 -35.45 -27.93
CA LEU E 139 -20.80 -36.54 -28.14
C LEU E 139 -20.16 -37.66 -28.92
N GLU E 140 -19.12 -37.35 -29.69
CA GLU E 140 -18.42 -38.32 -30.52
C GLU E 140 -17.46 -39.19 -29.75
N MET E 141 -16.97 -38.75 -28.57
CA MET E 141 -16.10 -39.63 -27.82
C MET E 141 -16.86 -40.65 -26.98
N ASP E 142 -16.17 -41.22 -26.01
CA ASP E 142 -16.68 -42.38 -25.29
C ASP E 142 -17.72 -41.93 -24.28
N ASP E 143 -18.37 -42.91 -23.64
CA ASP E 143 -19.12 -42.54 -22.44
C ASP E 143 -18.14 -42.26 -21.30
N GLU E 144 -17.06 -43.04 -21.22
CA GLU E 144 -16.08 -42.80 -20.16
C GLU E 144 -15.19 -41.60 -20.49
N ALA E 145 -15.11 -41.21 -21.77
CA ALA E 145 -14.36 -39.99 -22.11
C ALA E 145 -15.14 -38.74 -21.76
N VAL E 146 -16.47 -38.78 -21.90
CA VAL E 146 -17.31 -37.65 -21.49
C VAL E 146 -17.22 -37.43 -19.99
N SER E 147 -17.20 -38.50 -19.20
CA SER E 147 -17.11 -38.35 -17.75
C SER E 147 -15.81 -37.64 -17.37
N ALA E 148 -14.70 -38.03 -17.98
CA ALA E 148 -13.43 -37.39 -17.65
C ALA E 148 -13.44 -35.93 -18.03
N ALA E 149 -13.90 -35.62 -19.25
CA ALA E 149 -13.91 -34.24 -19.75
C ALA E 149 -14.79 -33.33 -18.90
N MET E 150 -16.02 -33.77 -18.61
CA MET E 150 -16.95 -32.92 -17.87
C MET E 150 -16.54 -32.77 -16.41
N SER E 151 -16.13 -33.85 -15.77
CA SER E 151 -15.64 -33.75 -14.40
C SER E 151 -14.39 -32.88 -14.32
N SER E 152 -13.51 -32.98 -15.33
CA SER E 152 -12.23 -32.26 -15.31
C SER E 152 -12.36 -30.73 -15.39
N ASN E 153 -13.45 -30.22 -16.02
CA ASN E 153 -13.79 -28.80 -16.18
C ASN E 153 -15.19 -28.39 -15.70
N VAL E 154 -15.94 -29.24 -15.01
CA VAL E 154 -17.13 -28.72 -14.35
C VAL E 154 -16.81 -27.78 -13.17
N VAL E 155 -15.63 -27.94 -12.54
CA VAL E 155 -15.37 -27.14 -11.35
C VAL E 155 -14.98 -25.71 -11.70
N VAL E 156 -14.12 -25.52 -12.70
CA VAL E 156 -13.82 -24.16 -13.11
C VAL E 156 -14.87 -23.65 -14.11
N GLY E 157 -15.51 -24.57 -14.83
CA GLY E 157 -16.60 -24.23 -15.71
C GLY E 157 -17.85 -23.73 -15.04
N SER E 158 -18.69 -24.64 -14.55
CA SER E 158 -19.98 -24.23 -14.01
C SER E 158 -20.12 -24.14 -12.50
N VAL E 159 -19.24 -24.74 -11.71
CA VAL E 159 -19.65 -24.86 -10.32
C VAL E 159 -19.37 -23.55 -9.58
N GLY E 160 -18.18 -22.98 -9.77
CA GLY E 160 -17.79 -21.80 -9.04
C GLY E 160 -16.30 -21.90 -8.73
N ASP E 161 -15.75 -20.90 -8.06
CA ASP E 161 -14.31 -21.17 -8.06
C ASP E 161 -13.86 -21.82 -6.74
N ILE E 162 -14.83 -21.94 -5.83
CA ILE E 162 -15.12 -22.96 -4.80
C ILE E 162 -14.16 -22.84 -3.62
N GLU E 163 -14.67 -23.16 -2.42
CA GLU E 163 -13.87 -23.18 -1.19
C GLU E 163 -13.71 -24.58 -0.60
N GLY E 164 -13.95 -25.63 -1.38
CA GLY E 164 -13.86 -27.02 -0.96
C GLY E 164 -15.20 -27.72 -0.98
N SER E 165 -16.29 -26.96 -1.17
CA SER E 165 -17.64 -27.51 -1.06
C SER E 165 -17.97 -28.51 -2.18
N TRP E 166 -17.32 -28.43 -3.34
CA TRP E 166 -17.57 -29.39 -4.42
C TRP E 166 -17.03 -30.77 -4.07
N GLN E 167 -15.88 -30.85 -3.38
CA GLN E 167 -15.50 -32.14 -2.80
C GLN E 167 -16.34 -32.56 -1.62
N GLU E 168 -16.82 -31.64 -0.80
CA GLU E 168 -17.41 -32.18 0.41
C GLU E 168 -18.75 -32.82 0.19
N LEU E 169 -19.17 -32.95 -1.07
CA LEU E 169 -20.35 -33.73 -1.39
C LEU E 169 -20.15 -35.22 -1.13
N GLY E 170 -18.92 -35.66 -0.97
CA GLY E 170 -18.61 -37.06 -0.76
C GLY E 170 -18.03 -37.69 -2.01
N GLU E 171 -17.32 -38.80 -1.83
CA GLU E 171 -16.82 -39.49 -3.01
C GLU E 171 -17.81 -40.42 -3.64
N GLU E 172 -18.75 -40.96 -2.86
CA GLU E 172 -19.88 -41.70 -3.44
C GLU E 172 -20.67 -40.82 -4.38
N ALA E 173 -20.99 -39.60 -3.94
CA ALA E 173 -21.78 -38.69 -4.77
C ALA E 173 -21.02 -38.39 -6.07
N HIS E 174 -19.69 -38.29 -5.99
CA HIS E 174 -18.90 -38.07 -7.19
C HIS E 174 -18.77 -39.34 -8.03
N ALA E 175 -18.89 -40.52 -7.40
CA ALA E 175 -19.00 -41.74 -8.18
C ALA E 175 -20.33 -41.80 -8.91
N ARG E 176 -21.42 -41.44 -8.24
CA ARG E 176 -22.70 -41.34 -8.91
C ARG E 176 -22.67 -40.31 -10.03
N LEU E 177 -22.01 -39.18 -9.78
CA LEU E 177 -21.90 -38.14 -10.79
C LEU E 177 -21.08 -38.61 -11.99
N TRP E 178 -20.05 -39.42 -11.74
CA TRP E 178 -19.22 -39.90 -12.83
C TRP E 178 -20.06 -40.68 -13.84
N LYS E 179 -20.96 -41.55 -13.36
CA LYS E 179 -21.80 -42.29 -14.28
C LYS E 179 -22.83 -41.39 -14.96
N ASN E 180 -23.22 -40.31 -14.30
CA ASN E 180 -24.28 -39.44 -14.79
C ASN E 180 -23.86 -38.56 -15.94
N TYR E 181 -22.61 -38.10 -15.94
CA TYR E 181 -22.16 -37.15 -16.95
C TYR E 181 -22.50 -37.56 -18.37
N PRO E 182 -22.18 -38.78 -18.84
CA PRO E 182 -22.51 -39.11 -20.23
C PRO E 182 -24.00 -39.21 -20.46
N ARG E 183 -24.74 -39.73 -19.48
CA ARG E 183 -26.18 -39.91 -19.66
C ARG E 183 -26.89 -38.56 -19.75
N TRP E 184 -26.47 -37.58 -18.94
CA TRP E 184 -27.00 -36.24 -19.08
C TRP E 184 -26.67 -35.66 -20.46
N ALA E 185 -25.44 -35.86 -20.92
CA ALA E 185 -24.98 -35.30 -22.19
C ALA E 185 -25.82 -35.80 -23.37
N ARG E 186 -26.18 -37.07 -23.38
CA ARG E 186 -26.96 -37.61 -24.50
C ARG E 186 -28.46 -37.41 -24.35
N GLY E 187 -28.93 -36.95 -23.20
CA GLY E 187 -30.37 -36.82 -23.04
C GLY E 187 -30.87 -35.40 -22.95
N TYR E 188 -30.01 -34.47 -22.49
CA TYR E 188 -30.51 -33.15 -22.09
C TYR E 188 -30.19 -32.03 -23.07
N PRO E 189 -28.91 -31.69 -23.33
CA PRO E 189 -28.63 -30.41 -24.01
C PRO E 189 -29.17 -30.33 -25.44
N GLY E 190 -29.23 -31.45 -26.13
CA GLY E 190 -29.79 -31.38 -27.46
C GLY E 190 -31.31 -31.39 -27.52
N TYR E 191 -32.00 -31.43 -26.38
CA TYR E 191 -33.43 -31.67 -26.42
C TYR E 191 -34.24 -30.77 -25.48
N ILE E 192 -33.69 -30.42 -24.33
CA ILE E 192 -34.48 -29.67 -23.35
C ILE E 192 -34.46 -28.16 -23.59
N PRO E 193 -33.36 -27.52 -24.01
CA PRO E 193 -33.39 -26.05 -24.05
C PRO E 193 -34.41 -25.51 -25.06
N GLN E 194 -34.59 -26.17 -26.21
CA GLN E 194 -35.58 -25.71 -27.18
C GLN E 194 -37.01 -25.85 -26.63
N SER E 195 -37.24 -26.78 -25.72
CA SER E 195 -38.57 -27.07 -25.22
C SER E 195 -38.97 -26.20 -24.05
N THR E 196 -38.07 -25.39 -23.52
CA THR E 196 -38.33 -24.65 -22.30
C THR E 196 -39.40 -23.60 -22.55
N PRO E 197 -40.53 -23.66 -21.86
CA PRO E 197 -41.60 -22.68 -22.12
C PRO E 197 -41.32 -21.32 -21.52
N VAL E 198 -40.58 -20.50 -22.27
CA VAL E 198 -40.42 -19.10 -21.93
C VAL E 198 -41.46 -18.26 -22.66
N SER E 199 -42.54 -18.92 -23.07
CA SER E 199 -43.65 -18.26 -23.73
C SER E 199 -44.28 -17.23 -22.82
N LYS E 200 -44.60 -16.08 -23.39
CA LYS E 200 -45.10 -14.98 -22.57
C LYS E 200 -46.33 -15.35 -21.76
N GLU E 201 -47.24 -16.09 -22.35
CA GLU E 201 -48.34 -16.44 -21.49
C GLU E 201 -48.03 -17.57 -20.50
N ASP E 202 -47.07 -18.42 -20.80
CA ASP E 202 -46.79 -19.49 -19.85
C ASP E 202 -46.12 -18.98 -18.57
N LEU E 203 -45.45 -17.83 -18.63
CA LEU E 203 -44.77 -17.31 -17.45
C LEU E 203 -45.72 -16.59 -16.49
N ILE E 204 -46.94 -16.31 -16.93
CA ILE E 204 -47.89 -15.51 -16.15
C ILE E 204 -48.84 -16.38 -15.34
N LYS E 205 -48.81 -17.71 -15.50
CA LYS E 205 -49.78 -18.59 -14.85
C LYS E 205 -49.54 -18.82 -13.35
N ALA E 206 -48.49 -18.27 -12.76
CA ALA E 206 -48.22 -18.47 -11.34
C ALA E 206 -47.05 -17.58 -10.93
N PRO E 207 -46.86 -17.36 -9.63
CA PRO E 207 -45.72 -16.54 -9.18
C PRO E 207 -44.40 -17.20 -9.57
N LEU E 208 -43.46 -16.36 -10.02
CA LEU E 208 -42.19 -16.84 -10.52
C LEU E 208 -41.11 -15.82 -10.18
N ASP E 209 -40.02 -16.29 -9.59
CA ASP E 209 -38.83 -15.46 -9.38
C ASP E 209 -37.62 -16.15 -10.00
N TRP E 210 -36.76 -15.34 -10.60
CA TRP E 210 -35.70 -15.81 -11.49
C TRP E 210 -34.35 -15.31 -10.98
N THR E 211 -33.33 -16.16 -11.11
CA THR E 211 -31.98 -15.84 -10.66
C THR E 211 -30.95 -16.40 -11.63
N VAL E 212 -29.79 -15.74 -11.67
CA VAL E 212 -28.61 -16.21 -12.37
C VAL E 212 -27.43 -16.05 -11.41
N GLY E 213 -26.44 -16.92 -11.56
CA GLY E 213 -25.26 -16.85 -10.70
C GLY E 213 -24.50 -15.54 -10.86
N ALA E 214 -24.07 -15.00 -9.72
CA ALA E 214 -23.37 -13.71 -9.68
C ALA E 214 -22.05 -13.75 -10.42
N SER E 215 -21.41 -14.92 -10.45
CA SER E 215 -20.09 -15.08 -11.01
C SER E 215 -20.13 -15.80 -12.34
N THR E 216 -21.33 -16.13 -12.83
CA THR E 216 -21.47 -16.76 -14.12
C THR E 216 -21.18 -15.73 -15.21
N PRO E 217 -20.49 -16.13 -16.28
CA PRO E 217 -20.25 -15.19 -17.38
C PRO E 217 -21.55 -14.61 -17.93
N THR E 218 -21.53 -13.30 -18.18
CA THR E 218 -22.75 -12.57 -18.53
C THR E 218 -23.43 -13.17 -19.75
N ALA E 219 -22.64 -13.58 -20.74
CA ALA E 219 -23.23 -14.06 -21.99
C ALA E 219 -23.96 -15.37 -21.80
N ARG E 220 -23.64 -16.13 -20.75
CA ARG E 220 -24.13 -17.49 -20.63
C ARG E 220 -25.65 -17.52 -20.49
N PHE E 221 -26.18 -16.74 -19.55
CA PHE E 221 -27.61 -16.73 -19.28
C PHE E 221 -28.18 -15.33 -19.50
N LEU E 222 -27.61 -14.59 -20.46
CA LEU E 222 -28.12 -13.26 -20.77
C LEU E 222 -29.58 -13.32 -21.15
N ASP E 223 -29.95 -14.32 -21.96
CA ASP E 223 -31.34 -14.54 -22.34
C ASP E 223 -32.26 -14.64 -21.13
N ASN E 224 -31.78 -15.22 -20.03
CA ASN E 224 -32.58 -15.31 -18.80
C ASN E 224 -32.91 -13.93 -18.27
N ILE E 225 -31.93 -13.02 -18.32
CA ILE E 225 -32.14 -11.68 -17.79
C ILE E 225 -33.13 -10.90 -18.66
N VAL E 226 -32.98 -10.99 -19.99
CA VAL E 226 -33.87 -10.28 -20.91
C VAL E 226 -35.29 -10.82 -20.80
N THR E 227 -35.45 -12.15 -20.85
CA THR E 227 -36.77 -12.74 -20.74
C THR E 227 -37.48 -12.28 -19.48
N ALA E 228 -36.77 -12.31 -18.34
CA ALA E 228 -37.39 -11.93 -17.08
C ALA E 228 -37.71 -10.44 -17.04
N THR E 229 -36.88 -9.61 -17.66
CA THR E 229 -37.12 -8.18 -17.62
C THR E 229 -38.28 -7.77 -18.51
N LYS E 230 -38.39 -8.39 -19.69
CA LYS E 230 -39.46 -8.04 -20.62
C LYS E 230 -40.82 -8.53 -20.17
N HIS E 231 -40.90 -9.37 -19.14
CA HIS E 231 -42.17 -9.87 -18.65
C HIS E 231 -42.33 -9.57 -17.16
N ASN E 232 -41.57 -8.58 -16.69
CA ASN E 232 -41.59 -8.06 -15.34
C ASN E 232 -41.61 -9.19 -14.32
N ILE E 233 -40.87 -10.25 -14.62
CA ILE E 233 -40.58 -11.31 -13.66
C ILE E 233 -39.48 -10.80 -12.73
N PRO E 234 -39.71 -10.80 -11.42
CA PRO E 234 -38.70 -10.30 -10.49
C PRO E 234 -37.40 -11.07 -10.67
N PHE E 235 -36.31 -10.32 -10.83
CA PHE E 235 -34.99 -10.86 -11.12
C PHE E 235 -33.98 -10.38 -10.08
N GLN E 236 -32.99 -11.22 -9.85
CA GLN E 236 -32.03 -11.04 -8.77
C GLN E 236 -30.85 -11.95 -9.02
N THR E 237 -29.71 -11.59 -8.45
CA THR E 237 -28.50 -12.38 -8.54
C THR E 237 -28.24 -13.16 -7.24
N LEU E 238 -27.83 -14.44 -7.37
CA LEU E 238 -27.34 -15.14 -6.18
C LEU E 238 -25.83 -15.34 -6.24
N PRO E 239 -25.17 -15.48 -5.08
CA PRO E 239 -23.72 -15.74 -5.08
C PRO E 239 -23.42 -17.07 -5.76
N GLY E 240 -22.15 -17.25 -6.13
CA GLY E 240 -21.75 -18.45 -6.83
C GLY E 240 -22.12 -18.39 -8.31
N MET E 241 -22.16 -19.56 -8.94
CA MET E 241 -22.46 -19.64 -10.37
C MET E 241 -23.64 -20.57 -10.57
N HIS E 242 -23.41 -21.81 -11.00
CA HIS E 242 -24.46 -22.74 -11.41
C HIS E 242 -25.01 -23.56 -10.25
N PHE E 243 -24.23 -23.76 -9.18
CA PHE E 243 -24.64 -24.61 -8.07
C PHE E 243 -24.60 -23.82 -6.76
N PRO E 244 -25.48 -22.82 -6.60
CA PRO E 244 -25.43 -22.01 -5.36
C PRO E 244 -25.78 -22.79 -4.11
N TYR E 245 -26.48 -23.92 -4.25
CA TYR E 245 -26.76 -24.79 -3.11
C TYR E 245 -25.55 -25.61 -2.66
N VAL E 246 -24.49 -25.66 -3.46
CA VAL E 246 -23.25 -26.32 -3.05
C VAL E 246 -22.21 -25.30 -2.58
N THR E 247 -22.09 -24.18 -3.30
CA THR E 247 -21.04 -23.23 -3.01
C THR E 247 -21.42 -22.21 -1.95
N HIS E 248 -22.70 -21.86 -1.84
CA HIS E 248 -23.17 -20.84 -0.90
C HIS E 248 -24.46 -21.29 -0.25
N PRO E 249 -24.41 -22.36 0.56
CA PRO E 249 -25.65 -22.97 1.04
C PRO E 249 -26.49 -22.10 1.96
N GLU E 250 -25.90 -21.24 2.81
CA GLU E 250 -26.72 -20.46 3.72
C GLU E 250 -27.51 -19.37 2.99
N VAL E 251 -26.86 -18.60 2.10
CA VAL E 251 -27.63 -17.58 1.38
C VAL E 251 -28.67 -18.22 0.48
N PHE E 252 -28.36 -19.39 -0.09
CA PHE E 252 -29.33 -20.10 -0.91
C PHE E 252 -30.59 -20.41 -0.10
N ALA E 253 -30.43 -20.92 1.11
CA ALA E 253 -31.58 -21.22 1.95
C ALA E 253 -32.36 -19.96 2.28
N GLU E 254 -31.65 -18.89 2.67
CA GLU E 254 -32.34 -17.63 2.97
C GLU E 254 -33.14 -17.14 1.78
N TYR E 255 -32.56 -17.22 0.58
CA TYR E 255 -33.29 -16.83 -0.62
C TYR E 255 -34.55 -17.67 -0.78
N VAL E 256 -34.41 -19.00 -0.67
CA VAL E 256 -35.57 -19.89 -0.82
C VAL E 256 -36.59 -19.62 0.27
N VAL E 257 -36.14 -19.46 1.51
CA VAL E 257 -37.07 -19.21 2.60
C VAL E 257 -37.70 -17.83 2.46
N GLU E 258 -36.92 -16.84 1.99
CA GLU E 258 -37.48 -15.52 1.69
C GLU E 258 -38.60 -15.60 0.67
N LYS E 259 -38.33 -16.23 -0.47
CA LYS E 259 -39.28 -16.23 -1.57
C LYS E 259 -40.48 -17.13 -1.27
N THR E 260 -40.28 -18.17 -0.46
CA THR E 260 -41.39 -19.04 -0.05
C THR E 260 -42.35 -18.30 0.88
N ARG E 261 -41.82 -17.55 1.84
CA ARG E 261 -42.66 -16.81 2.75
C ARG E 261 -43.38 -15.68 2.05
N LYS E 262 -42.81 -15.18 0.94
CA LYS E 262 -43.36 -14.04 0.22
C LYS E 262 -44.74 -14.34 -0.38
N TYR E 263 -45.04 -15.61 -0.61
CA TYR E 263 -46.31 -15.98 -1.19
C TYR E 263 -47.17 -16.82 -0.24
N LEU E 264 -46.82 -16.88 1.04
CA LEU E 264 -47.62 -17.65 2.01
C LEU E 264 -48.65 -16.78 2.70
N MET F 1 -33.34 -31.93 26.60
CA MET F 1 -33.06 -30.85 25.65
C MET F 1 -32.41 -29.64 26.34
N ARG F 2 -32.71 -28.45 25.82
CA ARG F 2 -32.09 -27.24 26.31
C ARG F 2 -32.68 -26.85 27.66
N THR F 3 -31.98 -27.17 28.74
CA THR F 3 -32.40 -26.82 30.08
C THR F 3 -31.85 -25.45 30.40
N ARG F 4 -32.73 -24.52 30.78
CA ARG F 4 -32.33 -23.18 31.20
C ARG F 4 -32.93 -22.92 32.57
N SER F 5 -32.07 -22.72 33.58
CA SER F 5 -32.50 -22.60 34.97
C SER F 5 -31.39 -21.91 35.76
N ASN F 6 -31.60 -21.77 37.08
CA ASN F 6 -30.62 -21.19 38.00
C ASN F 6 -30.33 -22.13 39.17
N ILE F 7 -29.20 -21.89 39.83
CA ILE F 7 -28.72 -22.75 40.92
C ILE F 7 -27.75 -21.93 41.77
N THR F 8 -27.82 -22.12 43.10
CA THR F 8 -27.00 -21.37 44.07
C THR F 8 -25.86 -22.20 44.62
N THR F 9 -24.64 -21.72 44.43
CA THR F 9 -23.49 -22.37 45.02
C THR F 9 -23.27 -21.90 46.47
N LYS F 10 -22.41 -22.64 47.18
CA LYS F 10 -22.16 -22.36 48.57
C LYS F 10 -21.33 -21.09 48.78
N ASN F 11 -20.74 -20.53 47.72
CA ASN F 11 -20.08 -19.24 47.81
C ASN F 11 -21.02 -18.05 47.59
N GLY F 12 -22.31 -18.29 47.41
CA GLY F 12 -23.27 -17.22 47.31
C GLY F 12 -23.63 -16.83 45.90
N ILE F 13 -23.04 -17.48 44.90
CA ILE F 13 -23.32 -17.16 43.50
C ILE F 13 -24.58 -17.93 43.09
N HIS F 14 -25.67 -17.20 42.78
CA HIS F 14 -26.85 -17.76 42.07
C HIS F 14 -26.75 -17.54 40.58
N TRP F 15 -26.13 -18.54 39.95
CA TRP F 15 -25.78 -18.61 38.53
C TRP F 15 -27.02 -18.74 37.67
N TYR F 16 -26.86 -18.44 36.39
CA TYR F 16 -27.77 -18.90 35.33
C TYR F 16 -26.99 -19.85 34.42
N TYR F 17 -27.51 -21.06 34.24
CA TYR F 17 -26.80 -22.10 33.50
C TYR F 17 -27.73 -22.74 32.47
N GLU F 18 -27.10 -23.37 31.46
CA GLU F 18 -27.83 -24.10 30.43
C GLU F 18 -27.17 -25.43 30.20
N GLN F 19 -27.97 -26.47 29.93
CA GLN F 19 -27.39 -27.73 29.50
C GLN F 19 -28.32 -28.35 28.46
N GLU F 20 -27.73 -29.19 27.59
CA GLU F 20 -28.43 -29.91 26.53
C GLU F 20 -27.70 -31.20 26.20
N GLY F 21 -28.45 -32.29 26.06
CA GLY F 21 -27.89 -33.57 25.66
C GLY F 21 -27.43 -34.38 26.87
N SER F 22 -27.04 -35.62 26.60
CA SER F 22 -26.47 -36.45 27.66
C SER F 22 -25.41 -37.35 27.07
N GLY F 23 -24.44 -37.69 27.92
CA GLY F 23 -23.26 -38.41 27.56
C GLY F 23 -22.17 -37.85 28.46
N PRO F 24 -20.91 -38.03 28.11
CA PRO F 24 -19.85 -37.41 28.92
C PRO F 24 -19.99 -35.89 28.95
N HIS F 25 -19.48 -35.30 30.02
CA HIS F 25 -19.69 -33.88 30.28
C HIS F 25 -18.68 -33.02 29.54
N VAL F 26 -19.17 -31.94 28.93
CA VAL F 26 -18.34 -30.93 28.27
C VAL F 26 -18.79 -29.59 28.87
N VAL F 27 -17.94 -28.96 29.67
CA VAL F 27 -18.25 -27.67 30.28
C VAL F 27 -17.59 -26.56 29.46
N LEU F 28 -18.38 -25.55 29.08
CA LEU F 28 -17.89 -24.43 28.30
C LEU F 28 -17.83 -23.21 29.21
N ILE F 29 -16.64 -22.88 29.69
CA ILE F 29 -16.47 -21.70 30.54
C ILE F 29 -16.41 -20.47 29.64
N PRO F 30 -17.21 -19.45 29.90
CA PRO F 30 -17.16 -18.25 29.06
C PRO F 30 -15.87 -17.46 29.21
N ASP F 31 -15.75 -16.42 28.39
CA ASP F 31 -14.61 -15.52 28.42
C ASP F 31 -14.77 -14.55 29.58
N GLY F 32 -14.05 -13.42 29.53
CA GLY F 32 -14.19 -12.43 30.58
C GLY F 32 -15.60 -11.88 30.66
N LEU F 33 -16.21 -11.61 29.51
CA LEU F 33 -17.53 -10.98 29.47
C LEU F 33 -18.62 -11.88 30.01
N GLY F 34 -18.35 -13.18 30.14
CA GLY F 34 -19.23 -14.06 30.88
C GLY F 34 -20.66 -14.15 30.36
N GLU F 35 -20.83 -14.08 29.05
CA GLU F 35 -22.14 -14.18 28.42
C GLU F 35 -22.18 -15.48 27.63
N CYS F 36 -23.00 -16.43 28.07
CA CYS F 36 -23.02 -17.76 27.46
C CYS F 36 -23.97 -17.87 26.26
N LYS F 37 -24.61 -16.78 25.83
CA LYS F 37 -25.27 -16.80 24.53
C LYS F 37 -24.27 -17.09 23.43
N MET F 38 -23.01 -16.70 23.64
CA MET F 38 -21.96 -16.92 22.66
C MET F 38 -21.70 -18.40 22.42
N PHE F 39 -22.26 -19.28 23.23
CA PHE F 39 -22.15 -20.72 23.05
C PHE F 39 -23.43 -21.33 22.51
N ASP F 40 -24.48 -20.52 22.31
CA ASP F 40 -25.81 -21.04 21.99
C ASP F 40 -25.75 -21.97 20.78
N LYS F 41 -25.22 -21.45 19.66
CA LYS F 41 -25.15 -22.26 18.44
C LYS F 41 -24.24 -23.47 18.57
N PRO F 42 -22.96 -23.33 18.94
CA PRO F 42 -22.10 -24.53 19.01
C PRO F 42 -22.50 -25.52 20.09
N MET F 43 -23.21 -25.08 21.12
CA MET F 43 -23.57 -25.99 22.19
C MET F 43 -24.46 -27.12 21.69
N SER F 44 -25.40 -26.80 20.79
CA SER F 44 -26.29 -27.81 20.25
C SER F 44 -25.53 -28.85 19.44
N LEU F 45 -24.53 -28.41 18.67
CA LEU F 45 -23.85 -29.33 17.77
C LEU F 45 -22.92 -30.26 18.53
N ILE F 46 -22.28 -29.76 19.60
CA ILE F 46 -21.49 -30.61 20.47
C ILE F 46 -22.39 -31.62 21.17
N ALA F 47 -23.60 -31.18 21.57
CA ALA F 47 -24.55 -32.07 22.21
C ALA F 47 -24.99 -33.18 21.28
N ASN F 48 -25.17 -32.87 20.00
CA ASN F 48 -25.59 -33.84 19.00
C ASN F 48 -24.54 -34.91 18.73
N SER F 49 -23.31 -34.75 19.21
CA SER F 49 -22.29 -35.77 19.06
C SER F 49 -22.24 -36.71 20.26
N GLY F 50 -23.18 -36.58 21.19
CA GLY F 50 -23.30 -37.52 22.29
C GLY F 50 -22.65 -37.08 23.57
N PHE F 51 -22.89 -35.83 23.99
CA PHE F 51 -22.29 -35.30 25.21
C PHE F 51 -23.31 -34.47 25.96
N THR F 52 -23.17 -34.47 27.28
CA THR F 52 -23.90 -33.55 28.14
C THR F 52 -23.13 -32.24 28.15
N VAL F 53 -23.65 -31.21 27.49
CA VAL F 53 -22.95 -29.94 27.39
C VAL F 53 -23.53 -28.99 28.42
N THR F 54 -22.64 -28.40 29.24
CA THR F 54 -23.04 -27.48 30.29
C THR F 54 -22.36 -26.14 30.07
N THR F 55 -23.13 -25.04 30.13
CA THR F 55 -22.54 -23.71 30.09
C THR F 55 -23.37 -22.82 31.01
N PHE F 56 -22.87 -21.62 31.28
CA PHE F 56 -23.46 -20.73 32.29
C PHE F 56 -22.85 -19.35 32.14
N ASP F 57 -23.57 -18.35 32.65
CA ASP F 57 -22.98 -17.02 32.76
C ASP F 57 -22.09 -16.94 33.99
N MET F 58 -21.05 -16.13 33.91
CA MET F 58 -20.04 -16.08 34.95
C MET F 58 -20.48 -15.15 36.08
N PRO F 59 -19.93 -15.34 37.28
CA PRO F 59 -20.42 -14.57 38.44
C PRO F 59 -20.41 -13.07 38.19
N GLY F 60 -21.55 -12.44 38.46
CA GLY F 60 -21.69 -11.02 38.29
C GLY F 60 -22.01 -10.58 36.88
N MET F 61 -22.01 -11.48 35.91
CA MET F 61 -22.19 -11.13 34.51
C MET F 61 -23.49 -11.69 33.97
N SER F 62 -24.20 -10.86 33.20
CA SER F 62 -25.42 -11.25 32.47
C SER F 62 -26.43 -11.80 33.48
N ARG F 63 -27.03 -12.97 33.24
CA ARG F 63 -28.07 -13.47 34.11
C ARG F 63 -27.51 -14.15 35.36
N SER F 64 -26.19 -14.14 35.54
CA SER F 64 -25.57 -14.50 36.81
C SER F 64 -25.11 -13.26 37.57
N SER F 65 -25.80 -12.14 37.37
CA SER F 65 -25.36 -10.87 37.95
C SER F 65 -25.66 -10.81 39.45
N GLU F 66 -26.54 -11.68 39.93
CA GLU F 66 -26.92 -11.72 41.35
C GLU F 66 -25.86 -12.56 42.06
N ALA F 67 -24.75 -11.90 42.38
CA ALA F 67 -23.65 -12.55 43.07
C ALA F 67 -22.92 -11.52 43.92
N PRO F 68 -22.29 -11.95 45.01
CA PRO F 68 -21.53 -11.02 45.83
C PRO F 68 -20.34 -10.47 45.06
N PRO F 69 -19.91 -9.25 45.36
CA PRO F 69 -18.90 -8.54 44.53
C PRO F 69 -17.62 -9.29 44.27
N GLU F 70 -17.09 -9.80 45.31
CA GLU F 70 -15.72 -10.25 45.50
C GLU F 70 -15.46 -11.53 44.66
N THR F 71 -16.55 -11.99 44.05
CA THR F 71 -16.55 -12.93 42.95
C THR F 71 -16.43 -12.29 41.57
N TYR F 72 -16.50 -10.95 41.45
CA TYR F 72 -16.27 -10.29 40.18
C TYR F 72 -15.35 -9.08 40.34
N GLN F 73 -14.56 -9.06 41.40
CA GLN F 73 -13.58 -8.02 41.70
C GLN F 73 -12.31 -8.68 42.19
N GLU F 74 -11.17 -8.11 41.79
CA GLU F 74 -9.84 -8.68 42.01
C GLU F 74 -9.85 -10.19 41.75
N ILE F 75 -10.18 -10.53 40.50
CA ILE F 75 -10.39 -11.92 40.12
C ILE F 75 -9.06 -12.57 39.77
N THR F 76 -8.81 -13.72 40.36
CA THR F 76 -7.71 -14.58 40.00
C THR F 76 -8.26 -15.81 39.26
N ALA F 77 -7.35 -16.53 38.60
CA ALA F 77 -7.70 -17.80 37.95
C ALA F 77 -8.20 -18.83 38.94
N GLN F 78 -7.75 -18.75 40.20
CA GLN F 78 -8.20 -19.71 41.20
C GLN F 78 -9.56 -19.36 41.75
N LYS F 79 -9.88 -18.07 41.85
CA LYS F 79 -11.24 -17.70 42.25
C LYS F 79 -12.25 -18.19 41.23
N LEU F 80 -11.97 -18.00 39.93
CA LEU F 80 -12.91 -18.50 38.92
C LEU F 80 -12.97 -20.02 38.94
N ALA F 81 -11.81 -20.68 39.04
CA ALA F 81 -11.80 -22.14 39.07
C ALA F 81 -12.59 -22.68 40.26
N SER F 82 -12.44 -22.04 41.43
CA SER F 82 -13.24 -22.44 42.58
C SER F 82 -14.73 -22.29 42.30
N TYR F 83 -15.12 -21.20 41.63
CA TYR F 83 -16.54 -20.97 41.40
C TYR F 83 -17.12 -21.98 40.40
N VAL F 84 -16.40 -22.27 39.32
CA VAL F 84 -16.96 -23.24 38.37
C VAL F 84 -16.91 -24.65 38.94
N ILE F 85 -15.90 -24.97 39.77
CA ILE F 85 -15.91 -26.26 40.46
C ILE F 85 -17.09 -26.31 41.41
N SER F 86 -17.42 -25.19 42.02
CA SER F 86 -18.57 -25.14 42.90
C SER F 86 -19.85 -25.49 42.14
N ILE F 87 -20.09 -24.86 40.98
CA ILE F 87 -21.29 -25.17 40.22
C ILE F 87 -21.20 -26.57 39.60
N CYS F 88 -19.99 -27.03 39.28
CA CYS F 88 -19.82 -28.41 38.82
C CYS F 88 -20.23 -29.40 39.90
N ASP F 89 -19.95 -29.06 41.17
CA ASP F 89 -20.36 -29.90 42.29
C ASP F 89 -21.87 -29.94 42.42
N GLU F 90 -22.52 -28.78 42.34
CA GLU F 90 -23.96 -28.73 42.57
C GLU F 90 -24.76 -29.45 41.47
N LEU F 91 -24.14 -29.72 40.32
CA LEU F 91 -24.80 -30.39 39.19
C LEU F 91 -24.34 -31.82 38.98
N ALA F 92 -23.68 -32.43 39.98
CA ALA F 92 -23.28 -33.83 39.97
C ALA F 92 -22.35 -34.15 38.79
N ILE F 93 -21.57 -33.15 38.37
CA ILE F 93 -20.59 -33.30 37.31
C ILE F 93 -19.32 -33.78 37.98
N ASP F 94 -19.06 -35.07 37.92
CA ASP F 94 -17.89 -35.56 38.64
C ASP F 94 -16.58 -35.17 37.92
N LYS F 95 -16.47 -35.38 36.62
CA LYS F 95 -15.30 -34.94 35.90
C LYS F 95 -15.72 -34.65 34.47
N ALA F 96 -15.08 -33.67 33.83
CA ALA F 96 -15.51 -33.23 32.52
C ALA F 96 -14.35 -32.74 31.65
N THR F 97 -14.70 -32.43 30.39
CA THR F 97 -13.89 -31.56 29.54
C THR F 97 -14.33 -30.10 29.69
N PHE F 98 -13.35 -29.25 29.92
CA PHE F 98 -13.58 -27.82 30.14
C PHE F 98 -12.99 -27.06 28.96
N TRP F 99 -13.80 -26.20 28.36
CA TRP F 99 -13.29 -25.27 27.37
C TRP F 99 -13.18 -23.90 28.00
N GLY F 100 -12.14 -23.17 27.66
CA GLY F 100 -12.03 -21.83 28.18
C GLY F 100 -11.18 -20.91 27.33
N CYS F 101 -11.72 -19.74 26.99
CA CYS F 101 -10.97 -18.70 26.31
C CYS F 101 -10.73 -17.53 27.27
N ALA F 102 -9.62 -16.82 27.02
CA ALA F 102 -9.22 -15.65 27.81
C ALA F 102 -9.17 -15.96 29.30
N SER F 103 -9.92 -15.19 30.11
CA SER F 103 -10.00 -15.49 31.53
C SER F 103 -10.53 -16.90 31.76
N GLY F 104 -11.47 -17.34 30.92
CA GLY F 104 -11.92 -18.72 30.99
C GLY F 104 -10.81 -19.70 30.71
N GLY F 105 -9.82 -19.29 29.92
CA GLY F 105 -8.65 -20.12 29.70
C GLY F 105 -7.74 -20.15 30.92
N CYS F 106 -7.61 -19.00 31.60
CA CYS F 106 -6.92 -19.00 32.90
C CYS F 106 -7.61 -19.95 33.87
N THR F 107 -8.94 -19.92 33.91
CA THR F 107 -9.69 -20.83 34.77
C THR F 107 -9.38 -22.29 34.46
N VAL F 108 -9.37 -22.64 33.17
CA VAL F 108 -9.06 -24.01 32.79
C VAL F 108 -7.67 -24.43 33.27
N LEU F 109 -6.67 -23.56 33.10
CA LEU F 109 -5.33 -23.93 33.57
C LEU F 109 -5.31 -24.07 35.09
N ALA F 110 -6.12 -23.26 35.79
CA ALA F 110 -6.25 -23.40 37.24
C ALA F 110 -6.91 -24.73 37.59
N LEU F 111 -7.83 -25.21 36.75
CA LEU F 111 -8.44 -26.50 37.01
C LEU F 111 -7.42 -27.63 36.90
N VAL F 112 -6.53 -27.55 35.90
CA VAL F 112 -5.46 -28.54 35.80
C VAL F 112 -4.45 -28.36 36.93
N ALA F 113 -4.25 -27.13 37.39
CA ALA F 113 -3.21 -26.88 38.38
C ALA F 113 -3.62 -27.41 39.75
N ASP F 114 -4.87 -27.22 40.14
CA ASP F 114 -5.28 -27.55 41.49
C ASP F 114 -6.34 -28.63 41.60
N TYR F 115 -7.07 -28.97 40.52
CA TYR F 115 -8.14 -29.96 40.56
C TYR F 115 -8.00 -30.98 39.43
N PRO F 116 -6.88 -31.69 39.37
CA PRO F 116 -6.67 -32.65 38.25
C PRO F 116 -7.74 -33.72 38.24
N THR F 117 -8.21 -34.10 39.43
CA THR F 117 -9.29 -35.08 39.60
C THR F 117 -10.51 -34.71 38.77
N ARG F 118 -10.83 -33.41 38.68
CA ARG F 118 -12.09 -33.00 38.08
C ARG F 118 -12.03 -32.78 36.58
N VAL F 119 -10.85 -32.77 35.98
CA VAL F 119 -10.72 -32.49 34.55
C VAL F 119 -10.25 -33.77 33.85
N ARG F 120 -11.09 -34.28 32.95
CA ARG F 120 -10.68 -35.37 32.09
C ARG F 120 -9.67 -34.90 31.06
N ASN F 121 -9.84 -33.68 30.56
CA ASN F 121 -9.00 -33.08 29.55
C ASN F 121 -9.37 -31.62 29.42
N ALA F 122 -8.37 -30.77 29.18
CA ALA F 122 -8.53 -29.33 29.20
C ALA F 122 -8.28 -28.74 27.81
N LEU F 123 -9.05 -27.70 27.47
CA LEU F 123 -8.88 -26.96 26.22
C LEU F 123 -8.82 -25.48 26.53
N ALA F 124 -7.64 -24.89 26.36
CA ALA F 124 -7.40 -23.48 26.62
C ALA F 124 -7.21 -22.74 25.30
N HIS F 125 -7.70 -21.50 25.24
CA HIS F 125 -7.65 -20.69 24.04
C HIS F 125 -7.32 -19.24 24.42
N GLU F 126 -6.19 -18.75 23.91
CA GLU F 126 -5.79 -17.35 24.10
C GLU F 126 -5.85 -16.94 25.58
N VAL F 127 -4.86 -17.44 26.32
CA VAL F 127 -4.77 -17.15 27.75
C VAL F 127 -3.93 -15.90 27.93
N PRO F 128 -4.46 -14.87 28.60
CA PRO F 128 -3.64 -13.68 28.91
C PRO F 128 -2.68 -13.98 30.06
N THR F 129 -1.39 -13.84 29.79
CA THR F 129 -0.31 -13.99 30.76
C THR F 129 0.17 -12.64 31.30
N TYR F 130 -0.06 -11.57 30.57
CA TYR F 130 0.44 -10.23 30.87
C TYR F 130 -0.67 -9.22 30.64
N LEU F 131 -0.44 -7.98 31.06
CA LEU F 131 -1.39 -6.91 30.81
C LEU F 131 -1.12 -6.36 29.42
N MET F 132 -2.14 -6.34 28.58
CA MET F 132 -1.99 -5.98 27.19
C MET F 132 -2.19 -4.47 27.03
N GLU F 133 -1.37 -3.85 26.18
CA GLU F 133 -1.30 -2.40 26.06
C GLU F 133 -2.66 -1.76 25.80
N ASP F 134 -3.41 -2.28 24.82
CA ASP F 134 -4.64 -1.61 24.44
C ASP F 134 -5.75 -1.74 25.49
N LEU F 135 -5.48 -2.44 26.59
CA LEU F 135 -6.39 -2.59 27.71
C LEU F 135 -6.20 -1.50 28.77
N LYS F 136 -5.01 -0.92 28.87
CA LYS F 136 -4.70 0.06 29.91
C LYS F 136 -5.68 1.23 29.99
N PRO F 137 -6.10 1.87 28.89
CA PRO F 137 -7.14 2.92 29.00
C PRO F 137 -8.42 2.45 29.68
N LEU F 138 -8.80 1.18 29.48
CA LEU F 138 -10.04 0.61 30.01
C LEU F 138 -10.03 0.41 31.53
N LEU F 139 -8.86 0.44 32.17
CA LEU F 139 -8.77 -0.12 33.51
C LEU F 139 -9.51 0.68 34.59
N GLU F 140 -8.95 1.81 35.01
CA GLU F 140 -9.58 2.53 36.12
C GLU F 140 -10.38 3.73 35.65
N MET F 141 -11.06 3.59 34.52
CA MET F 141 -11.99 4.62 34.09
C MET F 141 -13.29 4.51 34.88
N ASP F 142 -13.79 5.66 35.33
CA ASP F 142 -14.90 5.70 36.28
C ASP F 142 -16.28 5.90 35.64
N ASP F 143 -16.36 6.65 34.55
CA ASP F 143 -17.61 6.85 33.81
C ASP F 143 -17.96 5.56 33.11
N GLU F 144 -18.97 4.86 33.62
CA GLU F 144 -19.24 3.50 33.14
C GLU F 144 -19.86 3.49 31.75
N ALA F 145 -20.45 4.58 31.28
CA ALA F 145 -20.89 4.61 29.89
C ALA F 145 -19.70 4.81 28.97
N VAL F 146 -18.73 5.63 29.38
CA VAL F 146 -17.48 5.73 28.64
C VAL F 146 -16.72 4.42 28.69
N SER F 147 -16.68 3.77 29.85
CA SER F 147 -16.01 2.48 29.98
C SER F 147 -16.62 1.44 29.07
N ALA F 148 -17.96 1.38 29.01
CA ALA F 148 -18.61 0.40 28.16
C ALA F 148 -18.29 0.66 26.69
N ALA F 149 -18.39 1.91 26.27
CA ALA F 149 -18.11 2.25 24.87
C ALA F 149 -16.69 1.87 24.48
N MET F 150 -15.71 2.23 25.32
CA MET F 150 -14.30 2.00 24.99
C MET F 150 -13.95 0.52 25.03
N SER F 151 -14.42 -0.20 26.06
CA SER F 151 -14.16 -1.65 26.16
C SER F 151 -14.85 -2.42 25.04
N SER F 152 -16.07 -2.04 24.68
CA SER F 152 -16.77 -2.77 23.62
C SER F 152 -16.04 -2.63 22.30
N ASN F 153 -15.24 -1.59 22.14
CA ASN F 153 -14.52 -1.37 20.89
C ASN F 153 -13.16 -2.04 20.90
N VAL F 154 -12.64 -2.41 22.07
CA VAL F 154 -11.42 -3.17 22.11
C VAL F 154 -11.76 -4.64 22.08
N VAL F 155 -12.96 -4.98 22.54
CA VAL F 155 -13.35 -6.38 22.57
C VAL F 155 -13.82 -6.79 21.19
N VAL F 156 -14.47 -5.87 20.47
CA VAL F 156 -14.95 -6.16 19.12
C VAL F 156 -13.81 -6.14 18.10
N GLY F 157 -12.74 -5.43 18.40
CA GLY F 157 -11.53 -5.55 17.61
C GLY F 157 -10.90 -6.93 17.70
N SER F 158 -11.23 -7.69 18.75
CA SER F 158 -10.71 -9.02 18.93
C SER F 158 -11.57 -10.08 18.27
N VAL F 159 -12.77 -9.71 17.86
CA VAL F 159 -13.66 -10.63 17.17
C VAL F 159 -13.19 -10.74 15.72
N GLY F 160 -13.35 -11.92 15.14
CA GLY F 160 -12.79 -12.12 13.81
C GLY F 160 -13.71 -11.73 12.67
N ASP F 161 -15.02 -11.81 12.88
CA ASP F 161 -16.01 -11.60 11.84
C ASP F 161 -16.57 -10.18 11.89
N ILE F 162 -16.84 -9.62 10.70
CA ILE F 162 -17.54 -8.33 10.62
C ILE F 162 -18.76 -8.49 9.72
N GLU F 163 -19.25 -9.72 9.61
CA GLU F 163 -20.36 -10.04 8.71
C GLU F 163 -21.66 -10.33 9.44
N GLY F 164 -21.62 -10.63 10.75
CA GLY F 164 -22.86 -10.79 11.46
C GLY F 164 -22.86 -11.74 12.63
N SER F 165 -21.78 -12.52 12.80
CA SER F 165 -21.78 -13.49 13.90
C SER F 165 -21.79 -12.81 15.26
N TRP F 166 -21.22 -11.60 15.36
CA TRP F 166 -21.27 -10.86 16.61
C TRP F 166 -22.66 -10.29 16.83
N GLN F 167 -23.33 -9.85 15.76
CA GLN F 167 -24.67 -9.27 15.85
C GLN F 167 -25.72 -10.34 16.07
N GLU F 168 -25.50 -11.60 15.55
CA GLU F 168 -26.43 -12.73 15.75
C GLU F 168 -26.43 -13.22 17.10
N LEU F 169 -25.69 -12.62 18.02
CA LEU F 169 -25.88 -12.99 19.40
C LEU F 169 -27.19 -12.50 19.97
N GLY F 170 -27.83 -11.52 19.32
CA GLY F 170 -29.12 -11.02 19.76
C GLY F 170 -28.99 -9.66 20.41
N GLU F 171 -30.13 -8.97 20.53
CA GLU F 171 -30.13 -7.67 21.21
C GLU F 171 -30.18 -7.83 22.72
N GLU F 172 -30.84 -8.87 23.21
CA GLU F 172 -30.83 -9.18 24.64
C GLU F 172 -29.41 -9.46 25.14
N ALA F 173 -28.64 -10.24 24.37
CA ALA F 173 -27.27 -10.54 24.78
C ALA F 173 -26.41 -9.29 24.80
N HIS F 174 -26.59 -8.39 23.82
CA HIS F 174 -25.79 -7.17 23.78
C HIS F 174 -26.21 -6.18 24.86
N ALA F 175 -27.47 -6.20 25.29
CA ALA F 175 -27.85 -5.41 26.45
C ALA F 175 -27.22 -5.97 27.72
N ARG F 176 -27.25 -7.29 27.89
CA ARG F 176 -26.54 -7.91 29.02
C ARG F 176 -25.05 -7.61 28.94
N LEU F 177 -24.50 -7.63 27.71
CA LEU F 177 -23.08 -7.36 27.53
C LEU F 177 -22.74 -5.92 27.87
N TRP F 178 -23.64 -4.98 27.56
CA TRP F 178 -23.37 -3.58 27.84
C TRP F 178 -23.19 -3.33 29.33
N LYS F 179 -24.02 -3.97 30.17
CA LYS F 179 -23.82 -3.83 31.60
C LYS F 179 -22.58 -4.58 32.05
N ASN F 180 -22.19 -5.63 31.33
CA ASN F 180 -21.05 -6.43 31.74
C ASN F 180 -19.72 -5.74 31.45
N TYR F 181 -19.63 -4.98 30.35
CA TYR F 181 -18.36 -4.40 29.94
C TYR F 181 -17.62 -3.65 31.04
N PRO F 182 -18.21 -2.66 31.72
CA PRO F 182 -17.42 -1.93 32.73
C PRO F 182 -17.05 -2.81 33.92
N ARG F 183 -17.93 -3.73 34.32
CA ARG F 183 -17.64 -4.57 35.47
C ARG F 183 -16.48 -5.51 35.18
N TRP F 184 -16.39 -6.02 33.95
CA TRP F 184 -15.24 -6.83 33.55
C TRP F 184 -13.96 -5.99 33.55
N ALA F 185 -14.02 -4.77 33.03
CA ALA F 185 -12.83 -3.93 32.90
C ALA F 185 -12.19 -3.64 34.26
N ARG F 186 -13.01 -3.38 35.28
CA ARG F 186 -12.46 -3.04 36.58
C ARG F 186 -12.14 -4.27 37.42
N GLY F 187 -12.58 -5.45 37.00
CA GLY F 187 -12.41 -6.63 37.80
C GLY F 187 -11.45 -7.68 37.27
N TYR F 188 -11.24 -7.71 35.95
CA TYR F 188 -10.49 -8.84 35.40
C TYR F 188 -9.08 -8.47 34.95
N PRO F 189 -8.89 -7.52 34.03
CA PRO F 189 -7.58 -7.41 33.36
C PRO F 189 -6.42 -7.02 34.28
N GLY F 190 -6.68 -6.23 35.32
CA GLY F 190 -5.62 -5.90 36.24
C GLY F 190 -5.32 -6.95 37.28
N TYR F 191 -6.02 -8.08 37.22
CA TYR F 191 -5.98 -9.09 38.28
C TYR F 191 -5.85 -10.52 37.78
N ILE F 192 -6.37 -10.86 36.61
CA ILE F 192 -6.40 -12.25 36.14
C ILE F 192 -5.09 -12.71 35.50
N PRO F 193 -4.37 -11.92 34.68
CA PRO F 193 -3.24 -12.53 33.94
C PRO F 193 -2.08 -12.98 34.81
N GLN F 194 -1.77 -12.22 35.87
CA GLN F 194 -0.64 -12.52 36.73
C GLN F 194 -0.79 -13.87 37.44
N SER F 195 -2.03 -14.31 37.64
CA SER F 195 -2.35 -15.49 38.43
C SER F 195 -2.39 -16.78 37.63
N THR F 196 -2.29 -16.74 36.31
CA THR F 196 -2.55 -17.95 35.54
C THR F 196 -1.44 -18.97 35.77
N PRO F 197 -1.75 -20.17 36.27
CA PRO F 197 -0.70 -21.16 36.56
C PRO F 197 -0.11 -21.75 35.30
N VAL F 198 0.87 -21.06 34.76
CA VAL F 198 1.55 -21.57 33.60
C VAL F 198 2.83 -22.30 34.01
N SER F 199 2.90 -22.73 35.25
CA SER F 199 4.03 -23.51 35.67
C SER F 199 4.02 -24.85 34.97
N LYS F 200 5.22 -25.23 34.60
CA LYS F 200 5.60 -26.33 33.79
C LYS F 200 5.07 -27.63 34.41
N GLU F 201 5.18 -27.64 35.72
CA GLU F 201 4.77 -28.71 36.64
C GLU F 201 3.29 -28.76 36.91
N ASP F 202 2.57 -27.63 36.80
CA ASP F 202 1.13 -27.63 37.01
C ASP F 202 0.38 -28.07 35.76
N LEU F 203 0.98 -27.86 34.59
CA LEU F 203 0.33 -28.16 33.32
C LEU F 203 0.35 -29.63 32.99
N ILE F 204 1.15 -30.44 33.68
CA ILE F 204 1.28 -31.86 33.37
C ILE F 204 0.33 -32.70 34.21
N LYS F 205 -0.32 -32.10 35.20
CA LYS F 205 -1.18 -32.88 36.09
C LYS F 205 -2.50 -33.29 35.44
N ALA F 206 -2.72 -32.99 34.17
CA ALA F 206 -3.95 -33.36 33.47
C ALA F 206 -3.80 -33.07 31.99
N PRO F 207 -4.59 -33.72 31.14
CA PRO F 207 -4.49 -33.48 29.69
C PRO F 207 -4.91 -32.07 29.30
N LEU F 208 -4.15 -31.48 28.40
CA LEU F 208 -4.40 -30.10 28.00
C LEU F 208 -4.02 -29.94 26.53
N ASP F 209 -4.92 -29.36 25.74
CA ASP F 209 -4.65 -28.97 24.36
C ASP F 209 -4.91 -27.48 24.22
N TRP F 210 -4.05 -26.82 23.46
CA TRP F 210 -3.95 -25.37 23.49
C TRP F 210 -4.20 -24.80 22.10
N THR F 211 -4.88 -23.65 22.04
CA THR F 211 -5.26 -23.02 20.79
C THR F 211 -5.11 -21.51 20.87
N VAL F 212 -4.79 -20.92 19.71
CA VAL F 212 -4.80 -19.49 19.48
C VAL F 212 -5.51 -19.23 18.15
N GLY F 213 -6.18 -18.08 18.05
CA GLY F 213 -6.84 -17.73 16.81
C GLY F 213 -5.85 -17.58 15.68
N ALA F 214 -6.20 -18.15 14.51
CA ALA F 214 -5.29 -18.16 13.37
C ALA F 214 -4.97 -16.76 12.87
N SER F 215 -5.87 -15.80 13.08
CA SER F 215 -5.72 -14.46 12.53
C SER F 215 -5.34 -13.40 13.57
N THR F 216 -5.18 -13.77 14.83
CA THR F 216 -4.72 -12.78 15.79
C THR F 216 -3.23 -12.53 15.56
N PRO F 217 -2.78 -11.29 15.78
CA PRO F 217 -1.36 -10.98 15.62
C PRO F 217 -0.51 -11.90 16.48
N THR F 218 0.55 -12.47 15.89
CA THR F 218 1.29 -13.50 16.61
C THR F 218 1.81 -13.00 17.95
N ALA F 219 2.17 -11.72 18.04
CA ALA F 219 2.82 -11.23 19.24
C ALA F 219 1.91 -11.25 20.45
N ARG F 220 0.59 -11.20 20.26
CA ARG F 220 -0.33 -11.03 21.38
C ARG F 220 -0.34 -12.27 22.29
N PHE F 221 -0.41 -13.47 21.72
CA PHE F 221 -0.39 -14.68 22.52
C PHE F 221 0.80 -15.56 22.17
N LEU F 222 1.92 -14.94 21.79
CA LEU F 222 3.12 -15.71 21.48
C LEU F 222 3.56 -16.55 22.68
N ASP F 223 3.50 -15.97 23.88
CA ASP F 223 3.87 -16.69 25.09
C ASP F 223 3.10 -17.99 25.21
N ASN F 224 1.84 -18.01 24.75
CA ASN F 224 1.06 -19.24 24.76
C ASN F 224 1.74 -20.30 23.91
N ILE F 225 2.27 -19.91 22.75
CA ILE F 225 2.85 -20.89 21.84
C ILE F 225 4.13 -21.49 22.40
N VAL F 226 5.04 -20.65 22.93
CA VAL F 226 6.29 -21.17 23.48
C VAL F 226 6.01 -22.01 24.72
N THR F 227 5.15 -21.50 25.60
CA THR F 227 4.71 -22.25 26.78
C THR F 227 4.17 -23.62 26.38
N ALA F 228 3.28 -23.68 25.39
CA ALA F 228 2.73 -24.96 24.98
C ALA F 228 3.77 -25.82 24.28
N THR F 229 4.69 -25.21 23.52
CA THR F 229 5.67 -25.99 22.78
C THR F 229 6.74 -26.57 23.69
N LYS F 230 7.10 -25.86 24.75
CA LYS F 230 8.18 -26.41 25.57
C LYS F 230 7.82 -27.69 26.37
N HIS F 231 6.55 -28.18 26.44
CA HIS F 231 6.17 -29.39 27.20
C HIS F 231 5.27 -30.29 26.43
N ASN F 232 5.33 -30.21 25.14
CA ASN F 232 4.47 -31.06 24.36
C ASN F 232 3.02 -30.90 24.80
N ILE F 233 2.64 -29.66 25.12
CA ILE F 233 1.23 -29.35 25.22
C ILE F 233 0.80 -29.24 23.77
N PRO F 234 -0.13 -30.08 23.32
CA PRO F 234 -0.53 -30.04 21.91
C PRO F 234 -1.06 -28.66 21.55
N PHE F 235 -0.56 -28.13 20.43
CA PHE F 235 -0.91 -26.79 20.01
C PHE F 235 -1.38 -26.78 18.56
N GLN F 236 -2.27 -25.84 18.27
CA GLN F 236 -3.01 -25.75 17.01
C GLN F 236 -3.67 -24.36 16.97
N THR F 237 -3.97 -23.89 15.77
CA THR F 237 -4.73 -22.66 15.54
C THR F 237 -6.16 -22.98 15.12
N LEU F 238 -7.11 -22.19 15.59
CA LEU F 238 -8.48 -22.22 15.06
C LEU F 238 -8.78 -20.98 14.21
N PRO F 239 -9.77 -21.05 13.32
CA PRO F 239 -10.13 -19.86 12.52
C PRO F 239 -10.56 -18.72 13.41
N GLY F 240 -10.56 -17.51 12.84
CA GLY F 240 -10.98 -16.37 13.62
C GLY F 240 -9.91 -15.91 14.59
N MET F 241 -10.35 -15.13 15.59
CA MET F 241 -9.43 -14.60 16.57
C MET F 241 -9.85 -15.01 17.97
N HIS F 242 -10.48 -14.12 18.73
CA HIS F 242 -10.69 -14.28 20.15
C HIS F 242 -11.96 -15.05 20.50
N PHE F 243 -12.98 -15.03 19.63
CA PHE F 243 -14.26 -15.65 19.94
C PHE F 243 -14.61 -16.65 18.85
N PRO F 244 -13.86 -17.75 18.75
CA PRO F 244 -14.15 -18.74 17.70
C PRO F 244 -15.49 -19.42 17.87
N TYR F 245 -16.03 -19.47 19.08
CA TYR F 245 -17.36 -20.05 19.27
C TYR F 245 -18.45 -19.12 18.77
N VAL F 246 -18.12 -17.86 18.48
CA VAL F 246 -19.06 -16.92 17.89
C VAL F 246 -18.85 -16.78 16.39
N THR F 247 -17.59 -16.72 15.95
CA THR F 247 -17.29 -16.46 14.55
C THR F 247 -17.27 -17.72 13.68
N HIS F 248 -16.94 -18.88 14.27
CA HIS F 248 -16.80 -20.13 13.52
C HIS F 248 -17.41 -21.27 14.32
N PRO F 249 -18.74 -21.28 14.47
CA PRO F 249 -19.36 -22.23 15.41
C PRO F 249 -19.16 -23.68 15.01
N GLU F 250 -19.19 -23.97 13.70
CA GLU F 250 -19.08 -25.36 13.27
C GLU F 250 -17.67 -25.88 13.52
N VAL F 251 -16.66 -25.12 13.10
CA VAL F 251 -15.28 -25.56 13.26
C VAL F 251 -14.93 -25.64 14.74
N PHE F 252 -15.44 -24.71 15.54
CA PHE F 252 -15.25 -24.78 16.98
C PHE F 252 -15.87 -26.04 17.57
N ALA F 253 -17.10 -26.36 17.17
CA ALA F 253 -17.77 -27.55 17.69
C ALA F 253 -16.98 -28.81 17.34
N GLU F 254 -16.55 -28.94 16.08
CA GLU F 254 -15.79 -30.11 15.68
C GLU F 254 -14.51 -30.25 16.50
N TYR F 255 -13.80 -29.14 16.75
CA TYR F 255 -12.56 -29.19 17.55
C TYR F 255 -12.83 -29.71 18.95
N VAL F 256 -13.89 -29.20 19.59
CA VAL F 256 -14.23 -29.64 20.93
C VAL F 256 -14.57 -31.13 20.95
N VAL F 257 -15.43 -31.57 20.02
CA VAL F 257 -15.85 -32.97 20.06
C VAL F 257 -14.69 -33.88 19.66
N GLU F 258 -13.86 -33.44 18.71
CA GLU F 258 -12.64 -34.19 18.39
C GLU F 258 -11.79 -34.38 19.65
N LYS F 259 -11.52 -33.27 20.33
CA LYS F 259 -10.64 -33.31 21.47
C LYS F 259 -11.30 -33.99 22.67
N THR F 260 -12.64 -33.88 22.77
CA THR F 260 -13.32 -34.57 23.86
C THR F 260 -13.23 -36.07 23.70
N ARG F 261 -13.45 -36.56 22.47
CA ARG F 261 -13.35 -37.99 22.19
C ARG F 261 -11.92 -38.51 22.27
N LYS F 262 -10.93 -37.63 22.11
CA LYS F 262 -9.56 -38.12 22.08
C LYS F 262 -9.13 -38.74 23.40
N TYR F 263 -9.80 -38.39 24.50
CA TYR F 263 -9.45 -38.91 25.82
C TYR F 263 -10.51 -39.81 26.42
N LEU F 264 -11.47 -40.27 25.61
CA LEU F 264 -12.49 -41.18 26.14
C LEU F 264 -12.07 -42.61 25.94
#